data_8V9U
#
_entry.id   8V9U
#
_entity_poly.entity_id   1
_entity_poly.type   'polypeptide(L)'
_entity_poly.pdbx_seq_one_letter_code
;GHMPAISLPDDVRRRLKDLERDSLTEKECVKEKLNLLHEFLQTEIKNQLCDLETKLRKEELSEEGYLAKVKSLLNKDLSL
E
;
_entity_poly.pdbx_strand_id   A
#
# COMPACT_ATOMS: atom_id res chain seq x y z
N GLY A 1 12.12 -12.44 11.79
CA GLY A 1 12.40 -13.47 10.74
C GLY A 1 13.78 -14.11 10.88
N HIS A 2 13.72 -15.42 11.23
CA HIS A 2 14.93 -16.22 11.39
C HIS A 2 15.61 -16.30 10.03
N MET A 3 14.81 -16.63 9.00
CA MET A 3 15.32 -16.69 7.63
C MET A 3 14.19 -16.37 6.63
N PRO A 4 13.83 -15.10 6.44
CA PRO A 4 12.74 -14.71 5.48
C PRO A 4 13.14 -14.95 4.04
N ALA A 5 12.15 -15.16 3.19
CA ALA A 5 12.40 -15.40 1.77
C ALA A 5 11.12 -15.12 0.96
N ILE A 6 10.33 -14.17 1.45
CA ILE A 6 9.09 -13.79 0.79
C ILE A 6 9.22 -12.37 0.24
N SER A 7 8.88 -12.22 -1.03
CA SER A 7 8.94 -10.94 -1.70
C SER A 7 8.00 -10.96 -2.89
N LEU A 8 7.61 -9.77 -3.36
CA LEU A 8 6.67 -9.67 -4.48
C LEU A 8 7.04 -10.60 -5.64
N PRO A 9 6.07 -11.32 -6.24
CA PRO A 9 6.36 -12.23 -7.40
C PRO A 9 6.94 -11.47 -8.58
N ASP A 10 7.78 -12.16 -9.35
CA ASP A 10 8.42 -11.54 -10.52
C ASP A 10 7.38 -11.13 -11.57
N ASP A 11 6.31 -11.92 -11.72
CA ASP A 11 5.27 -11.58 -12.70
C ASP A 11 4.56 -10.29 -12.29
N VAL A 12 4.30 -10.13 -10.99
CA VAL A 12 3.63 -8.93 -10.49
C VAL A 12 4.54 -7.72 -10.73
N ARG A 13 5.78 -7.85 -10.27
CA ARG A 13 6.77 -6.78 -10.37
C ARG A 13 6.88 -6.25 -11.81
N ARG A 14 6.87 -7.15 -12.80
CA ARG A 14 6.97 -6.73 -14.21
C ARG A 14 5.82 -5.79 -14.58
N ARG A 15 4.63 -6.06 -14.03
CA ARG A 15 3.46 -5.24 -14.32
C ARG A 15 3.67 -3.79 -13.87
N LEU A 16 4.28 -3.62 -12.69
CA LEU A 16 4.54 -2.29 -12.14
C LEU A 16 5.46 -1.51 -13.07
N LYS A 17 6.47 -2.20 -13.62
CA LYS A 17 7.42 -1.58 -14.53
C LYS A 17 6.69 -1.03 -15.76
N ASP A 18 5.73 -1.81 -16.27
CA ASP A 18 4.93 -1.38 -17.42
C ASP A 18 4.07 -0.18 -17.03
N LEU A 19 3.52 -0.23 -15.81
CA LEU A 19 2.67 0.85 -15.29
C LEU A 19 3.48 2.15 -15.21
N GLU A 20 4.74 2.02 -14.79
CA GLU A 20 5.63 3.17 -14.65
C GLU A 20 5.74 3.93 -15.97
N ARG A 21 5.67 3.22 -17.10
CA ARG A 21 5.72 3.83 -18.42
C ARG A 21 4.42 4.60 -18.69
N ASP A 22 3.31 3.96 -18.36
CA ASP A 22 1.99 4.57 -18.56
C ASP A 22 1.84 5.85 -17.73
N SER A 23 2.75 6.04 -16.75
CA SER A 23 2.75 7.22 -15.88
C SER A 23 1.62 7.12 -14.86
N LEU A 24 1.94 6.57 -13.70
CA LEU A 24 0.99 6.45 -12.62
C LEU A 24 0.84 7.82 -11.95
N THR A 25 0.29 7.84 -10.75
CA THR A 25 0.12 9.05 -9.98
C THR A 25 0.12 8.72 -8.49
N GLU A 26 0.22 9.74 -7.66
CA GLU A 26 0.25 9.52 -6.21
C GLU A 26 -1.01 8.77 -5.76
N LYS A 27 -2.18 9.35 -6.08
CA LYS A 27 -3.46 8.74 -5.71
C LYS A 27 -3.65 7.39 -6.41
N GLU A 28 -3.26 7.34 -7.68
CA GLU A 28 -3.37 6.13 -8.49
C GLU A 28 -2.45 5.01 -7.99
N CYS A 29 -1.29 5.43 -7.46
CA CYS A 29 -0.30 4.49 -6.94
C CYS A 29 -0.83 3.76 -5.72
N VAL A 30 -1.50 4.50 -4.83
CA VAL A 30 -2.04 3.92 -3.61
C VAL A 30 -3.11 2.88 -3.95
N LYS A 31 -4.02 3.22 -4.87
CA LYS A 31 -5.09 2.29 -5.25
C LYS A 31 -4.52 1.00 -5.86
N GLU A 32 -3.55 1.13 -6.77
CA GLU A 32 -2.93 -0.05 -7.40
C GLU A 32 -2.04 -0.81 -6.42
N LYS A 33 -1.22 -0.06 -5.68
CA LYS A 33 -0.29 -0.64 -4.72
C LYS A 33 -1.04 -1.39 -3.61
N LEU A 34 -2.15 -0.82 -3.16
CA LEU A 34 -2.93 -1.47 -2.08
C LEU A 34 -3.45 -2.84 -2.50
N ASN A 35 -4.14 -2.89 -3.64
CA ASN A 35 -4.72 -4.15 -4.12
C ASN A 35 -3.65 -5.19 -4.43
N LEU A 36 -2.55 -4.77 -5.06
CA LEU A 36 -1.47 -5.71 -5.39
C LEU A 36 -0.89 -6.30 -4.11
N LEU A 37 -0.43 -5.42 -3.21
CA LEU A 37 0.17 -5.85 -1.95
C LEU A 37 -0.82 -6.67 -1.11
N HIS A 38 -2.10 -6.32 -1.21
CA HIS A 38 -3.15 -7.00 -0.46
C HIS A 38 -3.09 -8.52 -0.70
N GLU A 39 -2.84 -8.91 -1.95
CA GLU A 39 -2.74 -10.32 -2.33
C GLU A 39 -1.71 -11.06 -1.45
N PHE A 40 -0.76 -10.30 -0.87
CA PHE A 40 0.26 -10.86 0.01
C PHE A 40 0.12 -10.30 1.45
N LEU A 41 -0.71 -9.26 1.62
CA LEU A 41 -0.92 -8.68 2.95
C LEU A 41 -2.26 -9.11 3.50
N GLN A 42 -2.27 -9.53 4.77
CA GLN A 42 -3.49 -9.98 5.43
C GLN A 42 -4.49 -8.84 5.49
N THR A 43 -5.78 -9.17 5.60
CA THR A 43 -6.83 -8.16 5.68
C THR A 43 -6.65 -7.27 6.91
N GLU A 44 -5.96 -7.79 7.95
CA GLU A 44 -5.73 -7.00 9.16
C GLU A 44 -5.01 -5.69 8.81
N ILE A 45 -4.34 -5.68 7.65
CA ILE A 45 -3.64 -4.48 7.18
C ILE A 45 -4.67 -3.48 6.65
N LYS A 46 -5.60 -3.98 5.83
CA LYS A 46 -6.67 -3.17 5.28
C LYS A 46 -7.51 -2.61 6.42
N ASN A 47 -7.62 -3.39 7.51
CA ASN A 47 -8.37 -2.97 8.68
C ASN A 47 -7.77 -1.68 9.22
N GLN A 48 -6.43 -1.63 9.35
CA GLN A 48 -5.76 -0.43 9.85
C GLN A 48 -6.14 0.77 8.97
N LEU A 49 -6.16 0.53 7.65
CA LEU A 49 -6.52 1.57 6.69
C LEU A 49 -7.96 2.02 6.88
N CYS A 50 -8.85 1.07 7.21
CA CYS A 50 -10.27 1.39 7.39
C CYS A 50 -10.49 2.45 8.45
N ASP A 51 -9.72 2.37 9.55
CA ASP A 51 -9.86 3.33 10.64
C ASP A 51 -9.50 4.74 10.16
N LEU A 52 -8.48 4.83 9.31
CA LEU A 52 -8.05 6.12 8.77
C LEU A 52 -9.18 6.75 7.95
N GLU A 53 -9.87 5.91 7.18
CA GLU A 53 -11.00 6.37 6.35
C GLU A 53 -12.04 7.07 7.23
N THR A 54 -12.22 6.58 8.46
CA THR A 54 -13.15 7.16 9.41
C THR A 54 -12.75 8.62 9.70
N LYS A 55 -11.44 8.85 9.82
CA LYS A 55 -10.93 10.20 10.08
C LYS A 55 -11.27 11.11 8.89
N LEU A 56 -11.14 10.56 7.67
CA LEU A 56 -11.46 11.32 6.45
C LEU A 56 -12.93 11.68 6.41
N ARG A 57 -13.74 10.80 7.00
CA ARG A 57 -15.18 10.99 7.06
C ARG A 57 -15.57 11.93 8.20
N LYS A 58 -14.72 12.05 9.24
CA LYS A 58 -15.00 12.97 10.35
C LYS A 58 -14.22 14.29 10.12
N GLU A 59 -13.49 14.39 8.99
CA GLU A 59 -12.70 15.57 8.66
C GLU A 59 -11.67 15.87 9.77
N GLU A 60 -11.14 14.80 10.36
CA GLU A 60 -10.13 14.91 11.43
C GLU A 60 -8.71 14.75 10.86
N LEU A 61 -8.61 14.03 9.73
CA LEU A 61 -7.32 13.79 9.09
C LEU A 61 -7.25 14.57 7.78
N SER A 62 -6.07 15.08 7.47
CA SER A 62 -5.84 15.84 6.25
C SER A 62 -5.84 14.90 5.05
N GLU A 63 -6.19 15.42 3.87
CA GLU A 63 -6.20 14.59 2.66
C GLU A 63 -4.79 14.05 2.43
N GLU A 64 -3.80 14.95 2.51
CA GLU A 64 -2.40 14.55 2.35
C GLU A 64 -1.95 13.68 3.52
N GLY A 65 -2.68 13.77 4.65
CA GLY A 65 -2.37 12.99 5.83
C GLY A 65 -2.55 11.51 5.52
N TYR A 66 -3.71 11.18 4.98
CA TYR A 66 -4.04 9.81 4.59
C TYR A 66 -3.09 9.33 3.48
N LEU A 67 -2.90 10.21 2.50
CA LEU A 67 -2.01 9.90 1.36
C LEU A 67 -0.57 9.65 1.81
N ALA A 68 -0.10 10.45 2.76
CA ALA A 68 1.28 10.32 3.27
C ALA A 68 1.39 9.24 4.34
N LYS A 69 0.36 9.09 5.16
CA LYS A 69 0.34 8.08 6.22
C LYS A 69 0.26 6.67 5.61
N VAL A 70 -0.60 6.54 4.60
CA VAL A 70 -0.80 5.25 3.93
C VAL A 70 0.53 4.73 3.36
N LYS A 71 1.25 5.58 2.64
CA LYS A 71 2.51 5.16 2.02
C LYS A 71 3.44 4.54 3.06
N SER A 72 3.77 5.29 4.11
CA SER A 72 4.69 4.81 5.13
C SER A 72 4.29 3.42 5.66
N LEU A 73 3.02 3.22 6.00
CA LEU A 73 2.55 1.94 6.51
C LEU A 73 2.90 0.81 5.54
N LEU A 74 2.65 1.02 4.24
CA LEU A 74 2.92 -0.01 3.23
C LEU A 74 4.39 -0.45 3.31
N ASN A 75 5.29 0.52 3.38
CA ASN A 75 6.72 0.24 3.47
C ASN A 75 7.05 -0.46 4.79
N LYS A 76 6.41 0.00 5.87
CA LYS A 76 6.66 -0.57 7.21
C LYS A 76 6.29 -2.05 7.26
N ASP A 77 5.17 -2.40 6.63
CA ASP A 77 4.71 -3.80 6.62
C ASP A 77 5.73 -4.69 5.92
N LEU A 78 6.24 -4.22 4.77
CA LEU A 78 7.24 -4.99 4.01
C LEU A 78 8.57 -5.07 4.76
N SER A 79 8.91 -4.02 5.51
CA SER A 79 10.17 -4.00 6.26
C SER A 79 10.22 -5.10 7.31
N LEU A 80 9.04 -5.52 7.80
CA LEU A 80 8.95 -6.58 8.79
C LEU A 80 9.51 -7.88 8.21
N GLU A 81 9.15 -8.16 6.94
CA GLU A 81 9.60 -9.37 6.25
C GLU A 81 9.16 -10.62 7.03
N GLY A 1 17.17 -21.25 0.37
CA GLY A 1 18.16 -20.31 1.00
C GLY A 1 17.59 -19.72 2.29
N HIS A 2 17.57 -18.38 2.33
CA HIS A 2 17.08 -17.58 3.44
C HIS A 2 16.03 -16.64 2.86
N MET A 3 15.06 -16.25 3.68
CA MET A 3 14.00 -15.37 3.23
C MET A 3 13.25 -16.01 2.03
N PRO A 4 12.23 -16.85 2.26
CA PRO A 4 11.45 -17.50 1.15
C PRO A 4 10.94 -16.50 0.12
N ALA A 5 10.60 -15.33 0.61
CA ALA A 5 10.10 -14.25 -0.24
C ALA A 5 11.18 -13.18 -0.40
N ILE A 6 11.97 -13.33 -1.46
CA ILE A 6 13.06 -12.39 -1.77
C ILE A 6 12.47 -11.04 -2.16
N SER A 7 11.46 -11.07 -3.02
CA SER A 7 10.80 -9.86 -3.50
C SER A 7 9.43 -10.21 -4.05
N LEU A 8 8.56 -9.20 -4.21
CA LEU A 8 7.21 -9.43 -4.70
C LEU A 8 7.17 -10.38 -5.91
N PRO A 9 6.00 -10.94 -6.24
CA PRO A 9 5.86 -11.87 -7.42
C PRO A 9 6.33 -11.22 -8.71
N ASP A 10 6.84 -12.06 -9.63
CA ASP A 10 7.34 -11.57 -10.91
C ASP A 10 6.25 -10.88 -11.72
N ASP A 11 5.04 -11.45 -11.76
CA ASP A 11 3.95 -10.82 -12.52
C ASP A 11 3.57 -9.47 -11.91
N VAL A 12 3.61 -9.37 -10.58
CA VAL A 12 3.29 -8.11 -9.89
C VAL A 12 4.37 -7.09 -10.21
N ARG A 13 5.61 -7.43 -9.85
CA ARG A 13 6.75 -6.53 -10.04
C ARG A 13 6.83 -5.99 -11.47
N ARG A 14 6.69 -6.87 -12.46
CA ARG A 14 6.78 -6.44 -13.87
C ARG A 14 5.72 -5.37 -14.17
N ARG A 15 4.53 -5.57 -13.61
CA ARG A 15 3.43 -4.65 -13.81
C ARG A 15 3.79 -3.25 -13.28
N LEU A 16 4.44 -3.18 -12.12
CA LEU A 16 4.85 -1.91 -11.52
C LEU A 16 5.79 -1.16 -12.46
N LYS A 17 6.71 -1.90 -13.08
CA LYS A 17 7.66 -1.29 -14.02
C LYS A 17 6.91 -0.64 -15.17
N ASP A 18 5.86 -1.31 -15.66
CA ASP A 18 5.05 -0.78 -16.75
C ASP A 18 4.33 0.48 -16.28
N LEU A 19 3.84 0.45 -15.03
CA LEU A 19 3.14 1.60 -14.46
C LEU A 19 4.07 2.81 -14.37
N GLU A 20 5.32 2.54 -13.98
CA GLU A 20 6.32 3.58 -13.85
C GLU A 20 6.59 4.26 -15.20
N ARG A 21 6.65 3.45 -16.26
CA ARG A 21 6.87 3.99 -17.61
C ARG A 21 5.62 4.72 -18.08
N ASP A 22 4.47 4.10 -17.84
CA ASP A 22 3.18 4.67 -18.22
C ASP A 22 2.92 6.00 -17.51
N SER A 23 3.68 6.28 -16.44
CA SER A 23 3.53 7.51 -15.67
C SER A 23 2.24 7.49 -14.88
N LEU A 24 2.36 7.00 -13.65
CA LEU A 24 1.25 6.91 -12.73
C LEU A 24 1.19 8.23 -11.92
N THR A 25 0.66 8.17 -10.69
CA THR A 25 0.58 9.33 -9.81
C THR A 25 0.57 8.86 -8.36
N GLU A 26 0.75 9.78 -7.42
CA GLU A 26 0.74 9.42 -6.01
C GLU A 26 -0.62 8.85 -5.60
N LYS A 27 -1.68 9.51 -6.07
CA LYS A 27 -3.06 9.06 -5.77
C LYS A 27 -3.32 7.65 -6.31
N GLU A 28 -2.82 7.42 -7.53
CA GLU A 28 -2.98 6.12 -8.20
C GLU A 28 -2.01 5.09 -7.64
N CYS A 29 -0.85 5.56 -7.18
CA CYS A 29 0.18 4.69 -6.62
C CYS A 29 -0.32 4.00 -5.36
N VAL A 30 -0.91 4.79 -4.46
CA VAL A 30 -1.42 4.25 -3.20
C VAL A 30 -2.56 3.25 -3.47
N LYS A 31 -3.50 3.63 -4.35
CA LYS A 31 -4.64 2.76 -4.65
C LYS A 31 -4.19 1.43 -5.27
N GLU A 32 -3.26 1.51 -6.23
CA GLU A 32 -2.74 0.29 -6.89
C GLU A 32 -1.87 -0.52 -5.94
N LYS A 33 -0.95 0.16 -5.27
CA LYS A 33 -0.02 -0.49 -4.33
C LYS A 33 -0.79 -1.15 -3.19
N LEU A 34 -1.84 -0.48 -2.72
CA LEU A 34 -2.63 -1.01 -1.59
C LEU A 34 -3.22 -2.38 -1.90
N ASN A 35 -3.93 -2.49 -3.03
CA ASN A 35 -4.56 -3.75 -3.42
C ASN A 35 -3.54 -4.86 -3.68
N LEU A 36 -2.44 -4.50 -4.37
CA LEU A 36 -1.41 -5.49 -4.69
C LEU A 36 -0.83 -6.06 -3.40
N LEU A 37 -0.34 -5.18 -2.53
CA LEU A 37 0.25 -5.61 -1.25
C LEU A 37 -0.80 -6.32 -0.39
N HIS A 38 -2.05 -5.85 -0.46
CA HIS A 38 -3.14 -6.44 0.32
C HIS A 38 -3.21 -7.95 0.09
N GLU A 39 -3.07 -8.36 -1.18
CA GLU A 39 -3.11 -9.79 -1.53
C GLU A 39 -2.08 -10.61 -0.72
N PHE A 40 -1.08 -9.91 -0.14
CA PHE A 40 -0.05 -10.54 0.68
C PHE A 40 -0.12 -10.06 2.14
N LEU A 41 -0.90 -9.01 2.41
CA LEU A 41 -1.05 -8.48 3.77
C LEU A 41 -2.35 -8.97 4.38
N GLN A 42 -2.31 -9.33 5.66
CA GLN A 42 -3.51 -9.82 6.36
C GLN A 42 -4.63 -8.79 6.27
N THR A 43 -5.87 -9.27 6.39
CA THR A 43 -7.04 -8.38 6.31
C THR A 43 -7.02 -7.37 7.46
N GLU A 44 -6.46 -7.76 8.61
CA GLU A 44 -6.38 -6.85 9.77
C GLU A 44 -5.73 -5.52 9.36
N ILE A 45 -4.95 -5.54 8.26
CA ILE A 45 -4.31 -4.34 7.74
C ILE A 45 -5.38 -3.45 7.12
N LYS A 46 -6.28 -4.06 6.34
CA LYS A 46 -7.38 -3.31 5.72
C LYS A 46 -8.26 -2.72 6.84
N ASN A 47 -8.39 -3.49 7.93
CA ASN A 47 -9.18 -3.06 9.09
C ASN A 47 -8.60 -1.77 9.69
N GLN A 48 -7.28 -1.77 9.93
CA GLN A 48 -6.63 -0.59 10.51
C GLN A 48 -6.82 0.60 9.55
N LEU A 49 -6.66 0.34 8.26
CA LEU A 49 -6.81 1.37 7.24
C LEU A 49 -8.24 1.89 7.19
N CYS A 50 -9.20 0.98 7.36
CA CYS A 50 -10.62 1.34 7.32
C CYS A 50 -10.93 2.44 8.31
N ASP A 51 -10.34 2.38 9.50
CA ASP A 51 -10.58 3.41 10.52
C ASP A 51 -10.13 4.77 9.99
N LEU A 52 -8.99 4.79 9.31
CA LEU A 52 -8.48 6.03 8.74
C LEU A 52 -9.47 6.57 7.71
N GLU A 53 -10.04 5.67 6.91
CA GLU A 53 -11.02 6.07 5.89
C GLU A 53 -12.20 6.81 6.53
N THR A 54 -12.56 6.38 7.73
CA THR A 54 -13.67 7.00 8.47
C THR A 54 -13.37 8.47 8.68
N LYS A 55 -12.09 8.80 8.88
CA LYS A 55 -11.67 10.19 9.06
C LYS A 55 -11.90 10.97 7.76
N LEU A 56 -11.59 10.33 6.63
CA LEU A 56 -11.77 10.95 5.31
C LEU A 56 -13.25 11.26 5.07
N ARG A 57 -14.10 10.37 5.58
CA ARG A 57 -15.54 10.52 5.44
C ARG A 57 -16.05 11.66 6.30
N LYS A 58 -15.50 11.80 7.52
CA LYS A 58 -15.89 12.89 8.41
C LYS A 58 -15.07 14.16 8.10
N GLU A 59 -14.18 14.10 7.09
CA GLU A 59 -13.34 15.24 6.71
C GLU A 59 -12.53 15.76 7.92
N GLU A 60 -12.16 14.85 8.81
CA GLU A 60 -11.36 15.20 10.01
C GLU A 60 -9.86 15.03 9.74
N LEU A 61 -9.53 14.23 8.73
CA LEU A 61 -8.14 13.96 8.36
C LEU A 61 -7.82 14.63 7.03
N SER A 62 -6.59 15.16 6.92
CA SER A 62 -6.14 15.81 5.70
C SER A 62 -5.94 14.77 4.61
N GLU A 63 -6.15 15.17 3.34
CA GLU A 63 -5.96 14.24 2.24
C GLU A 63 -4.53 13.72 2.27
N GLU A 64 -3.57 14.64 2.43
CA GLU A 64 -2.16 14.27 2.52
C GLU A 64 -1.90 13.44 3.78
N GLY A 65 -2.78 13.59 4.77
CA GLY A 65 -2.64 12.84 6.03
C GLY A 65 -2.80 11.35 5.76
N TYR A 66 -3.93 10.99 5.17
CA TYR A 66 -4.22 9.60 4.82
C TYR A 66 -3.18 9.09 3.81
N LEU A 67 -2.90 9.93 2.82
CA LEU A 67 -1.92 9.59 1.77
C LEU A 67 -0.54 9.32 2.37
N ALA A 68 -0.16 10.13 3.37
CA ALA A 68 1.16 9.98 4.01
C ALA A 68 1.14 8.89 5.10
N LYS A 69 0.00 8.74 5.77
CA LYS A 69 -0.15 7.72 6.83
C LYS A 69 -0.16 6.31 6.23
N VAL A 70 -0.85 6.18 5.09
CA VAL A 70 -0.98 4.89 4.40
C VAL A 70 0.41 4.35 4.04
N LYS A 71 1.27 5.21 3.50
CA LYS A 71 2.60 4.79 3.10
C LYS A 71 3.32 4.06 4.24
N SER A 72 3.43 4.74 5.40
CA SER A 72 4.12 4.16 6.54
C SER A 72 3.66 2.72 6.82
N LEU A 73 2.35 2.47 6.78
CA LEU A 73 1.83 1.12 7.03
C LEU A 73 2.43 0.13 6.03
N LEU A 74 2.56 0.54 4.78
CA LEU A 74 3.08 -0.36 3.74
C LEU A 74 4.48 -0.85 4.11
N ASN A 75 5.35 0.07 4.56
CA ASN A 75 6.72 -0.28 4.95
C ASN A 75 6.77 -0.99 6.30
N LYS A 76 6.06 -0.42 7.28
CA LYS A 76 6.02 -0.97 8.64
C LYS A 76 5.42 -2.37 8.65
N ASP A 77 4.39 -2.57 7.84
CA ASP A 77 3.73 -3.87 7.75
C ASP A 77 4.74 -4.95 7.38
N LEU A 78 5.56 -4.69 6.35
CA LEU A 78 6.56 -5.67 5.92
C LEU A 78 7.72 -5.77 6.92
N SER A 79 8.05 -4.65 7.56
CA SER A 79 9.15 -4.63 8.54
C SER A 79 8.77 -5.46 9.75
N LEU A 80 9.77 -6.16 10.29
CA LEU A 80 9.59 -7.00 11.46
C LEU A 80 10.60 -6.62 12.54
N GLU A 81 10.07 -6.35 13.72
CA GLU A 81 10.87 -5.97 14.88
C GLU A 81 11.79 -4.79 14.54
N GLY A 1 14.51 -23.19 0.44
CA GLY A 1 14.26 -21.80 -0.04
C GLY A 1 15.55 -21.01 -0.27
N HIS A 2 15.78 -20.69 -1.57
CA HIS A 2 16.94 -19.90 -1.97
C HIS A 2 16.79 -18.53 -1.33
N MET A 3 15.59 -17.94 -1.44
CA MET A 3 15.33 -16.64 -0.85
C MET A 3 15.09 -16.77 0.68
N PRO A 4 15.98 -16.26 1.54
CA PRO A 4 15.79 -16.35 3.03
C PRO A 4 14.62 -15.51 3.55
N ALA A 5 14.25 -14.52 2.76
CA ALA A 5 13.17 -13.61 3.10
C ALA A 5 12.23 -13.43 1.91
N ILE A 6 10.94 -13.34 2.21
CA ILE A 6 9.91 -13.17 1.19
C ILE A 6 9.81 -11.70 0.77
N SER A 7 9.61 -11.50 -0.52
CA SER A 7 9.48 -10.16 -1.08
C SER A 7 8.54 -10.20 -2.27
N LEU A 8 8.17 -9.02 -2.79
CA LEU A 8 7.23 -8.95 -3.92
C LEU A 8 7.56 -9.98 -5.02
N PRO A 9 6.60 -10.80 -5.47
CA PRO A 9 6.84 -11.81 -6.56
C PRO A 9 7.29 -11.14 -7.85
N ASP A 10 8.09 -11.88 -8.64
CA ASP A 10 8.60 -11.35 -9.89
C ASP A 10 7.47 -11.00 -10.87
N ASP A 11 6.38 -11.79 -10.84
CA ASP A 11 5.24 -11.52 -11.71
C ASP A 11 4.61 -10.17 -11.36
N VAL A 12 4.48 -9.89 -10.06
CA VAL A 12 3.91 -8.62 -9.60
C VAL A 12 4.84 -7.48 -10.01
N ARG A 13 6.11 -7.63 -9.64
CA ARG A 13 7.13 -6.61 -9.90
C ARG A 13 7.12 -6.15 -11.36
N ARG A 14 6.96 -7.08 -12.30
CA ARG A 14 6.94 -6.74 -13.73
C ARG A 14 5.77 -5.80 -14.03
N ARG A 15 4.61 -6.10 -13.43
CA ARG A 15 3.39 -5.30 -13.66
C ARG A 15 3.65 -3.83 -13.31
N LEU A 16 4.36 -3.61 -12.19
CA LEU A 16 4.69 -2.26 -11.75
C LEU A 16 5.55 -1.54 -12.79
N LYS A 17 6.47 -2.31 -13.40
CA LYS A 17 7.37 -1.76 -14.40
C LYS A 17 6.57 -1.10 -15.52
N ASP A 18 5.46 -1.74 -15.91
CA ASP A 18 4.58 -1.19 -16.94
C ASP A 18 3.95 0.12 -16.44
N LEU A 19 3.55 0.12 -15.16
CA LEU A 19 2.95 1.31 -14.55
C LEU A 19 3.94 2.46 -14.54
N GLU A 20 5.21 2.15 -14.25
CA GLU A 20 6.27 3.16 -14.21
C GLU A 20 6.32 3.95 -15.52
N ARG A 21 6.10 3.25 -16.63
CA ARG A 21 6.11 3.91 -17.95
C ARG A 21 4.86 4.80 -18.10
N ASP A 22 3.73 4.26 -17.66
CA ASP A 22 2.45 4.96 -17.73
C ASP A 22 2.50 6.24 -16.89
N SER A 23 3.21 6.17 -15.76
CA SER A 23 3.33 7.30 -14.83
C SER A 23 2.01 7.55 -14.10
N LEU A 24 2.06 7.42 -12.77
CA LEU A 24 0.91 7.65 -11.91
C LEU A 24 1.33 8.63 -10.82
N THR A 25 0.40 9.47 -10.39
CA THR A 25 0.68 10.43 -9.31
C THR A 25 0.76 9.69 -7.99
N GLU A 26 1.12 10.40 -6.92
CA GLU A 26 1.20 9.79 -5.58
C GLU A 26 -0.18 9.33 -5.13
N LYS A 27 -1.21 10.14 -5.42
CA LYS A 27 -2.58 9.83 -5.03
C LYS A 27 -3.05 8.54 -5.71
N GLU A 28 -2.74 8.42 -7.00
CA GLU A 28 -3.13 7.24 -7.80
C GLU A 28 -2.17 6.07 -7.57
N CYS A 29 -0.92 6.40 -7.25
CA CYS A 29 0.10 5.38 -7.02
C CYS A 29 -0.24 4.54 -5.78
N VAL A 30 -0.59 5.23 -4.69
CA VAL A 30 -0.92 4.53 -3.44
C VAL A 30 -2.15 3.64 -3.65
N LYS A 31 -3.16 4.16 -4.35
CA LYS A 31 -4.39 3.39 -4.59
C LYS A 31 -4.08 2.09 -5.35
N GLU A 32 -3.20 2.17 -6.35
CA GLU A 32 -2.82 0.97 -7.12
C GLU A 32 -1.96 0.03 -6.27
N LYS A 33 -0.98 0.61 -5.56
CA LYS A 33 -0.08 -0.19 -4.71
C LYS A 33 -0.84 -0.91 -3.60
N LEU A 34 -1.83 -0.23 -3.02
CA LEU A 34 -2.60 -0.81 -1.92
C LEU A 34 -3.23 -2.14 -2.32
N ASN A 35 -3.99 -2.16 -3.42
CA ASN A 35 -4.66 -3.37 -3.88
C ASN A 35 -3.67 -4.48 -4.23
N LEU A 36 -2.56 -4.11 -4.86
CA LEU A 36 -1.55 -5.12 -5.23
C LEU A 36 -0.99 -5.76 -3.96
N LEU A 37 -0.45 -4.92 -3.06
CA LEU A 37 0.11 -5.39 -1.80
C LEU A 37 -0.95 -6.06 -0.93
N HIS A 38 -2.20 -5.59 -1.05
CA HIS A 38 -3.32 -6.13 -0.27
C HIS A 38 -3.40 -7.66 -0.41
N GLU A 39 -3.21 -8.14 -1.63
CA GLU A 39 -3.26 -9.57 -1.91
C GLU A 39 -2.25 -10.34 -1.03
N PHE A 40 -1.29 -9.62 -0.44
CA PHE A 40 -0.28 -10.23 0.43
C PHE A 40 -0.43 -9.71 1.87
N LEU A 41 -0.98 -8.49 2.02
CA LEU A 41 -1.17 -7.90 3.35
C LEU A 41 -2.33 -8.60 4.04
N GLN A 42 -2.22 -8.74 5.35
CA GLN A 42 -3.26 -9.38 6.16
C GLN A 42 -4.49 -8.46 6.25
N THR A 43 -5.66 -9.05 6.46
CA THR A 43 -6.90 -8.26 6.56
C THR A 43 -6.85 -7.27 7.72
N GLU A 44 -6.15 -7.63 8.81
CA GLU A 44 -6.01 -6.73 9.97
C GLU A 44 -5.48 -5.36 9.50
N ILE A 45 -4.80 -5.36 8.34
CA ILE A 45 -4.28 -4.13 7.76
C ILE A 45 -5.43 -3.30 7.21
N LYS A 46 -6.40 -3.99 6.59
CA LYS A 46 -7.59 -3.33 6.04
C LYS A 46 -8.30 -2.58 7.17
N ASN A 47 -8.31 -3.20 8.37
CA ASN A 47 -8.93 -2.59 9.55
C ASN A 47 -8.28 -1.26 9.86
N GLN A 48 -6.94 -1.21 9.75
CA GLN A 48 -6.21 0.03 10.02
C GLN A 48 -6.66 1.11 9.02
N LEU A 49 -6.82 0.70 7.77
CA LEU A 49 -7.26 1.61 6.70
C LEU A 49 -8.74 1.95 6.85
N CYS A 50 -9.53 1.02 7.43
CA CYS A 50 -10.96 1.24 7.61
C CYS A 50 -11.24 2.44 8.50
N ASP A 51 -10.61 2.47 9.68
CA ASP A 51 -10.82 3.56 10.62
C ASP A 51 -10.43 4.89 9.99
N LEU A 52 -9.31 4.91 9.28
CA LEU A 52 -8.85 6.12 8.60
C LEU A 52 -9.86 6.54 7.54
N GLU A 53 -10.39 5.55 6.81
CA GLU A 53 -11.38 5.81 5.77
C GLU A 53 -12.57 6.58 6.35
N THR A 54 -12.95 6.25 7.59
CA THR A 54 -14.04 6.93 8.27
C THR A 54 -13.73 8.41 8.43
N LYS A 55 -12.44 8.73 8.69
CA LYS A 55 -12.02 10.12 8.83
C LYS A 55 -12.18 10.85 7.50
N LEU A 56 -11.80 10.17 6.41
CA LEU A 56 -11.92 10.75 5.07
C LEU A 56 -13.38 11.05 4.75
N ARG A 57 -14.24 10.13 5.18
CA ARG A 57 -15.68 10.26 4.96
C ARG A 57 -16.24 11.45 5.73
N LYS A 58 -15.79 11.61 6.98
CA LYS A 58 -16.24 12.75 7.80
C LYS A 58 -15.36 13.99 7.53
N GLU A 59 -14.39 13.86 6.61
CA GLU A 59 -13.48 14.96 6.27
C GLU A 59 -12.72 15.45 7.51
N GLU A 60 -12.51 14.56 8.46
CA GLU A 60 -11.78 14.89 9.69
C GLU A 60 -10.26 14.75 9.50
N LEU A 61 -9.86 13.97 8.49
CA LEU A 61 -8.45 13.75 8.18
C LEU A 61 -8.10 14.45 6.88
N SER A 62 -6.88 14.99 6.82
CA SER A 62 -6.41 15.68 5.64
C SER A 62 -6.09 14.67 4.55
N GLU A 63 -6.19 15.08 3.28
CA GLU A 63 -5.88 14.17 2.18
C GLU A 63 -4.47 13.66 2.35
N GLU A 64 -3.52 14.59 2.58
CA GLU A 64 -2.12 14.20 2.79
C GLU A 64 -1.98 13.37 4.06
N GLY A 65 -2.97 13.47 4.95
CA GLY A 65 -2.96 12.73 6.21
C GLY A 65 -3.03 11.24 5.91
N TYR A 66 -4.08 10.85 5.21
CA TYR A 66 -4.29 9.45 4.82
C TYR A 66 -3.15 9.00 3.90
N LEU A 67 -2.78 9.86 2.96
CA LEU A 67 -1.72 9.55 2.00
C LEU A 67 -0.39 9.32 2.71
N ALA A 68 -0.11 10.12 3.74
CA ALA A 68 1.14 9.99 4.49
C ALA A 68 1.06 8.91 5.58
N LYS A 69 -0.15 8.71 6.11
CA LYS A 69 -0.38 7.69 7.14
C LYS A 69 -0.31 6.29 6.52
N VAL A 70 -0.93 6.13 5.35
CA VAL A 70 -0.99 4.85 4.65
C VAL A 70 0.42 4.27 4.51
N LYS A 71 1.38 5.08 4.06
CA LYS A 71 2.75 4.62 3.87
C LYS A 71 3.27 3.93 5.13
N SER A 72 3.21 4.64 6.27
CA SER A 72 3.72 4.10 7.53
C SER A 72 3.27 2.65 7.76
N LEU A 73 1.97 2.37 7.60
CA LEU A 73 1.47 1.00 7.80
C LEU A 73 2.16 0.02 6.85
N LEU A 74 2.32 0.42 5.58
CA LEU A 74 2.95 -0.47 4.59
C LEU A 74 4.38 -0.83 5.00
N ASN A 75 5.14 0.18 5.40
CA ASN A 75 6.52 -0.03 5.83
C ASN A 75 6.58 -0.78 7.16
N LYS A 76 5.63 -0.49 8.04
CA LYS A 76 5.57 -1.12 9.36
C LYS A 76 5.41 -2.63 9.24
N ASP A 77 4.54 -3.07 8.33
CA ASP A 77 4.30 -4.51 8.15
C ASP A 77 5.59 -5.21 7.73
N LEU A 78 6.34 -4.60 6.80
CA LEU A 78 7.61 -5.16 6.33
C LEU A 78 8.78 -4.74 7.22
N SER A 79 8.53 -3.88 8.22
CA SER A 79 9.59 -3.41 9.11
C SER A 79 10.23 -4.59 9.85
N LEU A 80 9.39 -5.54 10.30
CA LEU A 80 9.90 -6.72 11.00
C LEU A 80 10.79 -7.54 10.07
N GLU A 81 10.36 -7.68 8.82
CA GLU A 81 11.12 -8.44 7.82
C GLU A 81 11.92 -7.49 6.93
N GLY A 1 13.28 -21.31 9.13
CA GLY A 1 12.42 -20.94 7.97
C GLY A 1 12.58 -21.87 6.77
N HIS A 2 11.70 -22.88 6.70
CA HIS A 2 11.73 -23.80 5.56
C HIS A 2 11.45 -23.01 4.29
N MET A 3 10.46 -22.10 4.35
CA MET A 3 10.10 -21.28 3.18
C MET A 3 11.18 -20.22 2.90
N PRO A 4 11.91 -20.29 1.78
CA PRO A 4 12.97 -19.28 1.46
C PRO A 4 12.38 -17.88 1.35
N ALA A 5 13.17 -16.88 1.75
CA ALA A 5 12.73 -15.50 1.70
C ALA A 5 12.90 -14.94 0.30
N ILE A 6 11.77 -14.63 -0.33
CA ILE A 6 11.78 -14.07 -1.69
C ILE A 6 11.01 -12.75 -1.70
N SER A 7 11.60 -11.77 -2.36
CA SER A 7 11.01 -10.44 -2.48
C SER A 7 9.79 -10.51 -3.39
N LEU A 8 9.10 -9.37 -3.55
CA LEU A 8 7.88 -9.30 -4.38
C LEU A 8 7.97 -10.19 -5.63
N PRO A 9 6.87 -10.81 -6.07
CA PRO A 9 6.87 -11.68 -7.28
C PRO A 9 7.32 -10.92 -8.52
N ASP A 10 7.96 -11.65 -9.44
CA ASP A 10 8.47 -11.05 -10.66
C ASP A 10 7.32 -10.50 -11.50
N ASP A 11 6.16 -11.18 -11.52
CA ASP A 11 5.02 -10.69 -12.29
C ASP A 11 4.51 -9.37 -11.73
N VAL A 12 4.28 -9.34 -10.41
CA VAL A 12 3.78 -8.12 -9.77
C VAL A 12 4.82 -7.00 -9.90
N ARG A 13 6.03 -7.30 -9.44
CA ARG A 13 7.14 -6.36 -9.45
C ARG A 13 7.31 -5.69 -10.83
N ARG A 14 7.32 -6.48 -11.91
CA ARG A 14 7.48 -5.92 -13.27
C ARG A 14 6.34 -4.94 -13.59
N ARG A 15 5.13 -5.30 -13.13
CA ARG A 15 3.95 -4.47 -13.39
C ARG A 15 4.13 -3.07 -12.78
N LEU A 16 4.75 -3.01 -11.60
CA LEU A 16 5.00 -1.73 -10.93
C LEU A 16 5.91 -0.84 -11.78
N LYS A 17 6.89 -1.48 -12.44
CA LYS A 17 7.82 -0.76 -13.31
C LYS A 17 7.05 -0.09 -14.45
N ASP A 18 6.06 -0.82 -14.99
CA ASP A 18 5.23 -0.29 -16.08
C ASP A 18 4.49 0.96 -15.59
N LEU A 19 3.93 0.85 -14.38
CA LEU A 19 3.19 1.96 -13.78
C LEU A 19 4.13 3.15 -13.56
N GLU A 20 5.36 2.85 -13.13
CA GLU A 20 6.36 3.88 -12.87
C GLU A 20 6.66 4.67 -14.14
N ARG A 21 6.79 3.98 -15.27
CA ARG A 21 7.06 4.63 -16.55
C ARG A 21 5.80 5.38 -17.02
N ASP A 22 4.65 4.71 -16.86
CA ASP A 22 3.36 5.25 -17.26
C ASP A 22 3.07 6.56 -16.51
N SER A 23 3.54 6.63 -15.26
CA SER A 23 3.34 7.80 -14.41
C SER A 23 1.86 8.02 -14.10
N LEU A 24 1.49 7.69 -12.87
CA LEU A 24 0.14 7.84 -12.38
C LEU A 24 0.18 8.74 -11.16
N THR A 25 -0.82 9.60 -11.02
CA THR A 25 -0.87 10.51 -9.87
C THR A 25 -0.75 9.70 -8.59
N GLU A 26 -0.47 10.39 -7.50
CA GLU A 26 -0.33 9.73 -6.20
C GLU A 26 -1.65 9.07 -5.80
N LYS A 27 -2.77 9.71 -6.15
CA LYS A 27 -4.10 9.18 -5.83
C LYS A 27 -4.31 7.82 -6.49
N GLU A 28 -3.94 7.75 -7.78
CA GLU A 28 -4.08 6.52 -8.55
C GLU A 28 -3.02 5.49 -8.16
N CYS A 29 -1.82 5.99 -7.88
CA CYS A 29 -0.70 5.13 -7.52
C CYS A 29 -0.99 4.36 -6.22
N VAL A 30 -1.44 5.09 -5.20
CA VAL A 30 -1.74 4.46 -3.91
C VAL A 30 -2.87 3.43 -4.07
N LYS A 31 -3.92 3.80 -4.81
CA LYS A 31 -5.05 2.89 -5.02
C LYS A 31 -4.60 1.58 -5.65
N GLU A 32 -3.73 1.67 -6.67
CA GLU A 32 -3.23 0.47 -7.34
C GLU A 32 -2.30 -0.33 -6.42
N LYS A 33 -1.39 0.38 -5.73
CA LYS A 33 -0.44 -0.25 -4.83
C LYS A 33 -1.16 -1.05 -3.74
N LEU A 34 -2.20 -0.44 -3.17
CA LEU A 34 -2.97 -1.09 -2.10
C LEU A 34 -3.50 -2.46 -2.55
N ASN A 35 -4.14 -2.48 -3.73
CA ASN A 35 -4.72 -3.72 -4.25
C ASN A 35 -3.65 -4.77 -4.57
N LEU A 36 -2.54 -4.32 -5.17
CA LEU A 36 -1.45 -5.24 -5.51
C LEU A 36 -0.88 -5.87 -4.24
N LEU A 37 -0.42 -5.02 -3.32
CA LEU A 37 0.15 -5.48 -2.06
C LEU A 37 -0.91 -6.18 -1.19
N HIS A 38 -2.20 -6.02 -1.56
CA HIS A 38 -3.31 -6.61 -0.81
C HIS A 38 -3.08 -8.11 -0.59
N GLU A 39 -2.61 -8.79 -1.63
CA GLU A 39 -2.33 -10.24 -1.54
C GLU A 39 -1.20 -10.53 -0.55
N PHE A 40 -0.33 -9.54 -0.33
CA PHE A 40 0.78 -9.67 0.61
C PHE A 40 0.50 -8.95 1.93
N LEU A 41 -0.61 -8.20 2.00
CA LEU A 41 -0.99 -7.48 3.21
C LEU A 41 -2.13 -8.21 3.90
N GLN A 42 -1.92 -8.59 5.15
CA GLN A 42 -2.94 -9.30 5.92
C GLN A 42 -4.10 -8.36 6.20
N THR A 43 -5.26 -8.94 6.55
CA THR A 43 -6.44 -8.13 6.85
C THR A 43 -6.20 -7.22 8.07
N GLU A 44 -5.41 -7.70 9.04
CA GLU A 44 -5.10 -6.90 10.24
C GLU A 44 -4.58 -5.52 9.82
N ILE A 45 -3.91 -5.48 8.66
CA ILE A 45 -3.39 -4.23 8.12
C ILE A 45 -4.56 -3.40 7.57
N LYS A 46 -5.47 -4.10 6.88
CA LYS A 46 -6.66 -3.46 6.32
C LYS A 46 -7.47 -2.82 7.45
N ASN A 47 -7.45 -3.48 8.62
CA ASN A 47 -8.17 -3.00 9.79
C ASN A 47 -7.62 -1.63 10.18
N GLN A 48 -6.29 -1.48 10.13
CA GLN A 48 -5.66 -0.21 10.47
C GLN A 48 -6.08 0.86 9.47
N LEU A 49 -6.12 0.47 8.19
CA LEU A 49 -6.51 1.38 7.11
C LEU A 49 -7.96 1.81 7.26
N CYS A 50 -8.81 0.88 7.68
CA CYS A 50 -10.23 1.15 7.84
C CYS A 50 -10.48 2.34 8.77
N ASP A 51 -9.75 2.39 9.88
CA ASP A 51 -9.91 3.50 10.83
C ASP A 51 -9.61 4.83 10.15
N LEU A 52 -8.59 4.83 9.29
CA LEU A 52 -8.21 6.05 8.57
C LEU A 52 -9.36 6.50 7.67
N GLU A 53 -10.02 5.53 7.01
CA GLU A 53 -11.16 5.84 6.12
C GLU A 53 -12.23 6.61 6.90
N THR A 54 -12.41 6.22 8.16
CA THR A 54 -13.40 6.88 9.02
C THR A 54 -13.09 8.37 9.12
N LYS A 55 -11.79 8.70 9.18
CA LYS A 55 -11.37 10.10 9.23
C LYS A 55 -11.75 10.82 7.93
N LEU A 56 -11.52 10.13 6.81
CA LEU A 56 -11.85 10.68 5.48
C LEU A 56 -13.36 10.88 5.36
N ARG A 57 -14.11 10.04 6.08
CA ARG A 57 -15.56 10.08 6.08
C ARG A 57 -16.09 11.16 7.02
N LYS A 58 -15.33 11.46 8.09
CA LYS A 58 -15.72 12.51 9.03
C LYS A 58 -15.00 13.83 8.69
N GLU A 59 -14.16 13.80 7.62
CA GLU A 59 -13.39 14.97 7.19
C GLU A 59 -12.47 15.47 8.31
N GLU A 60 -11.94 14.52 9.10
CA GLU A 60 -11.02 14.86 10.19
C GLU A 60 -9.56 14.78 9.74
N LEU A 61 -9.30 13.96 8.70
CA LEU A 61 -7.95 13.79 8.17
C LEU A 61 -7.86 14.43 6.80
N SER A 62 -6.73 15.06 6.52
CA SER A 62 -6.50 15.71 5.24
C SER A 62 -6.40 14.64 4.17
N GLU A 63 -6.77 15.01 2.93
CA GLU A 63 -6.69 14.06 1.82
C GLU A 63 -5.24 13.64 1.62
N GLU A 64 -4.33 14.64 1.65
CA GLU A 64 -2.91 14.37 1.52
C GLU A 64 -2.37 13.66 2.77
N GLY A 65 -3.10 13.80 3.89
CA GLY A 65 -2.72 13.15 5.13
C GLY A 65 -2.82 11.64 4.97
N TYR A 66 -3.98 11.20 4.49
CA TYR A 66 -4.24 9.79 4.25
C TYR A 66 -3.29 9.25 3.16
N LEU A 67 -3.21 10.00 2.07
CA LEU A 67 -2.37 9.61 0.93
C LEU A 67 -0.91 9.48 1.35
N ALA A 68 -0.44 10.40 2.20
CA ALA A 68 0.96 10.38 2.66
C ALA A 68 1.15 9.43 3.86
N LYS A 69 0.10 9.27 4.67
CA LYS A 69 0.14 8.38 5.84
C LYS A 69 0.13 6.91 5.39
N VAL A 70 -0.67 6.62 4.37
CA VAL A 70 -0.79 5.27 3.84
C VAL A 70 0.58 4.73 3.44
N LYS A 71 1.36 5.52 2.70
CA LYS A 71 2.68 5.08 2.25
C LYS A 71 3.51 4.56 3.42
N SER A 72 3.67 5.38 4.47
CA SER A 72 4.49 4.99 5.62
C SER A 72 4.11 3.60 6.15
N LEU A 73 2.80 3.34 6.33
CA LEU A 73 2.36 2.05 6.84
C LEU A 73 2.82 0.91 5.92
N LEU A 74 2.67 1.10 4.60
CA LEU A 74 3.06 0.06 3.64
C LEU A 74 4.53 -0.30 3.81
N ASN A 75 5.37 0.73 3.89
CA ASN A 75 6.82 0.53 4.06
C ASN A 75 7.15 -0.02 5.45
N LYS A 76 6.38 0.43 6.46
CA LYS A 76 6.60 0.02 7.84
C LYS A 76 6.45 -1.49 7.98
N ASP A 77 5.48 -2.07 7.26
CA ASP A 77 5.27 -3.52 7.33
C ASP A 77 6.51 -4.26 6.88
N LEU A 78 7.11 -3.82 5.77
CA LEU A 78 8.31 -4.46 5.24
C LEU A 78 9.54 -4.18 6.13
N SER A 79 9.58 -3.00 6.76
CA SER A 79 10.71 -2.63 7.62
C SER A 79 10.92 -3.66 8.71
N LEU A 80 9.83 -4.25 9.22
CA LEU A 80 9.89 -5.25 10.26
C LEU A 80 9.49 -6.61 9.68
N GLU A 81 10.40 -7.56 9.82
CA GLU A 81 10.17 -8.92 9.34
C GLU A 81 9.56 -9.77 10.45
N GLY A 1 15.08 -20.66 -8.16
CA GLY A 1 14.15 -20.04 -9.15
C GLY A 1 12.72 -19.96 -8.58
N HIS A 2 12.08 -21.12 -8.38
CA HIS A 2 10.70 -21.19 -7.88
C HIS A 2 10.57 -20.51 -6.52
N MET A 3 11.58 -20.69 -5.66
CA MET A 3 11.58 -20.10 -4.31
C MET A 3 11.21 -18.62 -4.36
N PRO A 4 10.72 -18.03 -3.27
CA PRO A 4 10.33 -16.58 -3.26
C PRO A 4 11.51 -15.69 -3.65
N ALA A 5 11.22 -14.63 -4.40
CA ALA A 5 12.24 -13.69 -4.85
C ALA A 5 12.87 -12.98 -3.66
N ILE A 6 13.89 -12.18 -3.95
CA ILE A 6 14.59 -11.42 -2.91
C ILE A 6 13.65 -10.42 -2.25
N SER A 7 12.88 -9.71 -3.09
CA SER A 7 11.93 -8.73 -2.60
C SER A 7 10.65 -8.81 -3.41
N LEU A 8 9.53 -9.11 -2.73
CA LEU A 8 8.23 -9.24 -3.37
C LEU A 8 8.24 -10.30 -4.48
N PRO A 9 7.09 -10.83 -4.88
CA PRO A 9 7.01 -11.84 -5.98
C PRO A 9 7.55 -11.29 -7.29
N ASP A 10 8.11 -12.18 -8.12
CA ASP A 10 8.68 -11.77 -9.41
C ASP A 10 7.58 -11.23 -10.34
N ASP A 11 6.42 -11.89 -10.36
CA ASP A 11 5.32 -11.46 -11.22
C ASP A 11 4.80 -10.09 -10.78
N VAL A 12 4.65 -9.91 -9.46
CA VAL A 12 4.16 -8.63 -8.92
C VAL A 12 5.21 -7.54 -9.21
N ARG A 13 6.45 -7.84 -8.83
CA ARG A 13 7.56 -6.92 -8.98
C ARG A 13 7.64 -6.37 -10.42
N ARG A 14 7.49 -7.24 -11.43
CA ARG A 14 7.54 -6.79 -12.83
C ARG A 14 6.44 -5.78 -13.11
N ARG A 15 5.25 -6.04 -12.56
CA ARG A 15 4.10 -5.15 -12.77
C ARG A 15 4.41 -3.74 -12.28
N LEU A 16 5.10 -3.64 -11.14
CA LEU A 16 5.47 -2.35 -10.56
C LEU A 16 6.41 -1.60 -11.51
N LYS A 17 7.31 -2.33 -12.16
CA LYS A 17 8.24 -1.74 -13.11
C LYS A 17 7.49 -1.06 -14.25
N ASP A 18 6.40 -1.69 -14.69
CA ASP A 18 5.57 -1.12 -15.75
C ASP A 18 4.93 0.18 -15.26
N LEU A 19 4.49 0.18 -14.00
CA LEU A 19 3.87 1.36 -13.41
C LEU A 19 4.86 2.50 -13.35
N GLU A 20 6.12 2.18 -13.03
CA GLU A 20 7.18 3.16 -12.93
C GLU A 20 7.35 3.91 -14.27
N ARG A 21 7.21 3.18 -15.38
CA ARG A 21 7.33 3.79 -16.71
C ARG A 21 6.11 4.67 -16.99
N ASP A 22 4.95 4.11 -16.65
CA ASP A 22 3.67 4.80 -16.87
C ASP A 22 3.61 6.09 -16.06
N SER A 23 4.21 6.07 -14.86
CA SER A 23 4.25 7.24 -13.97
C SER A 23 2.85 7.51 -13.39
N LEU A 24 2.72 7.25 -12.10
CA LEU A 24 1.49 7.47 -11.36
C LEU A 24 1.80 8.35 -10.17
N THR A 25 0.90 9.27 -9.85
CA THR A 25 1.10 10.15 -8.70
C THR A 25 1.07 9.34 -7.42
N GLU A 26 1.37 9.98 -6.29
CA GLU A 26 1.36 9.29 -5.01
C GLU A 26 -0.03 8.76 -4.69
N LYS A 27 -1.05 9.57 -5.00
CA LYS A 27 -2.43 9.18 -4.75
C LYS A 27 -2.79 7.90 -5.52
N GLU A 28 -2.35 7.86 -6.78
CA GLU A 28 -2.61 6.70 -7.64
C GLU A 28 -1.70 5.53 -7.30
N CYS A 29 -0.47 5.85 -6.91
CA CYS A 29 0.53 4.84 -6.57
C CYS A 29 0.11 4.06 -5.32
N VAL A 30 -0.31 4.79 -4.28
CA VAL A 30 -0.72 4.16 -3.03
C VAL A 30 -1.91 3.22 -3.28
N LYS A 31 -2.90 3.69 -4.05
CA LYS A 31 -4.08 2.88 -4.34
C LYS A 31 -3.68 1.57 -5.02
N GLU A 32 -2.69 1.63 -5.91
CA GLU A 32 -2.23 0.44 -6.62
C GLU A 32 -1.46 -0.48 -5.66
N LYS A 33 -0.59 0.11 -4.84
CA LYS A 33 0.22 -0.65 -3.89
C LYS A 33 -0.64 -1.38 -2.86
N LEU A 34 -1.70 -0.71 -2.39
CA LEU A 34 -2.58 -1.31 -1.37
C LEU A 34 -3.18 -2.62 -1.86
N ASN A 35 -3.86 -2.57 -3.02
CA ASN A 35 -4.52 -3.76 -3.57
C ASN A 35 -3.51 -4.87 -3.87
N LEU A 36 -2.34 -4.50 -4.41
CA LEU A 36 -1.32 -5.50 -4.72
C LEU A 36 -0.80 -6.14 -3.43
N LEU A 37 -0.31 -5.29 -2.52
CA LEU A 37 0.24 -5.76 -1.24
C LEU A 37 -0.81 -6.55 -0.44
N HIS A 38 -2.10 -6.33 -0.73
CA HIS A 38 -3.18 -7.02 -0.04
C HIS A 38 -2.98 -8.52 -0.07
N GLU A 39 -2.50 -9.03 -1.20
CA GLU A 39 -2.24 -10.46 -1.38
C GLU A 39 -1.27 -10.99 -0.31
N PHE A 40 -0.43 -10.10 0.22
CA PHE A 40 0.52 -10.46 1.27
C PHE A 40 0.22 -9.74 2.59
N LEU A 41 -0.76 -8.82 2.57
CA LEU A 41 -1.15 -8.09 3.78
C LEU A 41 -2.44 -8.65 4.33
N GLN A 42 -2.48 -8.84 5.64
CA GLN A 42 -3.65 -9.37 6.32
C GLN A 42 -4.81 -8.36 6.22
N THR A 43 -6.05 -8.86 6.29
CA THR A 43 -7.24 -8.01 6.19
C THR A 43 -7.25 -6.97 7.32
N GLU A 44 -6.87 -7.39 8.54
CA GLU A 44 -6.83 -6.47 9.68
C GLU A 44 -6.05 -5.18 9.32
N ILE A 45 -5.19 -5.28 8.29
CA ILE A 45 -4.43 -4.12 7.81
C ILE A 45 -5.38 -3.19 7.08
N LYS A 46 -6.21 -3.77 6.21
CA LYS A 46 -7.22 -3.02 5.48
C LYS A 46 -8.20 -2.39 6.46
N ASN A 47 -8.46 -3.12 7.56
CA ASN A 47 -9.37 -2.64 8.60
C ASN A 47 -8.83 -1.33 9.16
N GLN A 48 -7.51 -1.29 9.44
CA GLN A 48 -6.87 -0.09 9.95
C GLN A 48 -7.13 1.08 9.00
N LEU A 49 -6.96 0.80 7.70
CA LEU A 49 -7.17 1.80 6.66
C LEU A 49 -8.64 2.21 6.57
N CYS A 50 -9.54 1.24 6.81
CA CYS A 50 -10.98 1.50 6.71
C CYS A 50 -11.42 2.62 7.67
N ASP A 51 -10.89 2.59 8.90
CA ASP A 51 -11.25 3.62 9.87
C ASP A 51 -10.83 4.99 9.38
N LEU A 52 -9.64 5.06 8.76
CA LEU A 52 -9.13 6.32 8.23
C LEU A 52 -10.04 6.81 7.10
N GLU A 53 -10.52 5.88 6.28
CA GLU A 53 -11.41 6.23 5.16
C GLU A 53 -12.63 6.98 5.68
N THR A 54 -13.16 6.52 6.81
CA THR A 54 -14.32 7.14 7.43
C THR A 54 -14.01 8.59 7.77
N LYS A 55 -12.78 8.85 8.22
CA LYS A 55 -12.35 10.21 8.55
C LYS A 55 -12.36 11.07 7.28
N LEU A 56 -11.90 10.48 6.17
CA LEU A 56 -11.87 11.19 4.88
C LEU A 56 -13.28 11.55 4.46
N ARG A 57 -14.21 10.64 4.69
CA ARG A 57 -15.60 10.83 4.33
C ARG A 57 -16.21 11.96 5.14
N LYS A 58 -15.88 12.02 6.43
CA LYS A 58 -16.38 13.08 7.30
C LYS A 58 -15.47 14.33 7.24
N GLU A 59 -14.45 14.30 6.36
CA GLU A 59 -13.52 15.43 6.21
C GLU A 59 -12.85 15.77 7.54
N GLU A 60 -12.70 14.77 8.40
CA GLU A 60 -12.06 14.94 9.71
C GLU A 60 -10.54 14.75 9.61
N LEU A 61 -10.09 14.03 8.57
CA LEU A 61 -8.67 13.77 8.34
C LEU A 61 -8.22 14.52 7.10
N SER A 62 -6.99 15.04 7.15
CA SER A 62 -6.42 15.77 6.03
C SER A 62 -5.91 14.78 4.98
N GLU A 63 -5.83 15.23 3.72
CA GLU A 63 -5.33 14.36 2.66
C GLU A 63 -3.96 13.83 3.03
N GLU A 64 -3.05 14.75 3.37
CA GLU A 64 -1.70 14.38 3.79
C GLU A 64 -1.75 13.44 5.00
N GLY A 65 -2.83 13.54 5.77
CA GLY A 65 -3.00 12.69 6.95
C GLY A 65 -3.12 11.24 6.52
N TYR A 66 -4.11 10.97 5.67
CA TYR A 66 -4.34 9.63 5.16
C TYR A 66 -3.14 9.17 4.33
N LEU A 67 -2.66 10.07 3.49
CA LEU A 67 -1.52 9.78 2.61
C LEU A 67 -0.27 9.42 3.44
N ALA A 68 -0.07 10.14 4.54
CA ALA A 68 1.10 9.91 5.40
C ALA A 68 0.85 8.76 6.39
N LYS A 69 -0.40 8.58 6.81
CA LYS A 69 -0.77 7.50 7.73
C LYS A 69 -0.68 6.14 7.03
N VAL A 70 -1.21 6.09 5.81
CA VAL A 70 -1.24 4.84 5.03
C VAL A 70 0.15 4.21 4.97
N LYS A 71 1.16 5.00 4.64
CA LYS A 71 2.52 4.49 4.53
C LYS A 71 2.96 3.88 5.85
N SER A 72 2.78 4.62 6.94
CA SER A 72 3.19 4.16 8.28
C SER A 72 2.80 2.69 8.50
N LEU A 73 1.51 2.36 8.35
CA LEU A 73 1.06 0.97 8.56
C LEU A 73 1.83 0.01 7.65
N LEU A 74 2.02 0.40 6.38
CA LEU A 74 2.73 -0.47 5.44
C LEU A 74 4.15 -0.76 5.94
N ASN A 75 4.87 0.28 6.33
CA ASN A 75 6.24 0.14 6.81
C ASN A 75 6.29 -0.63 8.14
N LYS A 76 5.36 -0.32 9.03
CA LYS A 76 5.30 -0.97 10.36
C LYS A 76 5.03 -2.46 10.22
N ASP A 77 4.12 -2.82 9.34
CA ASP A 77 3.77 -4.22 9.14
C ASP A 77 4.99 -5.04 8.72
N LEU A 78 5.73 -4.52 7.74
CA LEU A 78 6.92 -5.22 7.25
C LEU A 78 8.08 -5.13 8.25
N SER A 79 8.16 -3.99 8.97
CA SER A 79 9.21 -3.79 9.94
C SER A 79 9.06 -4.74 11.11
N LEU A 80 10.16 -5.39 11.47
CA LEU A 80 10.16 -6.33 12.58
C LEU A 80 9.88 -5.60 13.90
N GLU A 81 10.51 -4.43 14.07
CA GLU A 81 10.32 -3.62 15.27
C GLU A 81 10.68 -4.45 16.51
N GLY A 1 19.56 -24.53 -1.47
CA GLY A 1 20.33 -23.33 -0.99
C GLY A 1 19.55 -22.02 -1.31
N HIS A 2 19.46 -21.63 -2.60
CA HIS A 2 18.78 -20.37 -2.98
C HIS A 2 17.30 -20.38 -2.51
N MET A 3 16.67 -21.55 -2.64
CA MET A 3 15.25 -21.69 -2.27
C MET A 3 14.40 -20.73 -3.12
N PRO A 4 13.07 -20.85 -3.10
CA PRO A 4 12.19 -19.94 -3.89
C PRO A 4 12.40 -18.48 -3.48
N ALA A 5 12.30 -17.58 -4.46
CA ALA A 5 12.49 -16.15 -4.22
C ALA A 5 11.60 -15.66 -3.08
N ILE A 6 12.23 -15.35 -1.95
CA ILE A 6 11.52 -14.87 -0.76
C ILE A 6 10.84 -13.53 -1.07
N SER A 7 11.57 -12.64 -1.74
CA SER A 7 11.04 -11.33 -2.09
C SER A 7 9.80 -11.46 -2.98
N LEU A 8 9.12 -10.34 -3.23
CA LEU A 8 7.90 -10.33 -4.05
C LEU A 8 8.02 -11.22 -5.30
N PRO A 9 6.91 -11.79 -5.79
CA PRO A 9 6.94 -12.66 -7.02
C PRO A 9 7.42 -11.88 -8.24
N ASP A 10 8.04 -12.60 -9.18
CA ASP A 10 8.56 -11.98 -10.40
C ASP A 10 7.43 -11.40 -11.24
N ASP A 11 6.28 -12.10 -11.30
CA ASP A 11 5.15 -11.62 -12.08
C ASP A 11 4.67 -10.28 -11.54
N VAL A 12 4.49 -10.21 -10.22
CA VAL A 12 4.04 -8.96 -9.58
C VAL A 12 5.12 -7.88 -9.76
N ARG A 13 6.34 -8.26 -9.42
CA ARG A 13 7.49 -7.37 -9.48
C ARG A 13 7.58 -6.66 -10.84
N ARG A 14 7.46 -7.42 -11.94
CA ARG A 14 7.53 -6.81 -13.29
C ARG A 14 6.40 -5.80 -13.49
N ARG A 15 5.23 -6.12 -12.93
CA ARG A 15 4.06 -5.24 -13.06
C ARG A 15 4.33 -3.89 -12.38
N LEU A 16 4.99 -3.93 -11.22
CA LEU A 16 5.32 -2.70 -10.49
C LEU A 16 6.26 -1.82 -11.31
N LYS A 17 7.21 -2.46 -12.00
CA LYS A 17 8.16 -1.71 -12.84
C LYS A 17 7.40 -0.93 -13.91
N ASP A 18 6.39 -1.56 -14.50
CA ASP A 18 5.58 -0.90 -15.52
C ASP A 18 4.89 0.30 -14.90
N LEU A 19 4.38 0.13 -13.67
CA LEU A 19 3.72 1.21 -12.96
C LEU A 19 4.68 2.36 -12.72
N GLU A 20 5.93 2.02 -12.36
CA GLU A 20 6.95 3.03 -12.09
C GLU A 20 7.20 3.92 -13.30
N ARG A 21 7.24 3.30 -14.49
CA ARG A 21 7.45 4.05 -15.74
C ARG A 21 6.24 4.92 -16.03
N ASP A 22 5.08 4.27 -15.97
CA ASP A 22 3.80 4.95 -16.22
C ASP A 22 3.32 5.75 -15.02
N SER A 23 4.15 5.82 -13.96
CA SER A 23 3.85 6.52 -12.68
C SER A 23 2.63 7.44 -12.76
N LEU A 24 1.56 7.03 -12.08
CA LEU A 24 0.34 7.77 -12.03
C LEU A 24 0.42 8.75 -10.89
N THR A 25 -0.60 9.59 -10.76
CA THR A 25 -0.65 10.58 -9.69
C THR A 25 -0.50 9.86 -8.35
N GLU A 26 -0.20 10.60 -7.30
CA GLU A 26 -0.02 10.03 -5.98
C GLU A 26 -1.33 9.37 -5.51
N LYS A 27 -2.46 10.02 -5.81
CA LYS A 27 -3.77 9.50 -5.42
C LYS A 27 -4.04 8.15 -6.09
N GLU A 28 -3.77 8.09 -7.40
CA GLU A 28 -3.98 6.86 -8.19
C GLU A 28 -2.94 5.79 -7.85
N CYS A 29 -1.73 6.24 -7.57
CA CYS A 29 -0.62 5.35 -7.25
C CYS A 29 -0.88 4.61 -5.94
N VAL A 30 -1.29 5.36 -4.91
CA VAL A 30 -1.55 4.76 -3.59
C VAL A 30 -2.68 3.72 -3.71
N LYS A 31 -3.77 4.09 -4.39
CA LYS A 31 -4.90 3.17 -4.55
C LYS A 31 -4.50 1.90 -5.30
N GLU A 32 -3.69 2.07 -6.34
CA GLU A 32 -3.22 0.94 -7.15
C GLU A 32 -2.28 0.05 -6.33
N LYS A 33 -1.30 0.66 -5.68
CA LYS A 33 -0.31 -0.06 -4.88
C LYS A 33 -0.99 -0.80 -3.71
N LEU A 34 -1.95 -0.12 -3.07
CA LEU A 34 -2.64 -0.70 -1.91
C LEU A 34 -3.21 -2.08 -2.24
N ASN A 35 -3.95 -2.18 -3.35
CA ASN A 35 -4.55 -3.45 -3.74
C ASN A 35 -3.49 -4.52 -4.07
N LEU A 36 -2.42 -4.11 -4.77
CA LEU A 36 -1.36 -5.05 -5.13
C LEU A 36 -0.76 -5.65 -3.86
N LEU A 37 -0.27 -4.78 -2.97
CA LEU A 37 0.33 -5.22 -1.72
C LEU A 37 -0.69 -5.95 -0.85
N HIS A 38 -1.93 -5.46 -0.86
CA HIS A 38 -3.01 -6.06 -0.06
C HIS A 38 -3.13 -7.55 -0.36
N GLU A 39 -3.03 -7.91 -1.64
CA GLU A 39 -3.10 -9.32 -2.06
C GLU A 39 -2.04 -10.19 -1.34
N PHE A 40 -1.03 -9.53 -0.75
CA PHE A 40 0.02 -10.22 0.01
C PHE A 40 -0.01 -9.82 1.49
N LEU A 41 -0.81 -8.81 1.84
CA LEU A 41 -0.91 -8.35 3.24
C LEU A 41 -2.20 -8.90 3.87
N GLN A 42 -2.18 -8.98 5.20
CA GLN A 42 -3.33 -9.48 5.95
C GLN A 42 -4.51 -8.49 5.85
N THR A 43 -5.73 -9.01 6.00
CA THR A 43 -6.93 -8.15 5.92
C THR A 43 -6.96 -7.12 7.05
N GLU A 44 -6.39 -7.47 8.21
CA GLU A 44 -6.34 -6.52 9.34
C GLU A 44 -5.69 -5.20 8.92
N ILE A 45 -4.94 -5.23 7.80
CA ILE A 45 -4.30 -4.03 7.27
C ILE A 45 -5.36 -3.12 6.69
N LYS A 46 -6.26 -3.71 5.90
CA LYS A 46 -7.38 -2.97 5.32
C LYS A 46 -8.24 -2.43 6.45
N ASN A 47 -8.38 -3.22 7.52
CA ASN A 47 -9.18 -2.84 8.68
C ASN A 47 -8.63 -1.54 9.28
N GLN A 48 -7.29 -1.45 9.38
CA GLN A 48 -6.67 -0.25 9.93
C GLN A 48 -6.96 0.94 9.02
N LEU A 49 -6.87 0.72 7.72
CA LEU A 49 -7.15 1.75 6.72
C LEU A 49 -8.62 2.12 6.71
N CYS A 50 -9.49 1.15 7.03
CA CYS A 50 -10.94 1.38 7.03
C CYS A 50 -11.35 2.44 8.05
N ASP A 51 -10.71 2.44 9.21
CA ASP A 51 -11.03 3.42 10.25
C ASP A 51 -10.70 4.82 9.76
N LEU A 52 -9.58 4.96 9.04
CA LEU A 52 -9.17 6.25 8.50
C LEU A 52 -10.24 6.77 7.51
N GLU A 53 -10.78 5.85 6.70
CA GLU A 53 -11.83 6.24 5.73
C GLU A 53 -12.98 6.93 6.44
N THR A 54 -13.32 6.41 7.62
CA THR A 54 -14.41 6.96 8.41
C THR A 54 -14.06 8.42 8.79
N LYS A 55 -12.78 8.66 9.11
CA LYS A 55 -12.33 10.01 9.45
C LYS A 55 -12.50 10.94 8.25
N LEU A 56 -12.20 10.41 7.05
CA LEU A 56 -12.35 11.20 5.81
C LEU A 56 -13.78 11.67 5.66
N ARG A 57 -14.71 10.84 6.14
CA ARG A 57 -16.14 11.15 6.04
C ARG A 57 -16.60 12.04 7.20
N LYS A 58 -15.74 12.24 8.20
CA LYS A 58 -16.04 13.13 9.32
C LYS A 58 -15.38 14.51 9.10
N GLU A 59 -14.66 14.66 7.98
CA GLU A 59 -13.97 15.91 7.65
C GLU A 59 -12.98 16.31 8.77
N GLU A 60 -12.46 15.30 9.46
CA GLU A 60 -11.48 15.52 10.55
C GLU A 60 -10.06 15.30 10.05
N LEU A 61 -9.91 14.44 9.04
CA LEU A 61 -8.61 14.13 8.47
C LEU A 61 -8.52 14.70 7.06
N SER A 62 -7.48 15.49 6.81
CA SER A 62 -7.27 16.09 5.51
C SER A 62 -6.92 15.02 4.48
N GLU A 63 -7.09 15.35 3.20
CA GLU A 63 -6.77 14.39 2.14
C GLU A 63 -5.30 14.00 2.27
N GLU A 64 -4.42 15.01 2.34
CA GLU A 64 -2.98 14.76 2.49
C GLU A 64 -2.71 13.95 3.75
N GLY A 65 -3.61 14.06 4.74
CA GLY A 65 -3.46 13.34 6.00
C GLY A 65 -3.50 11.85 5.74
N TYR A 66 -4.57 11.41 5.10
CA TYR A 66 -4.76 10.01 4.73
C TYR A 66 -3.65 9.56 3.76
N LEU A 67 -3.34 10.44 2.81
CA LEU A 67 -2.32 10.15 1.81
C LEU A 67 -0.96 9.92 2.47
N ALA A 68 -0.65 10.74 3.48
CA ALA A 68 0.64 10.63 4.19
C ALA A 68 0.60 9.54 5.28
N LYS A 69 -0.58 9.36 5.89
CA LYS A 69 -0.75 8.33 6.93
C LYS A 69 -0.68 6.93 6.32
N VAL A 70 -1.30 6.77 5.15
CA VAL A 70 -1.33 5.48 4.46
C VAL A 70 0.08 4.92 4.32
N LYS A 71 1.03 5.75 3.90
CA LYS A 71 2.40 5.28 3.71
C LYS A 71 2.95 4.70 5.02
N SER A 72 2.83 5.46 6.11
CA SER A 72 3.36 5.02 7.42
C SER A 72 2.97 3.56 7.74
N LEU A 73 1.66 3.26 7.74
CA LEU A 73 1.20 1.90 8.05
C LEU A 73 1.95 0.88 7.19
N LEU A 74 2.08 1.17 5.89
CA LEU A 74 2.76 0.25 4.98
C LEU A 74 4.19 0.01 5.44
N ASN A 75 4.87 1.10 5.82
CA ASN A 75 6.26 1.02 6.29
C ASN A 75 6.36 0.20 7.58
N LYS A 76 5.41 0.42 8.50
CA LYS A 76 5.39 -0.28 9.78
C LYS A 76 5.19 -1.79 9.60
N ASP A 77 4.43 -2.16 8.56
CA ASP A 77 4.18 -3.57 8.27
C ASP A 77 5.47 -4.29 7.89
N LEU A 78 6.32 -3.61 7.12
CA LEU A 78 7.60 -4.20 6.69
C LEU A 78 8.76 -3.80 7.61
N SER A 79 8.45 -3.14 8.74
CA SER A 79 9.49 -2.72 9.69
C SER A 79 10.33 -3.92 10.11
N LEU A 80 11.33 -3.68 10.96
CA LEU A 80 12.20 -4.77 11.43
C LEU A 80 11.39 -5.80 12.22
N GLU A 81 10.48 -5.30 13.06
CA GLU A 81 9.64 -6.19 13.87
C GLU A 81 8.30 -6.43 13.18
N GLY A 1 23.99 -15.76 3.89
CA GLY A 1 23.77 -17.21 3.53
C GLY A 1 22.58 -17.24 2.63
N HIS A 2 21.46 -17.72 3.22
CA HIS A 2 20.15 -17.84 2.57
C HIS A 2 19.18 -16.89 3.23
N MET A 3 18.28 -16.31 2.44
CA MET A 3 17.30 -15.39 2.97
C MET A 3 15.94 -15.66 2.32
N PRO A 4 14.92 -16.10 3.04
CA PRO A 4 13.58 -16.37 2.43
C PRO A 4 13.06 -15.15 1.69
N ALA A 5 12.30 -15.39 0.61
CA ALA A 5 11.75 -14.31 -0.19
C ALA A 5 10.90 -13.38 0.66
N ILE A 6 11.03 -12.09 0.36
CA ILE A 6 10.27 -11.04 1.06
C ILE A 6 9.70 -10.05 0.05
N SER A 7 10.48 -9.79 -1.01
CA SER A 7 10.07 -8.86 -2.05
C SER A 7 8.81 -9.39 -2.74
N LEU A 8 8.16 -8.50 -3.51
CA LEU A 8 6.91 -8.85 -4.20
C LEU A 8 7.13 -9.95 -5.25
N PRO A 9 6.08 -10.68 -5.63
CA PRO A 9 6.18 -11.76 -6.66
C PRO A 9 6.65 -11.21 -8.00
N ASP A 10 7.38 -12.03 -8.75
CA ASP A 10 7.91 -11.61 -10.05
C ASP A 10 6.78 -11.23 -11.00
N ASP A 11 5.65 -11.95 -10.95
CA ASP A 11 4.52 -11.63 -11.82
C ASP A 11 3.96 -10.27 -11.49
N VAL A 12 3.84 -9.96 -10.19
CA VAL A 12 3.32 -8.66 -9.75
C VAL A 12 4.29 -7.56 -10.19
N ARG A 13 5.56 -7.76 -9.85
CA ARG A 13 6.61 -6.78 -10.14
C ARG A 13 6.56 -6.31 -11.61
N ARG A 14 6.31 -7.24 -12.53
CA ARG A 14 6.25 -6.88 -13.96
C ARG A 14 5.17 -5.83 -14.20
N ARG A 15 4.01 -6.03 -13.56
CA ARG A 15 2.88 -5.11 -13.72
C ARG A 15 3.27 -3.70 -13.23
N LEU A 16 3.98 -3.63 -12.10
CA LEU A 16 4.42 -2.34 -11.55
C LEU A 16 5.36 -1.63 -12.51
N LYS A 17 6.24 -2.40 -13.16
CA LYS A 17 7.18 -1.83 -14.13
C LYS A 17 6.43 -1.15 -15.26
N ASP A 18 5.33 -1.79 -15.70
CA ASP A 18 4.51 -1.23 -16.77
C ASP A 18 3.93 0.11 -16.31
N LEU A 19 3.45 0.12 -15.05
CA LEU A 19 2.88 1.33 -14.47
C LEU A 19 3.93 2.43 -14.38
N GLU A 20 5.17 2.03 -14.07
CA GLU A 20 6.27 2.98 -13.94
C GLU A 20 6.46 3.78 -15.23
N ARG A 21 6.31 3.11 -16.38
CA ARG A 21 6.44 3.79 -17.68
C ARG A 21 5.22 4.69 -17.92
N ASP A 22 4.05 4.15 -17.60
CA ASP A 22 2.78 4.86 -17.77
C ASP A 22 2.75 6.15 -16.93
N SER A 23 3.37 6.08 -15.75
CA SER A 23 3.43 7.23 -14.83
C SER A 23 2.05 7.51 -14.23
N LEU A 24 1.93 7.27 -12.93
CA LEU A 24 0.72 7.51 -12.18
C LEU A 24 1.06 8.39 -11.00
N THR A 25 0.14 9.26 -10.62
CA THR A 25 0.36 10.16 -9.48
C THR A 25 0.39 9.33 -8.20
N GLU A 26 0.75 9.98 -7.10
CA GLU A 26 0.80 9.30 -5.81
C GLU A 26 -0.59 8.84 -5.39
N LYS A 27 -1.60 9.67 -5.68
CA LYS A 27 -2.98 9.34 -5.31
C LYS A 27 -3.43 8.05 -5.98
N GLU A 28 -3.10 7.93 -7.28
CA GLU A 28 -3.44 6.75 -8.07
C GLU A 28 -2.50 5.58 -7.76
N CYS A 29 -1.24 5.90 -7.46
CA CYS A 29 -0.24 4.89 -7.16
C CYS A 29 -0.61 4.11 -5.89
N VAL A 30 -0.96 4.84 -4.84
CA VAL A 30 -1.32 4.21 -3.57
C VAL A 30 -2.57 3.34 -3.72
N LYS A 31 -3.59 3.85 -4.42
CA LYS A 31 -4.84 3.11 -4.62
C LYS A 31 -4.58 1.81 -5.39
N GLU A 32 -3.74 1.89 -6.41
CA GLU A 32 -3.42 0.72 -7.24
C GLU A 32 -2.54 -0.28 -6.45
N LYS A 33 -1.54 0.25 -5.75
CA LYS A 33 -0.64 -0.59 -4.95
C LYS A 33 -1.39 -1.30 -3.83
N LEU A 34 -2.31 -0.59 -3.18
CA LEU A 34 -3.06 -1.17 -2.06
C LEU A 34 -3.76 -2.47 -2.48
N ASN A 35 -4.51 -2.41 -3.58
CA ASN A 35 -5.24 -3.59 -4.06
C ASN A 35 -4.29 -4.72 -4.46
N LEU A 36 -3.16 -4.38 -5.09
CA LEU A 36 -2.19 -5.40 -5.50
C LEU A 36 -1.63 -6.10 -4.25
N LEU A 37 -1.05 -5.31 -3.35
CA LEU A 37 -0.48 -5.86 -2.11
C LEU A 37 -1.54 -6.58 -1.27
N HIS A 38 -2.83 -6.36 -1.60
CA HIS A 38 -3.94 -6.98 -0.87
C HIS A 38 -3.75 -8.50 -0.77
N GLU A 39 -3.28 -9.11 -1.87
CA GLU A 39 -3.06 -10.55 -1.91
C GLU A 39 -2.07 -10.99 -0.81
N PHE A 40 -1.23 -10.05 -0.37
CA PHE A 40 -0.25 -10.32 0.69
C PHE A 40 -0.61 -9.61 1.99
N LEU A 41 -1.57 -8.65 1.93
CA LEU A 41 -2.01 -7.93 3.13
C LEU A 41 -3.22 -8.63 3.71
N GLN A 42 -3.18 -8.88 5.03
CA GLN A 42 -4.29 -9.54 5.71
C GLN A 42 -5.44 -8.55 5.90
N THR A 43 -6.64 -9.06 6.14
CA THR A 43 -7.82 -8.23 6.34
C THR A 43 -7.66 -7.36 7.59
N GLU A 44 -7.01 -7.91 8.63
CA GLU A 44 -6.79 -7.14 9.87
C GLU A 44 -6.15 -5.78 9.55
N ILE A 45 -5.42 -5.73 8.44
CA ILE A 45 -4.78 -4.50 7.98
C ILE A 45 -5.86 -3.57 7.43
N LYS A 46 -6.81 -4.14 6.68
CA LYS A 46 -7.91 -3.37 6.11
C LYS A 46 -8.67 -2.67 7.25
N ASN A 47 -8.76 -3.35 8.39
CA ASN A 47 -9.44 -2.80 9.56
C ASN A 47 -8.72 -1.53 10.02
N GLN A 48 -7.37 -1.57 10.00
CA GLN A 48 -6.59 -0.40 10.41
C GLN A 48 -6.85 0.76 9.45
N LEU A 49 -6.85 0.44 8.15
CA LEU A 49 -7.10 1.44 7.12
C LEU A 49 -8.51 2.01 7.23
N CYS A 50 -9.47 1.13 7.58
CA CYS A 50 -10.86 1.54 7.69
C CYS A 50 -11.02 2.72 8.63
N ASP A 51 -10.40 2.65 9.81
CA ASP A 51 -10.50 3.75 10.77
C ASP A 51 -10.07 5.06 10.13
N LEU A 52 -8.97 5.02 9.38
CA LEU A 52 -8.47 6.22 8.71
C LEU A 52 -9.49 6.69 7.68
N GLU A 53 -10.09 5.74 6.95
CA GLU A 53 -11.10 6.08 5.93
C GLU A 53 -12.24 6.86 6.56
N THR A 54 -12.61 6.48 7.78
CA THR A 54 -13.67 7.15 8.51
C THR A 54 -13.36 8.64 8.67
N LYS A 55 -12.07 8.94 8.91
CA LYS A 55 -11.62 10.32 9.05
C LYS A 55 -11.82 11.06 7.72
N LEU A 56 -11.51 10.37 6.62
CA LEU A 56 -11.66 10.95 5.27
C LEU A 56 -13.13 11.27 5.01
N ARG A 57 -13.99 10.37 5.48
CA ARG A 57 -15.43 10.52 5.30
C ARG A 57 -15.96 11.70 6.10
N LYS A 58 -15.45 11.89 7.32
CA LYS A 58 -15.87 13.03 8.16
C LYS A 58 -14.99 14.26 7.86
N GLU A 59 -14.05 14.13 6.89
CA GLU A 59 -13.15 15.23 6.53
C GLU A 59 -12.33 15.70 7.75
N GLU A 60 -12.09 14.78 8.68
CA GLU A 60 -11.30 15.09 9.89
C GLU A 60 -9.80 14.94 9.62
N LEU A 61 -9.46 14.13 8.62
CA LEU A 61 -8.05 13.88 8.25
C LEU A 61 -7.77 14.54 6.90
N SER A 62 -6.55 15.07 6.76
CA SER A 62 -6.15 15.72 5.53
C SER A 62 -5.85 14.67 4.47
N GLU A 63 -5.96 15.04 3.19
CA GLU A 63 -5.69 14.09 2.12
C GLU A 63 -4.27 13.58 2.26
N GLU A 64 -3.31 14.51 2.39
CA GLU A 64 -1.91 14.13 2.57
C GLU A 64 -1.72 13.33 3.85
N GLY A 65 -2.67 13.48 4.79
CA GLY A 65 -2.62 12.76 6.05
C GLY A 65 -2.73 11.26 5.79
N TYR A 66 -3.83 10.89 5.15
CA TYR A 66 -4.10 9.50 4.79
C TYR A 66 -3.01 8.99 3.82
N LEU A 67 -2.67 9.83 2.86
CA LEU A 67 -1.64 9.47 1.86
C LEU A 67 -0.30 9.19 2.54
N ALA A 68 0.03 10.00 3.55
CA ALA A 68 1.30 9.83 4.27
C ALA A 68 1.20 8.74 5.35
N LYS A 69 0.00 8.57 5.91
CA LYS A 69 -0.23 7.53 6.94
C LYS A 69 -0.19 6.14 6.30
N VAL A 70 -0.81 6.03 5.13
CA VAL A 70 -0.89 4.75 4.41
C VAL A 70 0.51 4.21 4.12
N LYS A 71 1.38 5.06 3.57
CA LYS A 71 2.74 4.64 3.24
C LYS A 71 3.41 3.93 4.42
N SER A 72 3.58 4.66 5.53
CA SER A 72 4.25 4.11 6.72
C SER A 72 3.71 2.73 7.09
N LEU A 73 2.38 2.55 7.09
CA LEU A 73 1.78 1.26 7.44
C LEU A 73 2.29 0.16 6.49
N LEU A 74 2.31 0.44 5.18
CA LEU A 74 2.73 -0.56 4.20
C LEU A 74 4.13 -1.06 4.53
N ASN A 75 5.06 -0.13 4.74
CA ASN A 75 6.44 -0.49 5.08
C ASN A 75 6.52 -1.12 6.48
N LYS A 76 5.70 -0.61 7.40
CA LYS A 76 5.68 -1.10 8.78
C LYS A 76 5.30 -2.58 8.83
N ASP A 77 4.28 -2.96 8.04
CA ASP A 77 3.81 -4.35 8.02
C ASP A 77 4.95 -5.26 7.55
N LEU A 78 5.72 -4.81 6.57
CA LEU A 78 6.83 -5.62 6.06
C LEU A 78 8.17 -5.26 6.75
N SER A 79 8.13 -4.31 7.69
CA SER A 79 9.36 -3.90 8.40
C SER A 79 9.96 -5.07 9.17
N LEU A 80 9.10 -5.97 9.65
CA LEU A 80 9.55 -7.15 10.40
C LEU A 80 9.57 -8.37 9.49
N GLU A 81 10.76 -8.75 9.05
CA GLU A 81 10.94 -9.91 8.17
C GLU A 81 10.07 -9.77 6.91
N GLY A 1 21.36 -7.19 1.14
CA GLY A 1 20.22 -6.28 0.77
C GLY A 1 18.96 -7.11 0.76
N HIS A 2 18.23 -7.03 -0.38
CA HIS A 2 16.95 -7.73 -0.65
C HIS A 2 17.18 -8.63 -1.83
N MET A 3 16.54 -9.77 -1.84
CA MET A 3 16.71 -10.70 -2.94
C MET A 3 15.76 -10.37 -4.10
N PRO A 4 15.99 -10.90 -5.32
CA PRO A 4 15.09 -10.63 -6.50
C PRO A 4 13.64 -10.99 -6.22
N ALA A 5 13.45 -11.89 -5.27
CA ALA A 5 12.12 -12.35 -4.88
C ALA A 5 11.98 -12.37 -3.35
N ILE A 6 12.03 -11.18 -2.75
CA ILE A 6 11.91 -11.04 -1.30
C ILE A 6 10.49 -11.40 -0.85
N SER A 7 9.53 -10.93 -1.65
CA SER A 7 8.12 -11.17 -1.38
C SER A 7 7.31 -11.01 -2.66
N LEU A 8 6.06 -11.43 -2.61
CA LEU A 8 5.13 -11.36 -3.73
C LEU A 8 5.57 -12.29 -4.87
N PRO A 9 4.66 -12.92 -5.62
CA PRO A 9 5.05 -13.82 -6.76
C PRO A 9 5.78 -13.06 -7.87
N ASP A 10 6.66 -13.76 -8.59
CA ASP A 10 7.44 -13.15 -9.68
C ASP A 10 6.53 -12.64 -10.79
N ASP A 11 5.42 -13.36 -11.06
CA ASP A 11 4.49 -12.94 -12.11
C ASP A 11 3.83 -11.61 -11.73
N VAL A 12 3.44 -11.48 -10.46
CA VAL A 12 2.81 -10.23 -9.99
C VAL A 12 3.83 -9.10 -10.08
N ARG A 13 5.00 -9.34 -9.50
CA ARG A 13 6.08 -8.34 -9.47
C ARG A 13 6.33 -7.72 -10.85
N ARG A 14 6.20 -8.54 -11.90
CA ARG A 14 6.41 -8.03 -13.27
C ARG A 14 5.40 -6.93 -13.60
N ARG A 15 4.14 -7.16 -13.22
CA ARG A 15 3.05 -6.19 -13.50
C ARG A 15 3.41 -4.81 -12.94
N LEU A 16 3.99 -4.78 -11.74
CA LEU A 16 4.39 -3.53 -11.09
C LEU A 16 5.49 -2.83 -11.91
N LYS A 17 6.37 -3.63 -12.52
CA LYS A 17 7.46 -3.08 -13.33
C LYS A 17 6.88 -2.25 -14.47
N ASP A 18 5.77 -2.72 -15.06
CA ASP A 18 5.12 -1.99 -16.15
C ASP A 18 4.60 -0.64 -15.63
N LEU A 19 4.04 -0.67 -14.41
CA LEU A 19 3.52 0.54 -13.78
C LEU A 19 4.65 1.55 -13.56
N GLU A 20 5.82 1.04 -13.18
CA GLU A 20 6.98 1.87 -12.94
C GLU A 20 7.32 2.72 -14.18
N ARG A 21 7.18 2.13 -15.37
CA ARG A 21 7.43 2.86 -16.62
C ARG A 21 6.33 3.91 -16.85
N ASP A 22 5.10 3.49 -16.58
CA ASP A 22 3.93 4.36 -16.75
C ASP A 22 4.04 5.59 -15.87
N SER A 23 4.61 5.42 -14.68
CA SER A 23 4.79 6.52 -13.73
C SER A 23 3.43 7.07 -13.28
N LEU A 24 3.15 6.86 -11.99
CA LEU A 24 1.93 7.33 -11.37
C LEU A 24 2.32 8.13 -10.14
N THR A 25 1.45 9.06 -9.74
CA THR A 25 1.72 9.88 -8.55
C THR A 25 1.63 8.99 -7.31
N GLU A 26 2.04 9.52 -6.16
CA GLU A 26 1.97 8.76 -4.91
C GLU A 26 0.52 8.39 -4.57
N LYS A 27 -0.38 9.33 -4.81
CA LYS A 27 -1.81 9.12 -4.54
C LYS A 27 -2.33 7.93 -5.35
N GLU A 28 -1.90 7.87 -6.62
CA GLU A 28 -2.30 6.80 -7.53
C GLU A 28 -1.51 5.51 -7.27
N CYS A 29 -0.23 5.67 -6.87
CA CYS A 29 0.63 4.51 -6.60
C CYS A 29 0.12 3.71 -5.42
N VAL A 30 -0.21 4.39 -4.33
CA VAL A 30 -0.71 3.70 -3.14
C VAL A 30 -2.05 3.00 -3.46
N LYS A 31 -2.93 3.68 -4.18
CA LYS A 31 -4.24 3.11 -4.54
C LYS A 31 -4.08 1.77 -5.30
N GLU A 32 -3.15 1.72 -6.26
CA GLU A 32 -2.92 0.49 -7.03
C GLU A 32 -2.16 -0.56 -6.21
N LYS A 33 -1.11 -0.10 -5.50
CA LYS A 33 -0.28 -1.00 -4.68
C LYS A 33 -1.12 -1.68 -3.60
N LEU A 34 -2.03 -0.91 -3.01
CA LEU A 34 -2.87 -1.45 -1.93
C LEU A 34 -3.62 -2.69 -2.39
N ASN A 35 -4.32 -2.57 -3.52
CA ASN A 35 -5.13 -3.69 -4.04
C ASN A 35 -4.27 -4.93 -4.33
N LEU A 36 -3.09 -4.70 -4.93
CA LEU A 36 -2.20 -5.83 -5.25
C LEU A 36 -1.74 -6.51 -3.97
N LEU A 37 -1.16 -5.71 -3.06
CA LEU A 37 -0.67 -6.22 -1.79
C LEU A 37 -1.81 -6.81 -0.96
N HIS A 38 -3.00 -6.22 -1.08
CA HIS A 38 -4.17 -6.68 -0.33
C HIS A 38 -4.38 -8.18 -0.54
N GLU A 39 -4.23 -8.64 -1.78
CA GLU A 39 -4.40 -10.07 -2.10
C GLU A 39 -3.46 -10.95 -1.26
N PHE A 40 -2.40 -10.35 -0.72
CA PHE A 40 -1.44 -11.08 0.13
C PHE A 40 -1.48 -10.59 1.59
N LEU A 41 -2.27 -9.53 1.85
CA LEU A 41 -2.42 -9.00 3.21
C LEU A 41 -3.71 -9.50 3.83
N GLN A 42 -3.72 -9.63 5.16
CA GLN A 42 -4.91 -10.09 5.87
C GLN A 42 -6.01 -9.02 5.80
N THR A 43 -7.28 -9.45 5.94
CA THR A 43 -8.41 -8.53 5.87
C THR A 43 -8.33 -7.48 6.99
N GLU A 44 -7.91 -7.91 8.18
CA GLU A 44 -7.77 -6.99 9.32
C GLU A 44 -6.92 -5.76 8.93
N ILE A 45 -6.12 -5.90 7.85
CA ILE A 45 -5.31 -4.81 7.34
C ILE A 45 -6.23 -3.77 6.70
N LYS A 46 -7.20 -4.27 5.90
CA LYS A 46 -8.19 -3.40 5.26
C LYS A 46 -9.01 -2.70 6.35
N ASN A 47 -9.26 -3.43 7.44
CA ASN A 47 -10.01 -2.90 8.58
C ASN A 47 -9.28 -1.70 9.18
N GLN A 48 -7.95 -1.83 9.31
CA GLN A 48 -7.14 -0.75 9.85
C GLN A 48 -7.25 0.48 8.96
N LEU A 49 -7.12 0.26 7.66
CA LEU A 49 -7.22 1.33 6.68
C LEU A 49 -8.64 1.88 6.63
N CYS A 50 -9.63 1.02 6.86
CA CYS A 50 -11.03 1.43 6.81
C CYS A 50 -11.34 2.54 7.80
N ASP A 51 -10.81 2.42 9.01
CA ASP A 51 -11.04 3.42 10.04
C ASP A 51 -10.48 4.78 9.59
N LEU A 52 -9.29 4.74 8.97
CA LEU A 52 -8.66 5.97 8.49
C LEU A 52 -9.55 6.64 7.43
N GLU A 53 -10.15 5.83 6.56
CA GLU A 53 -11.04 6.35 5.51
C GLU A 53 -12.14 7.20 6.12
N THR A 54 -12.63 6.78 7.29
CA THR A 54 -13.69 7.49 8.00
C THR A 54 -13.23 8.91 8.29
N LYS A 55 -11.95 9.07 8.63
CA LYS A 55 -11.39 10.39 8.90
C LYS A 55 -11.42 11.23 7.61
N LEU A 56 -11.08 10.59 6.49
CA LEU A 56 -11.07 11.27 5.18
C LEU A 56 -12.48 11.75 4.83
N ARG A 57 -13.45 10.90 5.13
CA ARG A 57 -14.86 11.20 4.86
C ARG A 57 -15.32 12.39 5.69
N LYS A 58 -14.93 12.41 6.98
CA LYS A 58 -15.29 13.52 7.86
C LYS A 58 -14.24 14.65 7.78
N GLU A 59 -13.23 14.51 6.90
CA GLU A 59 -12.18 15.51 6.74
C GLU A 59 -11.46 15.80 8.09
N GLU A 60 -11.47 14.80 8.98
CA GLU A 60 -10.81 14.93 10.29
C GLU A 60 -9.30 14.70 10.19
N LEU A 61 -8.89 13.99 9.13
CA LEU A 61 -7.47 13.69 8.90
C LEU A 61 -6.97 14.47 7.67
N SER A 62 -5.71 14.90 7.74
CA SER A 62 -5.09 15.65 6.65
C SER A 62 -4.91 14.73 5.45
N GLU A 63 -4.91 15.32 4.25
CA GLU A 63 -4.74 14.54 3.04
C GLU A 63 -3.39 13.81 3.11
N GLU A 64 -2.33 14.56 3.46
CA GLU A 64 -1.00 13.97 3.60
C GLU A 64 -0.94 13.03 4.83
N GLY A 65 -1.91 13.16 5.74
CA GLY A 65 -1.98 12.32 6.93
C GLY A 65 -2.26 10.88 6.52
N TYR A 66 -3.34 10.70 5.76
CA TYR A 66 -3.73 9.39 5.26
C TYR A 66 -2.66 8.85 4.32
N LEU A 67 -2.15 9.73 3.45
CA LEU A 67 -1.13 9.34 2.48
C LEU A 67 0.13 8.85 3.18
N ALA A 68 0.53 9.54 4.26
CA ALA A 68 1.74 9.16 5.00
C ALA A 68 1.44 8.05 6.03
N LYS A 69 0.20 8.00 6.54
CA LYS A 69 -0.20 6.97 7.51
C LYS A 69 -0.33 5.60 6.82
N VAL A 70 -0.96 5.61 5.64
CA VAL A 70 -1.19 4.38 4.88
C VAL A 70 0.12 3.66 4.60
N LYS A 71 1.10 4.38 4.10
CA LYS A 71 2.39 3.78 3.77
C LYS A 71 3.01 3.13 5.00
N SER A 72 3.10 3.89 6.09
CA SER A 72 3.71 3.39 7.33
C SER A 72 3.19 1.99 7.69
N LEU A 73 1.86 1.81 7.72
CA LEU A 73 1.27 0.52 8.07
C LEU A 73 1.81 -0.57 7.12
N LEU A 74 1.89 -0.26 5.82
CA LEU A 74 2.36 -1.24 4.84
C LEU A 74 3.76 -1.73 5.21
N ASN A 75 4.63 -0.80 5.58
CA ASN A 75 6.00 -1.15 5.99
C ASN A 75 6.00 -1.96 7.29
N LYS A 76 5.10 -1.59 8.21
CA LYS A 76 4.99 -2.29 9.50
C LYS A 76 4.63 -3.76 9.33
N ASP A 77 3.70 -4.04 8.42
CA ASP A 77 3.28 -5.43 8.17
C ASP A 77 4.45 -6.26 7.63
N LEU A 78 5.32 -5.62 6.85
CA LEU A 78 6.49 -6.31 6.28
C LEU A 78 7.69 -6.28 7.23
N SER A 79 7.74 -5.30 8.13
CA SER A 79 8.86 -5.21 9.07
C SER A 79 8.64 -6.17 10.24
N LEU A 80 9.69 -6.93 10.58
CA LEU A 80 9.61 -7.88 11.68
C LEU A 80 9.37 -7.16 13.00
N GLU A 81 10.07 -6.05 13.19
CA GLU A 81 9.94 -5.24 14.41
C GLU A 81 9.95 -3.76 14.07
N GLY A 1 23.30 -12.24 -8.60
CA GLY A 1 22.16 -12.93 -7.90
C GLY A 1 22.32 -14.46 -7.85
N HIS A 2 23.37 -14.92 -7.17
CA HIS A 2 23.56 -16.36 -6.96
C HIS A 2 22.35 -16.93 -6.18
N MET A 3 21.93 -16.26 -5.09
CA MET A 3 20.78 -16.75 -4.30
C MET A 3 19.60 -15.75 -4.38
N PRO A 4 18.63 -15.94 -5.28
CA PRO A 4 17.47 -15.00 -5.41
C PRO A 4 16.67 -14.92 -4.11
N ALA A 5 16.10 -13.75 -3.85
CA ALA A 5 15.31 -13.54 -2.64
C ALA A 5 14.38 -12.35 -2.80
N ILE A 6 13.20 -12.62 -3.35
CA ILE A 6 12.20 -11.58 -3.59
C ILE A 6 11.10 -11.66 -2.53
N SER A 7 10.83 -10.52 -1.92
CA SER A 7 9.81 -10.41 -0.88
C SER A 7 8.41 -10.68 -1.43
N LEU A 8 8.14 -10.18 -2.65
CA LEU A 8 6.82 -10.34 -3.27
C LEU A 8 6.87 -11.31 -4.47
N PRO A 9 5.72 -11.80 -4.94
CA PRO A 9 5.67 -12.72 -6.12
C PRO A 9 6.26 -12.07 -7.37
N ASP A 10 6.84 -12.91 -8.23
CA ASP A 10 7.47 -12.42 -9.45
C ASP A 10 6.46 -11.71 -10.36
N ASP A 11 5.22 -12.25 -10.45
CA ASP A 11 4.20 -11.63 -11.29
C ASP A 11 3.84 -10.24 -10.77
N VAL A 12 3.73 -10.11 -9.45
CA VAL A 12 3.39 -8.82 -8.83
C VAL A 12 4.51 -7.81 -9.16
N ARG A 13 5.73 -8.18 -8.76
CA ARG A 13 6.90 -7.32 -8.94
C ARG A 13 7.01 -6.79 -10.38
N ARG A 14 6.85 -7.68 -11.37
CA ARG A 14 6.93 -7.27 -12.77
C ARG A 14 5.94 -6.14 -13.06
N ARG A 15 4.73 -6.26 -12.53
CA ARG A 15 3.68 -5.24 -12.74
C ARG A 15 4.11 -3.90 -12.16
N LEU A 16 4.76 -3.94 -10.98
CA LEU A 16 5.23 -2.71 -10.33
C LEU A 16 6.24 -1.97 -11.20
N LYS A 17 7.14 -2.73 -11.83
CA LYS A 17 8.16 -2.15 -12.69
C LYS A 17 7.49 -1.39 -13.83
N ASP A 18 6.42 -1.98 -14.40
CA ASP A 18 5.68 -1.33 -15.48
C ASP A 18 5.06 -0.04 -14.98
N LEU A 19 4.45 -0.11 -13.79
CA LEU A 19 3.81 1.06 -13.19
C LEU A 19 4.83 2.15 -12.92
N GLU A 20 6.02 1.74 -12.48
CA GLU A 20 7.10 2.66 -12.17
C GLU A 20 7.49 3.49 -13.40
N ARG A 21 7.58 2.81 -14.55
CA ARG A 21 7.92 3.49 -15.80
C ARG A 21 6.74 4.37 -16.25
N ASP A 22 5.54 3.81 -16.10
CA ASP A 22 4.32 4.51 -16.49
C ASP A 22 4.16 5.81 -15.68
N SER A 23 4.55 5.75 -14.41
CA SER A 23 4.47 6.89 -13.50
C SER A 23 3.10 7.56 -13.56
N LEU A 24 2.31 7.32 -12.52
CA LEU A 24 0.97 7.90 -12.40
C LEU A 24 1.04 9.08 -11.39
N THR A 25 0.63 8.82 -10.16
CA THR A 25 0.63 9.81 -9.08
C THR A 25 0.65 9.07 -7.75
N GLU A 26 0.91 9.79 -6.67
CA GLU A 26 0.95 9.16 -5.34
C GLU A 26 -0.42 8.60 -4.98
N LYS A 27 -1.46 9.39 -5.26
CA LYS A 27 -2.83 9.01 -4.97
C LYS A 27 -3.22 7.74 -5.73
N GLU A 28 -2.82 7.68 -7.00
CA GLU A 28 -3.10 6.52 -7.86
C GLU A 28 -2.15 5.36 -7.56
N CYS A 29 -0.95 5.69 -7.10
CA CYS A 29 0.07 4.69 -6.78
C CYS A 29 -0.30 3.91 -5.53
N VAL A 30 -0.67 4.63 -4.48
CA VAL A 30 -1.05 4.00 -3.21
C VAL A 30 -2.29 3.11 -3.39
N LYS A 31 -3.28 3.61 -4.14
CA LYS A 31 -4.52 2.87 -4.36
C LYS A 31 -4.21 1.50 -4.99
N GLU A 32 -3.31 1.48 -5.98
CA GLU A 32 -2.94 0.23 -6.65
C GLU A 32 -2.09 -0.65 -5.73
N LYS A 33 -1.12 -0.03 -5.05
CA LYS A 33 -0.22 -0.74 -4.14
C LYS A 33 -1.00 -1.39 -3.00
N LEU A 34 -2.05 -0.71 -2.54
CA LEU A 34 -2.86 -1.21 -1.43
C LEU A 34 -3.50 -2.56 -1.78
N ASN A 35 -4.12 -2.65 -2.96
CA ASN A 35 -4.80 -3.87 -3.39
C ASN A 35 -3.83 -5.04 -3.50
N LEU A 36 -2.66 -4.80 -4.09
CA LEU A 36 -1.66 -5.86 -4.27
C LEU A 36 -1.27 -6.41 -2.89
N LEU A 37 -0.90 -5.51 -1.99
CA LEU A 37 -0.49 -5.90 -0.65
C LEU A 37 -1.64 -6.57 0.10
N HIS A 38 -2.86 -6.05 -0.11
CA HIS A 38 -4.05 -6.60 0.56
C HIS A 38 -4.17 -8.10 0.31
N GLU A 39 -3.91 -8.51 -0.93
CA GLU A 39 -3.98 -9.93 -1.32
C GLU A 39 -3.04 -10.79 -0.45
N PHE A 40 -2.07 -10.13 0.21
CA PHE A 40 -1.13 -10.82 1.10
C PHE A 40 -1.29 -10.34 2.56
N LEU A 41 -2.04 -9.25 2.75
CA LEU A 41 -2.27 -8.71 4.10
C LEU A 41 -3.67 -9.08 4.58
N GLN A 42 -3.76 -9.53 5.84
CA GLN A 42 -5.05 -9.93 6.42
C GLN A 42 -6.05 -8.78 6.29
N THR A 43 -7.34 -9.10 6.39
CA THR A 43 -8.39 -8.07 6.28
C THR A 43 -8.31 -7.08 7.45
N GLU A 44 -7.77 -7.51 8.59
CA GLU A 44 -7.63 -6.62 9.75
C GLU A 44 -6.89 -5.33 9.35
N ILE A 45 -6.10 -5.41 8.29
CA ILE A 45 -5.37 -4.26 7.77
C ILE A 45 -6.36 -3.32 7.08
N LYS A 46 -7.24 -3.91 6.27
CA LYS A 46 -8.27 -3.14 5.56
C LYS A 46 -9.14 -2.42 6.59
N ASN A 47 -9.36 -3.10 7.73
CA ASN A 47 -10.15 -2.54 8.82
C ASN A 47 -9.50 -1.26 9.34
N GLN A 48 -8.20 -1.35 9.65
CA GLN A 48 -7.47 -0.18 10.16
C GLN A 48 -7.59 0.99 9.18
N LEU A 49 -7.42 0.67 7.90
CA LEU A 49 -7.52 1.67 6.84
C LEU A 49 -8.94 2.23 6.75
N CYS A 50 -9.93 1.36 6.91
CA CYS A 50 -11.33 1.77 6.81
C CYS A 50 -11.65 2.90 7.78
N ASP A 51 -11.17 2.78 9.02
CA ASP A 51 -11.41 3.81 10.03
C ASP A 51 -10.89 5.16 9.55
N LEU A 52 -9.68 5.17 8.98
CA LEU A 52 -9.10 6.41 8.48
C LEU A 52 -9.94 6.99 7.34
N GLU A 53 -10.44 6.09 6.48
CA GLU A 53 -11.28 6.49 5.35
C GLU A 53 -12.53 7.21 5.85
N THR A 54 -13.05 6.76 7.00
CA THR A 54 -14.24 7.37 7.60
C THR A 54 -13.94 8.82 7.98
N LYS A 55 -12.69 9.09 8.40
CA LYS A 55 -12.27 10.44 8.76
C LYS A 55 -12.31 11.33 7.52
N LEU A 56 -11.93 10.76 6.36
CA LEU A 56 -11.94 11.49 5.10
C LEU A 56 -13.36 11.93 4.75
N ARG A 57 -14.32 11.09 5.12
CA ARG A 57 -15.73 11.37 4.87
C ARG A 57 -16.29 12.37 5.87
N LYS A 58 -15.67 12.48 7.04
CA LYS A 58 -16.11 13.45 8.05
C LYS A 58 -15.28 14.75 7.93
N GLU A 59 -14.38 14.81 6.92
CA GLU A 59 -13.54 15.98 6.69
C GLU A 59 -12.78 16.37 7.98
N GLU A 60 -12.45 15.36 8.76
CA GLU A 60 -11.71 15.55 10.02
C GLU A 60 -10.21 15.26 9.82
N LEU A 61 -9.89 14.51 8.76
CA LEU A 61 -8.51 14.15 8.45
C LEU A 61 -8.05 14.90 7.19
N SER A 62 -6.77 15.27 7.19
CA SER A 62 -6.19 15.97 6.05
C SER A 62 -5.98 15.01 4.90
N GLU A 63 -6.07 15.50 3.65
CA GLU A 63 -5.87 14.64 2.50
C GLU A 63 -4.48 14.01 2.60
N GLU A 64 -3.48 14.84 2.87
CA GLU A 64 -2.11 14.36 3.04
C GLU A 64 -1.98 13.50 4.30
N GLY A 65 -2.93 13.69 5.23
CA GLY A 65 -2.92 12.92 6.48
C GLY A 65 -3.08 11.44 6.17
N TYR A 66 -4.15 11.11 5.48
CA TYR A 66 -4.44 9.74 5.08
C TYR A 66 -3.33 9.21 4.16
N LEU A 67 -2.90 10.07 3.23
CA LEU A 67 -1.85 9.70 2.27
C LEU A 67 -0.55 9.35 3.00
N ALA A 68 -0.22 10.12 4.04
CA ALA A 68 1.01 9.89 4.80
C ALA A 68 0.82 8.79 5.87
N LYS A 69 -0.38 8.71 6.44
CA LYS A 69 -0.69 7.68 7.44
C LYS A 69 -0.68 6.29 6.81
N VAL A 70 -1.28 6.20 5.61
CA VAL A 70 -1.39 4.93 4.90
C VAL A 70 -0.02 4.25 4.82
N LYS A 71 1.01 5.01 4.44
CA LYS A 71 2.35 4.43 4.31
C LYS A 71 2.78 3.75 5.61
N SER A 72 2.71 4.49 6.72
CA SER A 72 3.14 3.97 8.03
C SER A 72 2.60 2.55 8.28
N LEU A 73 1.29 2.35 8.21
CA LEU A 73 0.69 1.03 8.44
C LEU A 73 1.36 -0.02 7.55
N LEU A 74 1.56 0.30 6.27
CA LEU A 74 2.16 -0.66 5.34
C LEU A 74 3.53 -1.08 5.83
N ASN A 75 4.34 -0.11 6.24
CA ASN A 75 5.69 -0.38 6.75
C ASN A 75 5.64 -1.18 8.05
N LYS A 76 4.70 -0.80 8.93
CA LYS A 76 4.55 -1.47 10.23
C LYS A 76 4.17 -2.93 10.06
N ASP A 77 3.31 -3.22 9.10
CA ASP A 77 2.86 -4.59 8.85
C ASP A 77 4.04 -5.49 8.49
N LEU A 78 4.94 -4.98 7.65
CA LEU A 78 6.13 -5.74 7.24
C LEU A 78 7.26 -5.62 8.27
N SER A 79 7.10 -4.76 9.29
CA SER A 79 8.13 -4.58 10.31
C SER A 79 8.42 -5.89 11.04
N LEU A 80 7.36 -6.64 11.37
CA LEU A 80 7.51 -7.92 12.04
C LEU A 80 8.24 -8.89 11.13
N GLU A 81 7.86 -8.91 9.85
CA GLU A 81 8.49 -9.80 8.87
C GLU A 81 9.89 -9.31 8.53
N GLY A 1 16.64 -24.14 -10.01
CA GLY A 1 17.43 -22.89 -10.19
C GLY A 1 17.49 -22.12 -8.88
N HIS A 2 16.82 -20.98 -8.90
CA HIS A 2 16.71 -20.10 -7.73
C HIS A 2 15.29 -20.15 -7.20
N MET A 3 15.13 -20.39 -5.90
CA MET A 3 13.79 -20.46 -5.32
C MET A 3 13.29 -19.05 -4.95
N PRO A 4 11.99 -18.88 -4.72
CA PRO A 4 11.43 -17.53 -4.33
C PRO A 4 12.04 -17.03 -3.03
N ALA A 5 12.13 -15.72 -2.87
CA ALA A 5 12.70 -15.12 -1.67
C ALA A 5 11.61 -14.54 -0.78
N ILE A 6 12.01 -14.16 0.44
CA ILE A 6 11.09 -13.58 1.41
C ILE A 6 10.52 -12.24 0.89
N SER A 7 11.41 -11.42 0.33
CA SER A 7 11.03 -10.11 -0.20
C SER A 7 9.91 -10.26 -1.23
N LEU A 8 9.39 -9.12 -1.71
CA LEU A 8 8.29 -9.13 -2.68
C LEU A 8 8.50 -10.14 -3.82
N PRO A 9 7.45 -10.81 -4.32
CA PRO A 9 7.58 -11.79 -5.44
C PRO A 9 8.02 -11.11 -6.73
N ASP A 10 8.70 -11.87 -7.59
CA ASP A 10 9.19 -11.36 -8.86
C ASP A 10 8.03 -10.95 -9.78
N ASP A 11 6.91 -11.69 -9.71
CA ASP A 11 5.74 -11.36 -10.54
C ASP A 11 5.15 -10.02 -10.13
N VAL A 12 5.05 -9.78 -8.83
CA VAL A 12 4.50 -8.52 -8.31
C VAL A 12 5.42 -7.37 -8.75
N ARG A 13 6.71 -7.53 -8.40
CA ARG A 13 7.72 -6.51 -8.70
C ARG A 13 7.61 -5.99 -10.14
N ARG A 14 7.31 -6.89 -11.08
CA ARG A 14 7.18 -6.49 -12.49
C ARG A 14 6.08 -5.43 -12.65
N ARG A 15 4.98 -5.62 -11.91
CA ARG A 15 3.86 -4.68 -11.98
C ARG A 15 4.30 -3.28 -11.56
N LEU A 16 5.13 -3.22 -10.51
CA LEU A 16 5.63 -1.93 -10.01
C LEU A 16 6.46 -1.23 -11.08
N LYS A 17 7.26 -2.00 -11.82
CA LYS A 17 8.09 -1.44 -12.89
C LYS A 17 7.23 -0.75 -13.92
N ASP A 18 6.08 -1.37 -14.24
CA ASP A 18 5.14 -0.78 -15.19
C ASP A 18 4.60 0.54 -14.64
N LEU A 19 4.34 0.56 -13.34
CA LEU A 19 3.84 1.77 -12.69
C LEU A 19 4.89 2.87 -12.74
N GLU A 20 6.16 2.48 -12.58
CA GLU A 20 7.28 3.41 -12.62
C GLU A 20 7.41 4.08 -13.98
N ARG A 21 7.26 3.29 -15.06
CA ARG A 21 7.34 3.84 -16.42
C ARG A 21 6.06 4.62 -16.75
N ASP A 22 4.94 4.05 -16.32
CA ASP A 22 3.62 4.65 -16.55
C ASP A 22 3.54 6.03 -15.89
N SER A 23 4.18 6.17 -14.73
CA SER A 23 4.20 7.43 -14.00
C SER A 23 2.80 7.84 -13.58
N LEU A 24 2.50 7.63 -12.30
CA LEU A 24 1.22 7.97 -11.71
C LEU A 24 1.50 8.84 -10.50
N THR A 25 0.57 9.74 -10.19
CA THR A 25 0.73 10.61 -9.03
C THR A 25 0.73 9.77 -7.77
N GLU A 26 1.03 10.40 -6.64
CA GLU A 26 1.06 9.69 -5.36
C GLU A 26 -0.35 9.18 -5.01
N LYS A 27 -1.36 9.98 -5.33
CA LYS A 27 -2.75 9.60 -5.05
C LYS A 27 -3.11 8.32 -5.79
N GLU A 28 -2.72 8.25 -7.06
CA GLU A 28 -3.00 7.08 -7.90
C GLU A 28 -2.05 5.93 -7.57
N CYS A 29 -0.82 6.26 -7.22
CA CYS A 29 0.20 5.27 -6.89
C CYS A 29 -0.21 4.44 -5.68
N VAL A 30 -0.63 5.13 -4.61
CA VAL A 30 -1.03 4.46 -3.38
C VAL A 30 -2.22 3.52 -3.66
N LYS A 31 -3.19 4.00 -4.45
CA LYS A 31 -4.37 3.19 -4.76
C LYS A 31 -3.97 1.84 -5.36
N GLU A 32 -3.01 1.85 -6.29
CA GLU A 32 -2.54 0.60 -6.91
C GLU A 32 -1.65 -0.18 -5.94
N LYS A 33 -0.81 0.53 -5.20
CA LYS A 33 0.11 -0.08 -4.24
C LYS A 33 -0.65 -0.90 -3.20
N LEU A 34 -1.82 -0.39 -2.81
CA LEU A 34 -2.65 -1.06 -1.81
C LEU A 34 -3.14 -2.42 -2.30
N ASN A 35 -3.76 -2.44 -3.49
CA ASN A 35 -4.32 -3.68 -4.02
C ASN A 35 -3.26 -4.76 -4.23
N LEU A 36 -2.09 -4.37 -4.75
CA LEU A 36 -1.02 -5.34 -4.98
C LEU A 36 -0.55 -5.92 -3.65
N LEU A 37 -0.14 -5.02 -2.75
CA LEU A 37 0.34 -5.42 -1.43
C LEU A 37 -0.75 -6.13 -0.64
N HIS A 38 -2.01 -5.76 -0.88
CA HIS A 38 -3.15 -6.35 -0.17
C HIS A 38 -3.11 -7.88 -0.29
N GLU A 39 -2.78 -8.37 -1.49
CA GLU A 39 -2.70 -9.83 -1.73
C GLU A 39 -1.75 -10.50 -0.73
N PHE A 40 -0.85 -9.70 -0.12
CA PHE A 40 0.10 -10.22 0.87
C PHE A 40 -0.16 -9.64 2.26
N LEU A 41 -0.94 -8.54 2.34
CA LEU A 41 -1.27 -7.91 3.62
C LEU A 41 -2.50 -8.58 4.20
N GLN A 42 -2.51 -8.77 5.52
CA GLN A 42 -3.64 -9.38 6.21
C GLN A 42 -4.85 -8.46 6.14
N THR A 43 -6.04 -9.01 6.32
CA THR A 43 -7.27 -8.23 6.28
C THR A 43 -7.27 -7.17 7.38
N GLU A 44 -6.72 -7.51 8.55
CA GLU A 44 -6.64 -6.55 9.67
C GLU A 44 -5.97 -5.24 9.21
N ILE A 45 -5.20 -5.32 8.11
CA ILE A 45 -4.56 -4.13 7.55
C ILE A 45 -5.61 -3.25 6.90
N LYS A 46 -6.52 -3.88 6.15
CA LYS A 46 -7.61 -3.15 5.51
C LYS A 46 -8.49 -2.52 6.59
N ASN A 47 -8.62 -3.24 7.71
CA ASN A 47 -9.43 -2.77 8.84
C ASN A 47 -8.86 -1.45 9.36
N GLN A 48 -7.52 -1.37 9.46
CA GLN A 48 -6.88 -0.15 9.93
C GLN A 48 -7.20 1.00 8.98
N LEU A 49 -7.15 0.70 7.68
CA LEU A 49 -7.45 1.69 6.65
C LEU A 49 -8.90 2.14 6.73
N CYS A 50 -9.81 1.22 7.06
CA CYS A 50 -11.24 1.52 7.14
C CYS A 50 -11.51 2.64 8.11
N ASP A 51 -10.94 2.56 9.31
CA ASP A 51 -11.16 3.57 10.34
C ASP A 51 -10.76 4.95 9.82
N LEU A 52 -9.60 5.02 9.16
CA LEU A 52 -9.11 6.28 8.60
C LEU A 52 -10.08 6.77 7.52
N GLU A 53 -10.59 5.83 6.71
CA GLU A 53 -11.53 6.16 5.65
C GLU A 53 -12.75 6.89 6.22
N THR A 54 -13.18 6.47 7.42
CA THR A 54 -14.32 7.10 8.09
C THR A 54 -14.00 8.58 8.39
N LYS A 55 -12.73 8.86 8.69
CA LYS A 55 -12.30 10.23 8.96
C LYS A 55 -12.41 11.06 7.68
N LEU A 56 -12.02 10.46 6.55
CA LEU A 56 -12.09 11.14 5.26
C LEU A 56 -13.53 11.48 4.91
N ARG A 57 -14.41 10.55 5.23
CA ARG A 57 -15.83 10.69 4.98
C ARG A 57 -16.43 11.80 5.84
N LYS A 58 -16.01 11.88 7.12
CA LYS A 58 -16.49 12.93 8.02
C LYS A 58 -15.61 14.20 7.92
N GLU A 59 -14.64 14.20 6.99
CA GLU A 59 -13.73 15.33 6.81
C GLU A 59 -12.96 15.65 8.10
N GLU A 60 -12.75 14.63 8.93
CA GLU A 60 -12.01 14.80 10.19
C GLU A 60 -10.50 14.67 9.97
N LEU A 61 -10.12 13.91 8.93
CA LEU A 61 -8.71 13.69 8.60
C LEU A 61 -8.37 14.41 7.29
N SER A 62 -7.20 15.04 7.26
CA SER A 62 -6.75 15.76 6.08
C SER A 62 -6.52 14.78 4.95
N GLU A 63 -6.69 15.23 3.70
CA GLU A 63 -6.48 14.36 2.55
C GLU A 63 -5.06 13.82 2.59
N GLU A 64 -4.09 14.71 2.82
CA GLU A 64 -2.69 14.32 2.92
C GLU A 64 -2.44 13.47 4.16
N GLY A 65 -3.37 13.55 5.14
CA GLY A 65 -3.24 12.78 6.37
C GLY A 65 -3.35 11.30 6.05
N TYR A 66 -4.41 10.93 5.36
CA TYR A 66 -4.64 9.55 4.94
C TYR A 66 -3.52 9.10 4.00
N LEU A 67 -3.17 9.98 3.07
CA LEU A 67 -2.12 9.68 2.09
C LEU A 67 -0.78 9.41 2.79
N ALA A 68 -0.48 10.20 3.83
CA ALA A 68 0.77 10.05 4.56
C ALA A 68 0.69 8.93 5.62
N LYS A 69 -0.50 8.72 6.18
CA LYS A 69 -0.70 7.65 7.18
C LYS A 69 -0.65 6.28 6.51
N VAL A 70 -1.26 6.18 5.33
CA VAL A 70 -1.34 4.92 4.59
C VAL A 70 0.07 4.37 4.34
N LYS A 71 0.98 5.23 3.87
CA LYS A 71 2.33 4.78 3.57
C LYS A 71 2.98 4.11 4.78
N SER A 72 3.02 4.82 5.91
CA SER A 72 3.64 4.30 7.13
C SER A 72 3.18 2.86 7.43
N LEU A 73 1.88 2.60 7.41
CA LEU A 73 1.36 1.26 7.70
C LEU A 73 2.02 0.22 6.78
N LEU A 74 2.10 0.53 5.48
CA LEU A 74 2.70 -0.40 4.53
C LEU A 74 4.13 -0.74 4.92
N ASN A 75 4.91 0.29 5.23
CA ASN A 75 6.32 0.10 5.63
C ASN A 75 6.44 -0.64 6.96
N LYS A 76 5.55 -0.30 7.91
CA LYS A 76 5.56 -0.92 9.23
C LYS A 76 5.24 -2.41 9.15
N ASP A 77 4.27 -2.76 8.29
CA ASP A 77 3.89 -4.16 8.13
C ASP A 77 5.04 -4.99 7.62
N LEU A 78 5.76 -4.47 6.62
CA LEU A 78 6.89 -5.21 6.04
C LEU A 78 8.05 -5.31 7.03
N SER A 79 8.23 -4.27 7.85
CA SER A 79 9.30 -4.27 8.84
C SER A 79 8.89 -5.10 10.07
N LEU A 80 9.88 -5.75 10.68
CA LEU A 80 9.62 -6.58 11.85
C LEU A 80 10.02 -5.84 13.12
N GLU A 81 9.00 -5.38 13.86
CA GLU A 81 9.22 -4.66 15.11
C GLU A 81 8.82 -5.52 16.29
N GLY A 1 14.00 -2.06 5.80
CA GLY A 1 15.27 -2.37 5.07
C GLY A 1 15.10 -3.47 4.02
N HIS A 2 16.22 -3.81 3.36
CA HIS A 2 16.26 -4.79 2.29
C HIS A 2 16.94 -6.02 2.79
N MET A 3 16.21 -7.12 2.81
CA MET A 3 16.75 -8.38 3.28
C MET A 3 16.22 -9.54 2.44
N PRO A 4 17.05 -10.52 2.08
CA PRO A 4 16.60 -11.67 1.26
C PRO A 4 15.87 -12.72 2.10
N ALA A 5 14.58 -12.91 1.81
CA ALA A 5 13.76 -13.88 2.54
C ALA A 5 12.44 -14.10 1.81
N ILE A 6 11.60 -13.09 1.84
CA ILE A 6 10.30 -13.12 1.17
C ILE A 6 10.09 -11.86 0.35
N SER A 7 9.64 -12.05 -0.87
CA SER A 7 9.36 -10.96 -1.78
C SER A 7 8.09 -11.26 -2.57
N LEU A 8 7.46 -10.21 -3.12
CA LEU A 8 6.22 -10.37 -3.87
C LEU A 8 6.35 -11.40 -5.01
N PRO A 9 5.24 -11.94 -5.52
CA PRO A 9 5.28 -12.93 -6.64
C PRO A 9 5.90 -12.33 -7.90
N ASP A 10 6.53 -13.18 -8.71
CA ASP A 10 7.17 -12.74 -9.94
C ASP A 10 6.16 -12.15 -10.92
N ASP A 11 4.96 -12.73 -10.99
CA ASP A 11 3.93 -12.23 -11.91
C ASP A 11 3.48 -10.83 -11.48
N VAL A 12 3.25 -10.65 -10.17
CA VAL A 12 2.82 -9.36 -9.64
C VAL A 12 3.92 -8.32 -9.88
N ARG A 13 5.11 -8.65 -9.38
CA ARG A 13 6.27 -7.78 -9.47
C ARG A 13 6.44 -7.18 -10.87
N ARG A 14 6.28 -8.00 -11.92
CA ARG A 14 6.42 -7.52 -13.29
C ARG A 14 5.41 -6.40 -13.57
N ARG A 15 4.18 -6.57 -13.08
CA ARG A 15 3.12 -5.56 -13.28
C ARG A 15 3.52 -4.24 -12.63
N LEU A 16 4.07 -4.31 -11.43
CA LEU A 16 4.50 -3.11 -10.71
C LEU A 16 5.58 -2.35 -11.48
N LYS A 17 6.50 -3.12 -12.08
CA LYS A 17 7.57 -2.51 -12.87
C LYS A 17 6.99 -1.76 -14.06
N ASP A 18 5.96 -2.35 -14.68
CA ASP A 18 5.29 -1.71 -15.81
C ASP A 18 4.65 -0.40 -15.37
N LEU A 19 4.07 -0.42 -14.16
CA LEU A 19 3.43 0.77 -13.60
C LEU A 19 4.46 1.88 -13.42
N GLU A 20 5.67 1.51 -12.98
CA GLU A 20 6.75 2.47 -12.77
C GLU A 20 7.08 3.19 -14.07
N ARG A 21 7.09 2.45 -15.18
CA ARG A 21 7.36 3.02 -16.49
C ARG A 21 6.19 3.90 -16.93
N ASP A 22 4.98 3.39 -16.67
CA ASP A 22 3.75 4.10 -17.03
C ASP A 22 3.67 5.46 -16.34
N SER A 23 4.15 5.51 -15.10
CA SER A 23 4.15 6.74 -14.30
C SER A 23 2.74 7.13 -13.89
N LEU A 24 2.38 6.74 -12.68
CA LEU A 24 1.08 7.03 -12.10
C LEU A 24 1.31 7.81 -10.81
N THR A 25 0.49 8.82 -10.57
CA THR A 25 0.62 9.62 -9.35
C THR A 25 0.56 8.72 -8.14
N GLU A 26 0.88 9.27 -6.96
CA GLU A 26 0.84 8.48 -5.73
C GLU A 26 -0.59 8.03 -5.44
N LYS A 27 -1.56 8.88 -5.77
CA LYS A 27 -2.96 8.58 -5.53
C LYS A 27 -3.37 7.32 -6.30
N GLU A 28 -3.01 7.27 -7.57
CA GLU A 28 -3.32 6.13 -8.43
C GLU A 28 -2.44 4.92 -8.10
N CYS A 29 -1.19 5.21 -7.74
CA CYS A 29 -0.23 4.17 -7.40
C CYS A 29 -0.65 3.42 -6.13
N VAL A 30 -1.00 4.17 -5.09
CA VAL A 30 -1.41 3.56 -3.82
C VAL A 30 -2.67 2.73 -4.01
N LYS A 31 -3.65 3.26 -4.75
CA LYS A 31 -4.91 2.54 -4.97
C LYS A 31 -4.65 1.21 -5.69
N GLU A 32 -3.79 1.22 -6.71
CA GLU A 32 -3.47 -0.01 -7.44
C GLU A 32 -2.66 -0.97 -6.57
N LYS A 33 -1.65 -0.43 -5.89
CA LYS A 33 -0.78 -1.23 -5.02
C LYS A 33 -1.56 -1.86 -3.87
N LEU A 34 -2.52 -1.10 -3.34
CA LEU A 34 -3.33 -1.58 -2.21
C LEU A 34 -4.05 -2.88 -2.53
N ASN A 35 -4.77 -2.90 -3.66
CA ASN A 35 -5.51 -4.10 -4.06
C ASN A 35 -4.59 -5.28 -4.35
N LEU A 36 -3.46 -5.02 -5.02
CA LEU A 36 -2.51 -6.09 -5.34
C LEU A 36 -1.99 -6.71 -4.05
N LEU A 37 -1.42 -5.88 -3.18
CA LEU A 37 -0.87 -6.34 -1.90
C LEU A 37 -1.97 -6.95 -1.03
N HIS A 38 -3.15 -6.32 -1.06
CA HIS A 38 -4.29 -6.78 -0.26
C HIS A 38 -4.56 -8.26 -0.50
N GLU A 39 -4.52 -8.66 -1.77
CA GLU A 39 -4.75 -10.06 -2.16
C GLU A 39 -3.76 -11.00 -1.44
N PHE A 40 -2.67 -10.42 -0.90
CA PHE A 40 -1.67 -11.19 -0.18
C PHE A 40 -1.59 -10.78 1.30
N LEU A 41 -2.23 -9.65 1.65
CA LEU A 41 -2.26 -9.16 3.02
C LEU A 41 -3.58 -9.55 3.70
N GLN A 42 -3.50 -9.93 4.98
CA GLN A 42 -4.70 -10.31 5.72
C GLN A 42 -5.73 -9.19 5.68
N THR A 43 -7.01 -9.54 5.81
CA THR A 43 -8.09 -8.55 5.79
C THR A 43 -7.96 -7.58 6.97
N GLU A 44 -7.38 -8.06 8.09
CA GLU A 44 -7.18 -7.20 9.27
C GLU A 44 -6.41 -5.94 8.89
N ILE A 45 -5.69 -6.00 7.76
CA ILE A 45 -4.94 -4.84 7.26
C ILE A 45 -5.93 -3.80 6.71
N LYS A 46 -6.90 -4.29 5.93
CA LYS A 46 -7.93 -3.41 5.36
C LYS A 46 -8.68 -2.73 6.50
N ASN A 47 -8.84 -3.46 7.61
CA ASN A 47 -9.53 -2.94 8.78
C ASN A 47 -8.79 -1.71 9.30
N GLN A 48 -7.46 -1.78 9.34
CA GLN A 48 -6.66 -0.64 9.83
C GLN A 48 -6.89 0.56 8.92
N LEU A 49 -6.94 0.31 7.61
CA LEU A 49 -7.15 1.36 6.62
C LEU A 49 -8.53 1.99 6.79
N CYS A 50 -9.53 1.17 7.11
CA CYS A 50 -10.90 1.64 7.27
C CYS A 50 -10.99 2.78 8.27
N ASP A 51 -10.30 2.63 9.41
CA ASP A 51 -10.33 3.66 10.45
C ASP A 51 -9.79 4.98 9.90
N LEU A 52 -8.71 4.91 9.14
CA LEU A 52 -8.10 6.11 8.56
C LEU A 52 -9.09 6.76 7.58
N GLU A 53 -9.80 5.93 6.83
CA GLU A 53 -10.79 6.42 5.86
C GLU A 53 -11.85 7.27 6.58
N THR A 54 -12.24 6.83 7.78
CA THR A 54 -13.24 7.54 8.57
C THR A 54 -12.71 8.94 8.93
N LYS A 55 -11.41 9.03 9.17
CA LYS A 55 -10.78 10.31 9.48
C LYS A 55 -10.88 11.26 8.28
N LEU A 56 -10.65 10.69 7.09
CA LEU A 56 -10.74 11.47 5.84
C LEU A 56 -12.15 12.00 5.66
N ARG A 57 -13.13 11.24 6.14
CA ARG A 57 -14.53 11.60 6.04
C ARG A 57 -14.92 12.63 7.09
N LYS A 58 -14.16 12.71 8.19
CA LYS A 58 -14.41 13.70 9.24
C LYS A 58 -13.52 14.95 9.02
N GLU A 59 -12.73 14.96 7.93
CA GLU A 59 -11.83 16.08 7.62
C GLU A 59 -10.86 16.34 8.77
N GLU A 60 -10.49 15.28 9.49
CA GLU A 60 -9.55 15.40 10.61
C GLU A 60 -8.14 14.98 10.20
N LEU A 61 -8.04 14.19 9.13
CA LEU A 61 -6.76 13.71 8.62
C LEU A 61 -6.45 14.39 7.29
N SER A 62 -5.23 14.87 7.17
CA SER A 62 -4.78 15.55 5.96
C SER A 62 -4.60 14.52 4.85
N GLU A 63 -4.72 14.97 3.59
CA GLU A 63 -4.54 14.05 2.46
C GLU A 63 -3.16 13.43 2.54
N GLU A 64 -2.14 14.27 2.72
CA GLU A 64 -0.77 13.79 2.84
C GLU A 64 -0.64 12.87 4.05
N GLY A 65 -1.52 13.06 5.03
CA GLY A 65 -1.51 12.23 6.24
C GLY A 65 -1.82 10.79 5.87
N TYR A 66 -2.97 10.59 5.25
CA TYR A 66 -3.41 9.26 4.82
C TYR A 66 -2.42 8.71 3.78
N LEU A 67 -2.07 9.56 2.82
CA LEU A 67 -1.14 9.18 1.75
C LEU A 67 0.22 8.76 2.32
N ALA A 68 0.69 9.48 3.34
CA ALA A 68 1.99 9.19 3.96
C ALA A 68 1.89 8.07 4.99
N LYS A 69 0.75 7.98 5.68
CA LYS A 69 0.52 6.92 6.68
C LYS A 69 0.39 5.56 6.00
N VAL A 70 -0.33 5.54 4.87
CA VAL A 70 -0.56 4.31 4.13
C VAL A 70 0.76 3.65 3.72
N LYS A 71 1.67 4.44 3.14
CA LYS A 71 2.94 3.90 2.68
C LYS A 71 3.63 3.10 3.79
N SER A 72 3.87 3.74 4.93
CA SER A 72 4.56 3.09 6.04
C SER A 72 3.93 1.74 6.38
N LEU A 73 2.59 1.68 6.47
CA LEU A 73 1.90 0.43 6.80
C LEU A 73 2.25 -0.66 5.77
N LEU A 74 2.24 -0.31 4.48
CA LEU A 74 2.52 -1.29 3.44
C LEU A 74 3.89 -1.93 3.66
N ASN A 75 4.89 -1.09 3.91
CA ASN A 75 6.25 -1.57 4.15
C ASN A 75 6.36 -2.30 5.48
N LYS A 76 5.62 -1.80 6.48
CA LYS A 76 5.64 -2.38 7.83
C LYS A 76 5.18 -3.83 7.80
N ASP A 77 4.17 -4.14 6.99
CA ASP A 77 3.65 -5.50 6.89
C ASP A 77 4.71 -6.42 6.29
N LEU A 78 5.32 -5.97 5.20
CA LEU A 78 6.35 -6.76 4.51
C LEU A 78 7.64 -6.84 5.31
N SER A 79 7.94 -5.77 6.08
CA SER A 79 9.17 -5.71 6.87
C SER A 79 9.24 -6.86 7.86
N LEU A 80 8.08 -7.32 8.33
CA LEU A 80 8.01 -8.43 9.27
C LEU A 80 8.59 -9.69 8.62
N GLU A 81 8.25 -9.90 7.34
CA GLU A 81 8.72 -11.07 6.59
C GLU A 81 8.29 -12.36 7.29
N GLY A 1 2.40 -12.19 12.33
CA GLY A 1 3.32 -13.10 11.57
C GLY A 1 3.75 -12.44 10.27
N HIS A 2 4.87 -11.70 10.27
CA HIS A 2 5.35 -11.10 9.01
C HIS A 2 6.62 -11.82 8.53
N MET A 3 6.62 -12.20 7.25
CA MET A 3 7.76 -12.91 6.64
C MET A 3 7.68 -12.81 5.09
N PRO A 4 7.93 -11.63 4.51
CA PRO A 4 7.87 -11.45 3.02
C PRO A 4 8.90 -12.31 2.31
N ALA A 5 8.55 -12.76 1.11
CA ALA A 5 9.44 -13.60 0.32
C ALA A 5 10.68 -12.82 -0.11
N ILE A 6 11.53 -13.47 -0.89
CA ILE A 6 12.76 -12.87 -1.38
C ILE A 6 12.44 -11.70 -2.32
N SER A 7 11.49 -11.94 -3.23
CA SER A 7 11.05 -10.92 -4.17
C SER A 7 9.65 -11.23 -4.65
N LEU A 8 8.93 -10.20 -5.13
CA LEU A 8 7.55 -10.39 -5.59
C LEU A 8 7.47 -11.34 -6.79
N PRO A 9 6.29 -11.89 -7.09
CA PRO A 9 6.11 -12.82 -8.26
C PRO A 9 6.43 -12.11 -9.58
N ASP A 10 6.90 -12.90 -10.55
CA ASP A 10 7.27 -12.36 -11.86
C ASP A 10 6.05 -11.76 -12.58
N ASP A 11 4.87 -12.35 -12.37
CA ASP A 11 3.65 -11.83 -13.01
C ASP A 11 3.29 -10.47 -12.43
N VAL A 12 3.45 -10.31 -11.12
CA VAL A 12 3.15 -9.03 -10.44
C VAL A 12 4.14 -7.96 -10.94
N ARG A 13 5.42 -8.26 -10.76
CA ARG A 13 6.50 -7.32 -11.12
C ARG A 13 6.32 -6.76 -12.54
N ARG A 14 5.94 -7.62 -13.48
CA ARG A 14 5.74 -7.20 -14.86
C ARG A 14 4.67 -6.09 -14.93
N ARG A 15 3.58 -6.28 -14.19
CA ARG A 15 2.48 -5.30 -14.18
C ARG A 15 2.97 -3.95 -13.65
N LEU A 16 3.80 -3.98 -12.60
CA LEU A 16 4.34 -2.74 -12.00
C LEU A 16 5.21 -1.99 -13.02
N LYS A 17 6.01 -2.73 -13.79
CA LYS A 17 6.87 -2.15 -14.79
C LYS A 17 6.03 -1.35 -15.81
N ASP A 18 4.86 -1.90 -16.13
CA ASP A 18 3.94 -1.22 -17.05
C ASP A 18 3.45 0.08 -16.42
N LEU A 19 3.16 0.02 -15.11
CA LEU A 19 2.69 1.20 -14.37
C LEU A 19 3.77 2.28 -14.37
N GLU A 20 5.04 1.85 -14.22
CA GLU A 20 6.16 2.78 -14.18
C GLU A 20 6.26 3.58 -15.49
N ARG A 21 6.06 2.89 -16.62
CA ARG A 21 6.10 3.52 -17.93
C ARG A 21 4.85 4.41 -18.12
N ASP A 22 3.71 3.86 -17.71
CA ASP A 22 2.43 4.56 -17.82
C ASP A 22 2.45 5.86 -17.02
N SER A 23 3.16 5.85 -15.89
CA SER A 23 3.29 7.02 -15.01
C SER A 23 1.94 7.36 -14.36
N LEU A 24 1.89 7.13 -13.05
CA LEU A 24 0.71 7.40 -12.24
C LEU A 24 1.15 8.30 -11.09
N THR A 25 0.23 9.12 -10.60
CA THR A 25 0.54 10.01 -9.48
C THR A 25 0.67 9.19 -8.21
N GLU A 26 1.14 9.81 -7.13
CA GLU A 26 1.30 9.09 -5.87
C GLU A 26 -0.05 8.55 -5.38
N LYS A 27 -1.10 9.36 -5.51
CA LYS A 27 -2.44 8.95 -5.10
C LYS A 27 -2.91 7.73 -5.88
N GLU A 28 -2.60 7.72 -7.18
CA GLU A 28 -2.97 6.61 -8.07
C GLU A 28 -2.04 5.41 -7.88
N CYS A 29 -0.77 5.69 -7.59
CA CYS A 29 0.22 4.64 -7.39
C CYS A 29 -0.05 3.84 -6.13
N VAL A 30 -0.31 4.54 -5.03
CA VAL A 30 -0.57 3.89 -3.75
C VAL A 30 -1.89 3.09 -3.81
N LYS A 31 -2.94 3.69 -4.39
CA LYS A 31 -4.24 3.03 -4.48
C LYS A 31 -4.16 1.73 -5.28
N GLU A 32 -3.42 1.75 -6.40
CA GLU A 32 -3.26 0.58 -7.26
C GLU A 32 -2.27 -0.41 -6.65
N LYS A 33 -1.14 0.11 -6.15
CA LYS A 33 -0.10 -0.74 -5.53
C LYS A 33 -0.66 -1.47 -4.31
N LEU A 34 -1.43 -0.75 -3.50
CA LEU A 34 -2.00 -1.34 -2.28
C LEU A 34 -2.74 -2.64 -2.58
N ASN A 35 -3.59 -2.62 -3.61
CA ASN A 35 -4.39 -3.79 -3.97
C ASN A 35 -3.49 -4.97 -4.38
N LEU A 36 -2.43 -4.68 -5.15
CA LEU A 36 -1.53 -5.74 -5.59
C LEU A 36 -0.85 -6.38 -4.37
N LEU A 37 -0.23 -5.53 -3.55
CA LEU A 37 0.45 -6.01 -2.34
C LEU A 37 -0.54 -6.62 -1.35
N HIS A 38 -1.77 -6.10 -1.34
CA HIS A 38 -2.81 -6.59 -0.43
C HIS A 38 -2.98 -8.10 -0.56
N GLU A 39 -2.95 -8.59 -1.79
CA GLU A 39 -3.08 -10.03 -2.07
C GLU A 39 -2.02 -10.85 -1.29
N PHE A 40 -0.99 -10.17 -0.79
CA PHE A 40 0.07 -10.82 -0.01
C PHE A 40 0.09 -10.30 1.43
N LEU A 41 -0.38 -9.05 1.63
CA LEU A 41 -0.42 -8.47 2.97
C LEU A 41 -1.58 -9.06 3.76
N GLN A 42 -1.40 -9.19 5.07
CA GLN A 42 -2.45 -9.74 5.93
C GLN A 42 -3.67 -8.81 5.93
N THR A 43 -4.83 -9.37 6.26
CA THR A 43 -6.07 -8.58 6.30
C THR A 43 -5.98 -7.49 7.35
N GLU A 44 -5.32 -7.77 8.48
CA GLU A 44 -5.16 -6.76 9.54
C GLU A 44 -4.55 -5.47 8.98
N ILE A 45 -3.87 -5.59 7.84
CA ILE A 45 -3.28 -4.43 7.16
C ILE A 45 -4.40 -3.59 6.55
N LYS A 46 -5.35 -4.27 5.91
CA LYS A 46 -6.51 -3.59 5.32
C LYS A 46 -7.31 -2.92 6.43
N ASN A 47 -7.34 -3.58 7.59
CA ASN A 47 -8.05 -3.06 8.76
C ASN A 47 -7.44 -1.72 9.19
N GLN A 48 -6.10 -1.65 9.18
CA GLN A 48 -5.40 -0.43 9.55
C GLN A 48 -5.76 0.70 8.58
N LEU A 49 -5.75 0.36 7.29
CA LEU A 49 -6.10 1.32 6.24
C LEU A 49 -7.57 1.70 6.28
N CYS A 50 -8.43 0.73 6.62
CA CYS A 50 -9.87 0.97 6.65
C CYS A 50 -10.25 2.07 7.65
N ASP A 51 -9.63 2.05 8.83
CA ASP A 51 -9.91 3.05 9.85
C ASP A 51 -9.53 4.45 9.35
N LEU A 52 -8.38 4.54 8.66
CA LEU A 52 -7.94 5.82 8.12
C LEU A 52 -8.93 6.35 7.10
N GLU A 53 -9.48 5.44 6.26
CA GLU A 53 -10.47 5.83 5.25
C GLU A 53 -11.61 6.61 5.89
N THR A 54 -12.01 6.17 7.09
CA THR A 54 -13.07 6.83 7.83
C THR A 54 -12.69 8.28 8.13
N LYS A 55 -11.39 8.49 8.41
CA LYS A 55 -10.89 9.84 8.69
C LYS A 55 -11.02 10.71 7.44
N LEU A 56 -10.68 10.12 6.28
CA LEU A 56 -10.78 10.83 4.99
C LEU A 56 -12.23 11.20 4.71
N ARG A 57 -13.12 10.29 5.06
CA ARG A 57 -14.55 10.46 4.86
C ARG A 57 -15.08 11.60 5.73
N LYS A 58 -14.64 11.65 7.00
CA LYS A 58 -15.07 12.73 7.90
C LYS A 58 -14.14 13.95 7.75
N GLU A 59 -13.14 13.86 6.84
CA GLU A 59 -12.18 14.94 6.62
C GLU A 59 -11.40 15.28 7.90
N GLU A 60 -11.24 14.28 8.77
CA GLU A 60 -10.50 14.46 10.03
C GLU A 60 -8.99 14.30 9.84
N LEU A 61 -8.61 13.59 8.77
CA LEU A 61 -7.20 13.35 8.45
C LEU A 61 -6.82 14.14 7.19
N SER A 62 -5.60 14.66 7.18
CA SER A 62 -5.12 15.42 6.03
C SER A 62 -4.75 14.46 4.90
N GLU A 63 -4.78 14.96 3.66
CA GLU A 63 -4.44 14.10 2.52
C GLU A 63 -3.04 13.56 2.72
N GLU A 64 -2.08 14.45 3.00
CA GLU A 64 -0.71 14.05 3.26
C GLU A 64 -0.65 13.10 4.46
N GLY A 65 -1.67 13.16 5.32
CA GLY A 65 -1.73 12.30 6.49
C GLY A 65 -1.87 10.85 6.05
N TYR A 66 -2.91 10.59 5.26
CA TYR A 66 -3.18 9.26 4.73
C TYR A 66 -2.05 8.82 3.80
N LEU A 67 -1.63 9.75 2.95
CA LEU A 67 -0.55 9.47 1.99
C LEU A 67 0.75 9.12 2.70
N ALA A 68 1.06 9.83 3.79
CA ALA A 68 2.30 9.59 4.54
C ALA A 68 2.13 8.44 5.55
N LYS A 69 0.92 8.26 6.07
CA LYS A 69 0.62 7.19 7.03
C LYS A 69 0.62 5.83 6.33
N VAL A 70 -0.01 5.80 5.15
CA VAL A 70 -0.11 4.56 4.37
C VAL A 70 1.27 3.94 4.15
N LYS A 71 2.24 4.75 3.73
CA LYS A 71 3.58 4.26 3.45
C LYS A 71 4.16 3.57 4.70
N SER A 72 4.14 4.28 5.84
CA SER A 72 4.71 3.73 7.08
C SER A 72 4.27 2.28 7.31
N LEU A 73 2.96 2.00 7.23
CA LEU A 73 2.47 0.63 7.43
C LEU A 73 3.11 -0.33 6.42
N LEU A 74 3.20 0.08 5.16
CA LEU A 74 3.77 -0.78 4.11
C LEU A 74 5.21 -1.14 4.44
N ASN A 75 6.00 -0.13 4.79
CA ASN A 75 7.42 -0.35 5.14
C ASN A 75 7.57 -1.14 6.44
N LYS A 76 6.67 -0.88 7.39
CA LYS A 76 6.70 -1.53 8.69
C LYS A 76 6.49 -3.04 8.54
N ASP A 77 5.55 -3.42 7.67
CA ASP A 77 5.27 -4.84 7.44
C ASP A 77 6.50 -5.55 6.88
N LEU A 78 7.13 -4.94 5.88
CA LEU A 78 8.32 -5.54 5.26
C LEU A 78 9.52 -5.51 6.20
N SER A 79 9.61 -4.46 7.02
CA SER A 79 10.72 -4.33 7.96
C SER A 79 10.51 -5.29 9.14
N LEU A 80 11.60 -5.96 9.54
CA LEU A 80 11.55 -6.89 10.66
C LEU A 80 12.44 -6.40 11.80
N GLU A 81 11.81 -6.10 12.93
CA GLU A 81 12.53 -5.63 14.11
C GLU A 81 13.55 -6.66 14.56
N GLY A 1 10.33 -18.11 7.82
CA GLY A 1 11.12 -17.27 8.79
C GLY A 1 12.62 -17.50 8.63
N HIS A 2 13.13 -18.72 8.78
CA HIS A 2 14.59 -19.01 8.63
C HIS A 2 15.12 -18.56 7.25
N MET A 3 14.38 -18.88 6.18
CA MET A 3 14.82 -18.52 4.82
C MET A 3 14.25 -17.15 4.41
N PRO A 4 15.04 -16.23 3.82
CA PRO A 4 14.52 -14.90 3.41
C PRO A 4 13.31 -15.04 2.47
N ALA A 5 12.35 -14.14 2.62
CA ALA A 5 11.13 -14.17 1.80
C ALA A 5 11.48 -13.96 0.34
N ILE A 6 10.49 -14.04 -0.53
CA ILE A 6 10.69 -13.84 -1.96
C ILE A 6 10.03 -12.53 -2.41
N SER A 7 10.62 -11.90 -3.42
CA SER A 7 10.10 -10.66 -3.96
C SER A 7 8.78 -10.92 -4.70
N LEU A 8 8.06 -9.84 -5.01
CA LEU A 8 6.77 -9.95 -5.72
C LEU A 8 6.82 -10.94 -6.89
N PRO A 9 5.68 -11.50 -7.31
CA PRO A 9 5.64 -12.46 -8.47
C PRO A 9 6.11 -11.80 -9.77
N ASP A 10 6.68 -12.62 -10.66
CA ASP A 10 7.18 -12.11 -11.93
C ASP A 10 6.05 -11.53 -12.78
N ASP A 11 4.87 -12.18 -12.77
CA ASP A 11 3.73 -11.70 -13.55
C ASP A 11 3.26 -10.33 -13.05
N VAL A 12 3.14 -10.20 -11.72
CA VAL A 12 2.70 -8.94 -11.12
C VAL A 12 3.77 -7.87 -11.39
N ARG A 13 5.01 -8.22 -11.06
CA ARG A 13 6.15 -7.32 -11.20
C ARG A 13 6.15 -6.63 -12.57
N ARG A 14 5.92 -7.39 -13.65
CA ARG A 14 5.90 -6.81 -15.00
C ARG A 14 4.81 -5.73 -15.10
N ARG A 15 3.66 -5.99 -14.46
CA ARG A 15 2.52 -5.05 -14.51
C ARG A 15 2.92 -3.71 -13.88
N LEU A 16 3.69 -3.78 -12.78
CA LEU A 16 4.16 -2.58 -12.09
C LEU A 16 5.04 -1.73 -13.02
N LYS A 17 5.88 -2.40 -13.81
CA LYS A 17 6.76 -1.72 -14.76
C LYS A 17 5.93 -0.92 -15.76
N ASP A 18 4.80 -1.49 -16.18
CA ASP A 18 3.91 -0.82 -17.11
C ASP A 18 3.36 0.46 -16.49
N LEU A 19 3.03 0.39 -15.20
CA LEU A 19 2.50 1.56 -14.47
C LEU A 19 3.55 2.67 -14.45
N GLU A 20 4.81 2.28 -14.27
CA GLU A 20 5.92 3.24 -14.23
C GLU A 20 6.00 4.04 -15.53
N ARG A 21 5.83 3.34 -16.66
CA ARG A 21 5.86 3.99 -17.97
C ARG A 21 4.62 4.87 -18.15
N ASP A 22 3.48 4.31 -17.74
CA ASP A 22 2.20 5.00 -17.84
C ASP A 22 2.19 6.27 -17.00
N SER A 23 2.91 6.24 -15.86
CA SER A 23 2.98 7.38 -14.96
C SER A 23 1.61 7.70 -14.37
N LEU A 24 1.49 7.48 -13.06
CA LEU A 24 0.28 7.74 -12.32
C LEU A 24 0.64 8.62 -11.13
N THR A 25 -0.29 9.48 -10.73
CA THR A 25 -0.05 10.37 -9.58
C THR A 25 0.08 9.52 -8.33
N GLU A 26 0.47 10.17 -7.23
CA GLU A 26 0.62 9.47 -5.95
C GLU A 26 -0.73 8.95 -5.46
N LYS A 27 -1.79 9.74 -5.69
CA LYS A 27 -3.15 9.36 -5.29
C LYS A 27 -3.57 8.06 -5.98
N GLU A 28 -3.26 7.98 -7.27
CA GLU A 28 -3.60 6.80 -8.07
C GLU A 28 -2.60 5.66 -7.84
N CYS A 29 -1.35 6.03 -7.60
CA CYS A 29 -0.28 5.05 -7.38
C CYS A 29 -0.55 4.25 -6.11
N VAL A 30 -0.87 4.94 -5.02
CA VAL A 30 -1.14 4.29 -3.75
C VAL A 30 -2.40 3.40 -3.84
N LYS A 31 -3.46 3.92 -4.47
CA LYS A 31 -4.71 3.16 -4.61
C LYS A 31 -4.48 1.87 -5.38
N GLU A 32 -3.69 1.94 -6.45
CA GLU A 32 -3.39 0.77 -7.29
C GLU A 32 -2.42 -0.18 -6.57
N LYS A 33 -1.35 0.38 -6.02
CA LYS A 33 -0.33 -0.40 -5.32
C LYS A 33 -0.93 -1.15 -4.13
N LEU A 34 -1.79 -0.46 -3.39
CA LEU A 34 -2.41 -1.06 -2.20
C LEU A 34 -3.08 -2.38 -2.55
N ASN A 35 -3.87 -2.39 -3.63
CA ASN A 35 -4.60 -3.60 -4.03
C ASN A 35 -3.63 -4.74 -4.39
N LEU A 36 -2.55 -4.41 -5.10
CA LEU A 36 -1.57 -5.44 -5.49
C LEU A 36 -0.95 -6.04 -4.23
N LEU A 37 -0.42 -5.16 -3.39
CA LEU A 37 0.22 -5.58 -2.14
C LEU A 37 -0.77 -6.29 -1.22
N HIS A 38 -2.02 -5.82 -1.23
CA HIS A 38 -3.07 -6.39 -0.38
C HIS A 38 -3.14 -7.91 -0.56
N GLU A 39 -3.05 -8.37 -1.80
CA GLU A 39 -3.08 -9.81 -2.11
C GLU A 39 -1.96 -10.56 -1.35
N PHE A 40 -0.92 -9.82 -0.95
CA PHE A 40 0.20 -10.41 -0.19
C PHE A 40 0.23 -9.91 1.27
N LEU A 41 -0.65 -8.93 1.59
CA LEU A 41 -0.72 -8.40 2.96
C LEU A 41 -1.92 -9.02 3.68
N GLN A 42 -1.78 -9.20 5.00
CA GLN A 42 -2.86 -9.77 5.81
C GLN A 42 -4.07 -8.84 5.80
N THR A 43 -5.25 -9.40 6.03
CA THR A 43 -6.49 -8.62 6.04
C THR A 43 -6.45 -7.57 7.15
N GLU A 44 -5.88 -7.91 8.31
CA GLU A 44 -5.77 -6.96 9.41
C GLU A 44 -5.14 -5.63 8.94
N ILE A 45 -4.41 -5.69 7.83
CA ILE A 45 -3.79 -4.50 7.24
C ILE A 45 -4.89 -3.62 6.65
N LYS A 46 -5.83 -4.26 5.94
CA LYS A 46 -6.96 -3.54 5.36
C LYS A 46 -7.79 -2.92 6.48
N ASN A 47 -7.88 -3.66 7.59
CA ASN A 47 -8.62 -3.22 8.76
C ASN A 47 -8.01 -1.94 9.32
N GLN A 48 -6.67 -1.91 9.38
CA GLN A 48 -5.94 -0.72 9.86
C GLN A 48 -6.23 0.47 8.96
N LEU A 49 -6.15 0.23 7.66
CA LEU A 49 -6.40 1.26 6.67
C LEU A 49 -7.88 1.69 6.68
N CYS A 50 -8.76 0.73 6.96
CA CYS A 50 -10.21 1.00 6.98
C CYS A 50 -10.55 2.11 7.96
N ASP A 51 -9.97 2.06 9.16
CA ASP A 51 -10.24 3.08 10.18
C ASP A 51 -9.84 4.46 9.67
N LEU A 52 -8.70 4.52 8.97
CA LEU A 52 -8.22 5.78 8.42
C LEU A 52 -9.24 6.33 7.42
N GLU A 53 -9.81 5.44 6.59
CA GLU A 53 -10.81 5.84 5.60
C GLU A 53 -11.97 6.57 6.27
N THR A 54 -12.32 6.12 7.48
CA THR A 54 -13.41 6.72 8.24
C THR A 54 -13.11 8.21 8.48
N LYS A 55 -11.83 8.51 8.75
CA LYS A 55 -11.41 9.89 8.96
C LYS A 55 -11.59 10.68 7.66
N LEU A 56 -11.23 10.05 6.53
CA LEU A 56 -11.37 10.70 5.22
C LEU A 56 -12.83 11.00 4.93
N ARG A 57 -13.69 10.06 5.32
CA ARG A 57 -15.11 10.20 5.10
C ARG A 57 -15.67 11.36 5.92
N LYS A 58 -15.20 11.49 7.16
CA LYS A 58 -15.64 12.60 8.03
C LYS A 58 -14.81 13.88 7.74
N GLU A 59 -13.89 13.79 6.76
CA GLU A 59 -13.04 14.93 6.39
C GLU A 59 -12.28 15.48 7.62
N GLU A 60 -12.03 14.58 8.58
CA GLU A 60 -11.31 14.94 9.81
C GLU A 60 -9.79 14.78 9.62
N LEU A 61 -9.38 14.05 8.56
CA LEU A 61 -7.98 13.82 8.26
C LEU A 61 -7.62 14.56 6.97
N SER A 62 -6.42 15.14 6.94
CA SER A 62 -5.94 15.87 5.76
C SER A 62 -5.64 14.88 4.65
N GLU A 63 -5.76 15.32 3.40
CA GLU A 63 -5.49 14.43 2.28
C GLU A 63 -4.05 13.93 2.40
N GLU A 64 -3.12 14.86 2.60
CA GLU A 64 -1.71 14.50 2.77
C GLU A 64 -1.51 13.66 4.04
N GLY A 65 -2.45 13.77 4.98
CA GLY A 65 -2.38 13.01 6.23
C GLY A 65 -2.47 11.52 5.92
N TYR A 66 -3.56 11.14 5.27
CA TYR A 66 -3.80 9.76 4.89
C TYR A 66 -2.70 9.30 3.92
N LEU A 67 -2.39 10.18 2.96
CA LEU A 67 -1.35 9.87 1.97
C LEU A 67 -0.01 9.59 2.64
N ALA A 68 0.32 10.36 3.68
CA ALA A 68 1.59 10.19 4.39
C ALA A 68 1.51 9.07 5.43
N LYS A 69 0.31 8.84 6.00
CA LYS A 69 0.10 7.78 6.98
C LYS A 69 0.15 6.40 6.31
N VAL A 70 -0.48 6.32 5.15
CA VAL A 70 -0.55 5.06 4.40
C VAL A 70 0.84 4.48 4.17
N LYS A 71 1.78 5.31 3.72
CA LYS A 71 3.14 4.83 3.45
C LYS A 71 3.75 4.23 4.72
N SER A 72 3.71 4.98 5.82
CA SER A 72 4.31 4.54 7.08
C SER A 72 3.92 3.09 7.42
N LEU A 73 2.61 2.79 7.43
CA LEU A 73 2.15 1.44 7.74
C LEU A 73 2.82 0.42 6.81
N LEU A 74 2.87 0.72 5.51
CA LEU A 74 3.48 -0.20 4.53
C LEU A 74 4.92 -0.49 4.89
N ASN A 75 5.68 0.58 5.18
CA ASN A 75 7.10 0.44 5.53
C ASN A 75 7.27 -0.30 6.85
N LYS A 76 6.39 0.00 7.82
CA LYS A 76 6.44 -0.64 9.13
C LYS A 76 6.16 -2.14 9.03
N ASP A 77 5.20 -2.50 8.18
CA ASP A 77 4.84 -3.91 7.99
C ASP A 77 6.03 -4.71 7.48
N LEU A 78 6.81 -4.12 6.57
CA LEU A 78 7.98 -4.80 6.02
C LEU A 78 9.21 -4.66 6.93
N SER A 79 9.11 -3.80 7.95
CA SER A 79 10.22 -3.60 8.88
C SER A 79 10.11 -4.55 10.08
N LEU A 80 11.21 -5.22 10.40
CA LEU A 80 11.26 -6.15 11.53
C LEU A 80 12.43 -5.83 12.43
N GLU A 81 12.12 -5.48 13.67
CA GLU A 81 13.15 -5.15 14.66
C GLU A 81 12.78 -5.74 16.02
N GLY A 1 20.90 -20.91 -0.83
CA GLY A 1 21.19 -19.48 -0.50
C GLY A 1 20.52 -19.03 0.81
N HIS A 2 20.13 -17.74 0.86
CA HIS A 2 19.55 -17.15 2.08
C HIS A 2 18.39 -16.30 1.67
N MET A 3 17.30 -16.41 2.40
CA MET A 3 16.10 -15.65 2.09
C MET A 3 15.42 -15.26 3.41
N PRO A 4 16.00 -14.35 4.19
CA PRO A 4 15.42 -13.92 5.49
C PRO A 4 13.97 -13.48 5.35
N ALA A 5 13.70 -12.82 4.23
CA ALA A 5 12.36 -12.33 3.93
C ALA A 5 12.06 -12.46 2.44
N ILE A 6 10.87 -12.95 2.13
CA ILE A 6 10.44 -13.13 0.74
C ILE A 6 10.11 -11.78 0.11
N SER A 7 10.66 -11.58 -1.09
CA SER A 7 10.45 -10.34 -1.83
C SER A 7 9.22 -10.48 -2.73
N LEU A 8 8.69 -9.34 -3.20
CA LEU A 8 7.49 -9.36 -4.04
C LEU A 8 7.61 -10.38 -5.19
N PRO A 9 6.49 -10.95 -5.67
CA PRO A 9 6.50 -11.92 -6.81
C PRO A 9 6.90 -11.26 -8.13
N ASP A 10 7.46 -12.05 -9.03
CA ASP A 10 7.87 -11.55 -10.33
C ASP A 10 6.69 -11.07 -11.15
N ASP A 11 5.54 -11.75 -11.04
CA ASP A 11 4.35 -11.35 -11.79
C ASP A 11 3.87 -9.96 -11.34
N VAL A 12 3.89 -9.74 -10.01
CA VAL A 12 3.46 -8.44 -9.46
C VAL A 12 4.42 -7.35 -9.94
N ARG A 13 5.71 -7.58 -9.70
CA ARG A 13 6.76 -6.61 -10.05
C ARG A 13 6.65 -6.16 -11.51
N ARG A 14 6.37 -7.09 -12.42
CA ARG A 14 6.24 -6.74 -13.85
C ARG A 14 5.13 -5.71 -14.05
N ARG A 15 4.00 -5.94 -13.35
CA ARG A 15 2.84 -5.05 -13.47
C ARG A 15 3.22 -3.63 -13.04
N LEU A 16 4.00 -3.50 -11.98
CA LEU A 16 4.44 -2.19 -11.48
C LEU A 16 5.29 -1.48 -12.54
N LYS A 17 6.13 -2.24 -13.23
CA LYS A 17 6.99 -1.70 -14.27
C LYS A 17 6.14 -1.00 -15.33
N ASP A 18 4.98 -1.59 -15.66
CA ASP A 18 4.07 -1.00 -16.64
C ASP A 18 3.52 0.32 -16.09
N LEU A 19 3.20 0.33 -14.79
CA LEU A 19 2.68 1.52 -14.13
C LEU A 19 3.71 2.65 -14.20
N GLU A 20 4.99 2.29 -14.02
CA GLU A 20 6.07 3.27 -14.06
C GLU A 20 6.11 3.97 -15.41
N ARG A 21 5.88 3.21 -16.48
CA ARG A 21 5.87 3.78 -17.83
C ARG A 21 4.62 4.64 -18.03
N ASP A 22 3.49 4.10 -17.58
CA ASP A 22 2.21 4.78 -17.70
C ASP A 22 2.21 6.10 -16.93
N SER A 23 2.90 6.10 -15.79
CA SER A 23 3.00 7.28 -14.92
C SER A 23 1.66 7.59 -14.26
N LEU A 24 1.58 7.30 -12.97
CA LEU A 24 0.39 7.55 -12.18
C LEU A 24 0.79 8.43 -11.01
N THR A 25 -0.05 9.40 -10.68
CA THR A 25 0.24 10.29 -9.56
C THR A 25 0.28 9.48 -8.28
N GLU A 26 0.64 10.14 -7.18
CA GLU A 26 0.72 9.47 -5.89
C GLU A 26 -0.65 8.92 -5.50
N LYS A 27 -1.70 9.70 -5.73
CA LYS A 27 -3.06 9.29 -5.41
C LYS A 27 -3.45 8.04 -6.20
N GLU A 28 -3.11 8.05 -7.48
CA GLU A 28 -3.40 6.92 -8.38
C GLU A 28 -2.51 5.72 -8.08
N CYS A 29 -1.26 6.01 -7.71
CA CYS A 29 -0.28 4.97 -7.42
C CYS A 29 -0.66 4.21 -6.15
N VAL A 30 -1.02 4.95 -5.09
CA VAL A 30 -1.39 4.33 -3.82
C VAL A 30 -2.65 3.45 -3.98
N LYS A 31 -3.64 3.96 -4.71
CA LYS A 31 -4.89 3.23 -4.92
C LYS A 31 -4.62 1.85 -5.54
N GLU A 32 -3.78 1.81 -6.56
CA GLU A 32 -3.44 0.55 -7.23
C GLU A 32 -2.48 -0.29 -6.38
N LYS A 33 -1.49 0.36 -5.79
CA LYS A 33 -0.49 -0.31 -4.95
C LYS A 33 -1.15 -1.04 -3.77
N LEU A 34 -2.21 -0.43 -3.22
CA LEU A 34 -2.91 -1.03 -2.09
C LEU A 34 -3.51 -2.38 -2.47
N ASN A 35 -4.24 -2.42 -3.58
CA ASN A 35 -4.90 -3.65 -4.02
C ASN A 35 -3.89 -4.78 -4.29
N LEU A 36 -2.77 -4.44 -4.93
CA LEU A 36 -1.75 -5.46 -5.24
C LEU A 36 -1.22 -6.07 -3.95
N LEU A 37 -0.73 -5.21 -3.06
CA LEU A 37 -0.20 -5.65 -1.77
C LEU A 37 -1.28 -6.34 -0.94
N HIS A 38 -2.51 -5.81 -1.02
CA HIS A 38 -3.64 -6.35 -0.26
C HIS A 38 -3.80 -7.85 -0.53
N GLU A 39 -3.64 -8.25 -1.80
CA GLU A 39 -3.75 -9.67 -2.16
C GLU A 39 -2.76 -10.54 -1.39
N PHE A 40 -1.74 -9.90 -0.79
CA PHE A 40 -0.74 -10.61 -0.01
C PHE A 40 -0.81 -10.22 1.47
N LEU A 41 -1.38 -9.03 1.75
CA LEU A 41 -1.53 -8.56 3.13
C LEU A 41 -2.80 -9.13 3.73
N GLN A 42 -2.77 -9.36 5.05
CA GLN A 42 -3.92 -9.88 5.76
C GLN A 42 -5.06 -8.87 5.74
N THR A 43 -6.30 -9.36 5.87
CA THR A 43 -7.47 -8.48 5.86
C THR A 43 -7.42 -7.50 7.04
N GLU A 44 -6.86 -7.94 8.17
CA GLU A 44 -6.74 -7.07 9.35
C GLU A 44 -6.01 -5.76 8.97
N ILE A 45 -5.27 -5.80 7.86
CA ILE A 45 -4.55 -4.62 7.37
C ILE A 45 -5.55 -3.63 6.78
N LYS A 46 -6.50 -4.18 5.99
CA LYS A 46 -7.55 -3.35 5.40
C LYS A 46 -8.33 -2.66 6.51
N ASN A 47 -8.47 -3.36 7.65
CA ASN A 47 -9.16 -2.81 8.81
C ASN A 47 -8.46 -1.56 9.31
N GLN A 48 -7.11 -1.62 9.33
CA GLN A 48 -6.33 -0.46 9.79
C GLN A 48 -6.61 0.74 8.90
N LEU A 49 -6.54 0.51 7.59
CA LEU A 49 -6.80 1.56 6.61
C LEU A 49 -8.27 1.98 6.60
N CYS A 50 -9.15 1.03 6.92
CA CYS A 50 -10.59 1.28 6.94
C CYS A 50 -10.95 2.38 7.95
N ASP A 51 -10.33 2.33 9.13
CA ASP A 51 -10.59 3.33 10.16
C ASP A 51 -10.18 4.72 9.68
N LEU A 52 -9.04 4.79 8.98
CA LEU A 52 -8.56 6.07 8.46
C LEU A 52 -9.54 6.63 7.43
N GLU A 53 -10.09 5.74 6.59
CA GLU A 53 -11.04 6.13 5.55
C GLU A 53 -12.22 6.89 6.19
N THR A 54 -12.62 6.45 7.39
CA THR A 54 -13.72 7.08 8.11
C THR A 54 -13.35 8.54 8.42
N LYS A 55 -12.06 8.78 8.70
CA LYS A 55 -11.59 10.13 8.99
C LYS A 55 -11.70 11.01 7.74
N LEU A 56 -11.38 10.42 6.58
CA LEU A 56 -11.48 11.12 5.30
C LEU A 56 -12.92 11.53 5.03
N ARG A 57 -13.82 10.62 5.37
CA ARG A 57 -15.24 10.84 5.17
C ARG A 57 -15.76 11.96 6.06
N LYS A 58 -15.28 12.02 7.30
CA LYS A 58 -15.68 13.08 8.23
C LYS A 58 -14.76 14.31 8.08
N GLU A 59 -13.84 14.26 7.10
CA GLU A 59 -12.89 15.34 6.85
C GLU A 59 -12.09 15.69 8.13
N GLU A 60 -11.90 14.69 8.98
CA GLU A 60 -11.15 14.86 10.22
C GLU A 60 -9.65 14.67 10.00
N LEU A 61 -9.29 13.92 8.94
CA LEU A 61 -7.90 13.65 8.60
C LEU A 61 -7.54 14.40 7.33
N SER A 62 -6.33 14.94 7.29
CA SER A 62 -5.85 15.69 6.14
C SER A 62 -5.57 14.71 5.00
N GLU A 63 -5.65 15.19 3.75
CA GLU A 63 -5.40 14.34 2.60
C GLU A 63 -4.00 13.76 2.72
N GLU A 64 -3.01 14.63 2.97
CA GLU A 64 -1.63 14.19 3.15
C GLU A 64 -1.52 13.25 4.35
N GLY A 65 -2.49 13.36 5.27
CA GLY A 65 -2.50 12.50 6.45
C GLY A 65 -2.66 11.05 6.05
N TYR A 66 -3.75 10.77 5.35
CA TYR A 66 -4.05 9.43 4.85
C TYR A 66 -2.96 8.98 3.88
N LEU A 67 -2.57 9.89 3.00
CA LEU A 67 -1.54 9.58 1.99
C LEU A 67 -0.21 9.22 2.66
N ALA A 68 0.13 9.92 3.75
CA ALA A 68 1.38 9.66 4.46
C ALA A 68 1.24 8.48 5.44
N LYS A 69 0.04 8.29 5.98
CA LYS A 69 -0.22 7.20 6.90
C LYS A 69 -0.26 5.85 6.16
N VAL A 70 -0.90 5.87 4.99
CA VAL A 70 -1.04 4.65 4.17
C VAL A 70 0.33 4.04 3.87
N LYS A 71 1.26 4.85 3.39
CA LYS A 71 2.58 4.33 3.06
C LYS A 71 3.24 3.68 4.27
N SER A 72 3.32 4.43 5.37
CA SER A 72 3.98 3.92 6.58
C SER A 72 3.51 2.50 6.92
N LEU A 73 2.20 2.28 7.01
CA LEU A 73 1.66 0.95 7.34
C LEU A 73 2.10 -0.09 6.30
N LEU A 74 2.04 0.27 5.01
CA LEU A 74 2.41 -0.67 3.95
C LEU A 74 3.81 -1.24 4.18
N ASN A 75 4.79 -0.35 4.25
CA ASN A 75 6.18 -0.76 4.48
C ASN A 75 6.34 -1.44 5.85
N LYS A 76 5.59 -0.94 6.84
CA LYS A 76 5.64 -1.48 8.19
C LYS A 76 5.25 -2.96 8.20
N ASP A 77 4.20 -3.30 7.46
CA ASP A 77 3.72 -4.68 7.41
C ASP A 77 4.81 -5.60 6.85
N LEU A 78 5.49 -5.15 5.78
CA LEU A 78 6.55 -5.95 5.17
C LEU A 78 7.76 -6.07 6.09
N SER A 79 8.05 -5.02 6.87
CA SER A 79 9.18 -5.05 7.80
C SER A 79 8.84 -5.91 9.01
N LEU A 80 9.84 -6.60 9.52
CA LEU A 80 9.66 -7.45 10.71
C LEU A 80 10.64 -7.06 11.81
N GLU A 81 10.10 -6.61 12.92
CA GLU A 81 10.91 -6.19 14.08
C GLU A 81 11.87 -5.07 13.66
N GLY A 1 15.58 -5.35 2.77
CA GLY A 1 16.00 -3.96 2.48
C GLY A 1 15.63 -3.62 1.06
N HIS A 2 16.48 -3.94 0.11
CA HIS A 2 16.26 -3.67 -1.32
C HIS A 2 15.05 -4.38 -1.90
N MET A 3 14.88 -5.64 -1.53
CA MET A 3 13.75 -6.44 -1.98
C MET A 3 12.80 -6.68 -0.82
N PRO A 4 11.75 -5.86 -0.64
CA PRO A 4 10.78 -6.05 0.48
C PRO A 4 10.16 -7.44 0.44
N ALA A 5 9.85 -7.98 1.63
CA ALA A 5 9.26 -9.32 1.75
C ALA A 5 10.20 -10.39 1.24
N ILE A 6 9.85 -11.65 1.51
CA ILE A 6 10.66 -12.80 1.12
C ILE A 6 10.79 -12.87 -0.41
N SER A 7 9.65 -12.97 -1.08
CA SER A 7 9.61 -13.03 -2.54
C SER A 7 8.17 -12.91 -3.01
N LEU A 8 7.97 -12.33 -4.20
CA LEU A 8 6.61 -12.15 -4.73
C LEU A 8 6.39 -12.95 -6.01
N PRO A 9 5.13 -13.20 -6.40
CA PRO A 9 4.81 -13.95 -7.65
C PRO A 9 5.33 -13.23 -8.90
N ASP A 10 5.67 -14.01 -9.93
CA ASP A 10 6.18 -13.45 -11.17
C ASP A 10 5.15 -12.55 -11.84
N ASP A 11 3.87 -12.92 -11.78
CA ASP A 11 2.82 -12.10 -12.39
C ASP A 11 2.73 -10.74 -11.71
N VAL A 12 2.83 -10.74 -10.37
CA VAL A 12 2.78 -9.49 -9.60
C VAL A 12 3.98 -8.62 -9.96
N ARG A 13 5.18 -9.19 -9.71
CA ARG A 13 6.44 -8.48 -9.96
C ARG A 13 6.47 -7.84 -11.36
N ARG A 14 6.19 -8.64 -12.39
CA ARG A 14 6.21 -8.12 -13.77
C ARG A 14 5.30 -6.89 -13.91
N ARG A 15 4.13 -6.95 -13.27
CA ARG A 15 3.18 -5.84 -13.31
C ARG A 15 3.77 -4.57 -12.69
N LEU A 16 4.51 -4.74 -11.59
CA LEU A 16 5.14 -3.60 -10.91
C LEU A 16 6.08 -2.87 -11.85
N LYS A 17 6.85 -3.63 -12.63
CA LYS A 17 7.79 -3.04 -13.58
C LYS A 17 7.05 -2.17 -14.59
N ASP A 18 5.89 -2.66 -15.04
CA ASP A 18 5.06 -1.92 -15.99
C ASP A 18 4.59 -0.61 -15.36
N LEU A 19 4.22 -0.70 -14.06
CA LEU A 19 3.75 0.47 -13.32
C LEU A 19 4.88 1.51 -13.23
N GLU A 20 6.10 1.02 -12.97
CA GLU A 20 7.26 1.91 -12.85
C GLU A 20 7.51 2.66 -14.16
N ARG A 21 7.42 1.93 -15.28
CA ARG A 21 7.61 2.55 -16.60
C ARG A 21 6.45 3.50 -16.92
N ASP A 22 5.25 3.08 -16.53
CA ASP A 22 4.04 3.85 -16.77
C ASP A 22 4.10 5.19 -16.07
N SER A 23 4.71 5.21 -14.88
CA SER A 23 4.84 6.42 -14.09
C SER A 23 3.48 6.95 -13.66
N LEU A 24 3.16 6.70 -12.39
CA LEU A 24 1.92 7.15 -11.79
C LEU A 24 2.26 7.91 -10.53
N THR A 25 1.48 8.93 -10.21
CA THR A 25 1.73 9.73 -9.02
C THR A 25 1.66 8.83 -7.78
N GLU A 26 1.97 9.39 -6.62
CA GLU A 26 1.93 8.62 -5.37
C GLU A 26 0.49 8.19 -5.07
N LYS A 27 -0.47 9.08 -5.37
CA LYS A 27 -1.88 8.78 -5.11
C LYS A 27 -2.32 7.54 -5.88
N GLU A 28 -1.96 7.50 -7.16
CA GLU A 28 -2.31 6.38 -8.04
C GLU A 28 -1.44 5.15 -7.75
N CYS A 29 -0.19 5.42 -7.37
CA CYS A 29 0.75 4.35 -7.07
C CYS A 29 0.30 3.52 -5.86
N VAL A 30 -0.04 4.21 -4.77
CA VAL A 30 -0.48 3.54 -3.55
C VAL A 30 -1.80 2.78 -3.81
N LYS A 31 -2.71 3.41 -4.55
CA LYS A 31 -4.01 2.80 -4.83
C LYS A 31 -3.83 1.40 -5.44
N GLU A 32 -2.97 1.29 -6.47
CA GLU A 32 -2.72 -0.01 -7.11
C GLU A 32 -1.91 -0.92 -6.18
N LYS A 33 -0.91 -0.34 -5.50
CA LYS A 33 -0.06 -1.09 -4.58
C LYS A 33 -0.88 -1.76 -3.49
N LEU A 34 -1.92 -1.05 -3.02
CA LEU A 34 -2.76 -1.57 -1.95
C LEU A 34 -3.42 -2.89 -2.36
N ASN A 35 -4.03 -2.92 -3.54
CA ASN A 35 -4.74 -4.11 -4.01
C ASN A 35 -3.79 -5.30 -4.19
N LEU A 36 -2.61 -5.05 -4.76
CA LEU A 36 -1.64 -6.13 -4.98
C LEU A 36 -1.23 -6.71 -3.63
N LEU A 37 -0.77 -5.84 -2.74
CA LEU A 37 -0.33 -6.27 -1.41
C LEU A 37 -1.49 -6.89 -0.63
N HIS A 38 -2.70 -6.35 -0.84
CA HIS A 38 -3.90 -6.84 -0.15
C HIS A 38 -4.03 -8.35 -0.32
N GLU A 39 -3.79 -8.84 -1.54
CA GLU A 39 -3.88 -10.29 -1.81
C GLU A 39 -2.94 -11.09 -0.91
N PHE A 40 -1.92 -10.41 -0.34
CA PHE A 40 -0.97 -11.06 0.57
C PHE A 40 -1.10 -10.51 2.01
N LEU A 41 -1.90 -9.44 2.18
CA LEU A 41 -2.11 -8.85 3.51
C LEU A 41 -3.45 -9.32 4.08
N GLN A 42 -3.42 -9.79 5.33
CA GLN A 42 -4.65 -10.27 5.98
C GLN A 42 -5.73 -9.20 5.93
N THR A 43 -6.99 -9.62 6.10
CA THR A 43 -8.11 -8.67 6.06
C THR A 43 -7.99 -7.65 7.19
N GLU A 44 -7.51 -8.08 8.37
CA GLU A 44 -7.34 -7.15 9.50
C GLU A 44 -6.52 -5.92 9.07
N ILE A 45 -5.74 -6.07 7.99
CA ILE A 45 -4.95 -4.97 7.45
C ILE A 45 -5.88 -3.97 6.78
N LYS A 46 -6.81 -4.50 5.98
CA LYS A 46 -7.80 -3.66 5.32
C LYS A 46 -8.65 -2.97 6.38
N ASN A 47 -8.92 -3.71 7.46
CA ASN A 47 -9.71 -3.18 8.58
C ASN A 47 -9.03 -1.94 9.16
N GLN A 48 -7.71 -2.02 9.37
CA GLN A 48 -6.96 -0.89 9.92
C GLN A 48 -7.11 0.31 8.99
N LEU A 49 -6.94 0.06 7.70
CA LEU A 49 -7.08 1.10 6.69
C LEU A 49 -8.49 1.66 6.66
N CYS A 50 -9.50 0.80 6.90
CA CYS A 50 -10.89 1.26 6.89
C CYS A 50 -11.13 2.37 7.90
N ASP A 51 -10.49 2.27 9.06
CA ASP A 51 -10.66 3.28 10.10
C ASP A 51 -10.13 4.62 9.63
N LEU A 52 -9.01 4.61 8.90
CA LEU A 52 -8.42 5.85 8.39
C LEU A 52 -9.41 6.53 7.45
N GLU A 53 -10.11 5.73 6.62
CA GLU A 53 -11.10 6.28 5.69
C GLU A 53 -12.11 7.15 6.42
N THR A 54 -12.48 6.71 7.63
CA THR A 54 -13.43 7.44 8.46
C THR A 54 -12.91 8.85 8.73
N LYS A 55 -11.60 8.95 8.96
CA LYS A 55 -10.97 10.26 9.20
C LYS A 55 -11.05 11.09 7.92
N LEU A 56 -10.76 10.45 6.78
CA LEU A 56 -10.80 11.13 5.47
C LEU A 56 -12.21 11.64 5.19
N ARG A 57 -13.20 10.83 5.58
CA ARG A 57 -14.60 11.16 5.38
C ARG A 57 -15.01 12.32 6.28
N LYS A 58 -14.53 12.31 7.52
CA LYS A 58 -14.84 13.40 8.46
C LYS A 58 -13.84 14.57 8.31
N GLU A 59 -12.92 14.46 7.33
CA GLU A 59 -11.91 15.50 7.09
C GLU A 59 -11.11 15.80 8.37
N GLU A 60 -10.89 14.78 9.19
CA GLU A 60 -10.12 14.92 10.43
C GLU A 60 -8.64 14.62 10.21
N LEU A 61 -8.34 13.86 9.16
CA LEU A 61 -6.97 13.49 8.82
C LEU A 61 -6.54 14.21 7.55
N SER A 62 -5.31 14.74 7.57
CA SER A 62 -4.77 15.45 6.42
C SER A 62 -4.65 14.50 5.24
N GLU A 63 -4.77 15.04 4.02
CA GLU A 63 -4.66 14.22 2.84
C GLU A 63 -3.29 13.54 2.83
N GLU A 64 -2.24 14.32 3.09
CA GLU A 64 -0.88 13.79 3.16
C GLU A 64 -0.74 12.84 4.36
N GLY A 65 -1.65 12.98 5.34
CA GLY A 65 -1.63 12.13 6.53
C GLY A 65 -1.90 10.70 6.12
N TYR A 66 -2.99 10.50 5.39
CA TYR A 66 -3.38 9.18 4.91
C TYR A 66 -2.31 8.65 3.94
N LEU A 67 -1.86 9.53 3.06
CA LEU A 67 -0.84 9.16 2.06
C LEU A 67 0.46 8.71 2.73
N ALA A 68 0.85 9.42 3.79
CA ALA A 68 2.10 9.11 4.50
C ALA A 68 1.90 7.97 5.53
N LYS A 69 0.70 7.91 6.12
CA LYS A 69 0.37 6.87 7.09
C LYS A 69 0.28 5.50 6.39
N VAL A 70 -0.35 5.50 5.22
CA VAL A 70 -0.54 4.26 4.44
C VAL A 70 0.81 3.64 4.10
N LYS A 71 1.73 4.43 3.58
CA LYS A 71 3.04 3.93 3.19
C LYS A 71 3.71 3.19 4.35
N SER A 72 3.92 3.90 5.47
CA SER A 72 4.59 3.30 6.63
C SER A 72 4.01 1.94 7.00
N LEU A 73 2.67 1.85 7.08
CA LEU A 73 2.02 0.59 7.45
C LEU A 73 2.49 -0.55 6.52
N LEU A 74 2.54 -0.27 5.20
CA LEU A 74 2.94 -1.29 4.24
C LEU A 74 4.33 -1.85 4.59
N ASN A 75 5.27 -0.95 4.83
CA ASN A 75 6.64 -1.34 5.18
C ASN A 75 6.67 -2.05 6.54
N LYS A 76 5.91 -1.52 7.50
CA LYS A 76 5.86 -2.09 8.86
C LYS A 76 5.34 -3.52 8.84
N ASP A 77 4.33 -3.78 8.02
CA ASP A 77 3.73 -5.10 7.93
C ASP A 77 4.78 -6.13 7.49
N LEU A 78 5.55 -5.80 6.45
CA LEU A 78 6.57 -6.70 5.94
C LEU A 78 7.75 -6.79 6.92
N SER A 79 8.04 -5.68 7.61
CA SER A 79 9.16 -5.64 8.55
C SER A 79 9.00 -6.72 9.63
N LEU A 80 7.75 -7.01 10.01
CA LEU A 80 7.48 -8.04 11.02
C LEU A 80 7.96 -9.41 10.52
N GLU A 81 7.68 -9.69 9.24
CA GLU A 81 8.09 -10.96 8.62
C GLU A 81 9.31 -10.75 7.74
N GLY A 1 11.75 -16.10 6.98
CA GLY A 1 12.70 -16.42 8.12
C GLY A 1 13.90 -17.19 7.54
N HIS A 2 13.92 -18.51 7.75
CA HIS A 2 14.97 -19.42 7.25
C HIS A 2 15.06 -19.44 5.73
N MET A 3 13.89 -19.42 5.12
CA MET A 3 13.78 -19.44 3.69
C MET A 3 14.42 -18.16 3.11
N PRO A 4 14.77 -18.16 1.82
CA PRO A 4 15.40 -16.96 1.18
C PRO A 4 14.52 -15.72 1.32
N ALA A 5 15.15 -14.54 1.26
CA ALA A 5 14.43 -13.27 1.40
C ALA A 5 13.21 -13.24 0.48
N ILE A 6 12.12 -12.70 1.03
CA ILE A 6 10.86 -12.63 0.28
C ILE A 6 10.91 -11.45 -0.70
N SER A 7 10.50 -11.73 -1.93
CA SER A 7 10.47 -10.72 -2.99
C SER A 7 9.17 -10.85 -3.77
N LEU A 8 8.58 -9.73 -4.16
CA LEU A 8 7.31 -9.76 -4.90
C LEU A 8 7.33 -10.75 -6.07
N PRO A 9 6.16 -11.27 -6.49
CA PRO A 9 6.09 -12.23 -7.65
C PRO A 9 6.52 -11.58 -8.96
N ASP A 10 7.09 -12.37 -9.86
CA ASP A 10 7.56 -11.86 -11.16
C ASP A 10 6.39 -11.35 -11.99
N ASP A 11 5.23 -12.03 -11.93
CA ASP A 11 4.06 -11.59 -12.69
C ASP A 11 3.58 -10.23 -12.21
N VAL A 12 3.54 -10.04 -10.88
CA VAL A 12 3.11 -8.77 -10.29
C VAL A 12 4.10 -7.68 -10.70
N ARG A 13 5.38 -7.95 -10.41
CA ARG A 13 6.46 -6.99 -10.69
C ARG A 13 6.38 -6.43 -12.10
N ARG A 14 6.06 -7.28 -13.09
CA ARG A 14 5.95 -6.82 -14.48
C ARG A 14 4.88 -5.74 -14.62
N ARG A 15 3.75 -5.95 -13.93
CA ARG A 15 2.63 -5.01 -13.97
C ARG A 15 3.09 -3.61 -13.53
N LEU A 16 3.90 -3.55 -12.46
CA LEU A 16 4.40 -2.27 -11.94
C LEU A 16 5.24 -1.57 -13.02
N LYS A 17 6.05 -2.37 -13.75
CA LYS A 17 6.90 -1.82 -14.80
C LYS A 17 6.04 -1.09 -15.84
N ASP A 18 4.88 -1.67 -16.15
CA ASP A 18 3.95 -1.05 -17.10
C ASP A 18 3.43 0.27 -16.54
N LEU A 19 3.15 0.29 -15.23
CA LEU A 19 2.66 1.49 -14.56
C LEU A 19 3.70 2.59 -14.64
N GLU A 20 4.98 2.22 -14.48
CA GLU A 20 6.09 3.18 -14.53
C GLU A 20 6.11 3.93 -15.87
N ARG A 21 5.83 3.21 -16.95
CA ARG A 21 5.79 3.81 -18.28
C ARG A 21 4.55 4.72 -18.40
N ASP A 22 3.43 4.20 -17.94
CA ASP A 22 2.16 4.93 -17.98
C ASP A 22 2.23 6.19 -17.12
N SER A 23 3.02 6.14 -16.05
CA SER A 23 3.18 7.27 -15.13
C SER A 23 1.88 7.55 -14.39
N LEU A 24 1.92 7.34 -13.07
CA LEU A 24 0.79 7.57 -12.18
C LEU A 24 1.25 8.49 -11.06
N THR A 25 0.36 9.37 -10.61
CA THR A 25 0.68 10.28 -9.51
C THR A 25 0.77 9.48 -8.21
N GLU A 26 1.24 10.13 -7.15
CA GLU A 26 1.35 9.46 -5.85
C GLU A 26 -0.03 8.98 -5.37
N LYS A 27 -1.05 9.82 -5.61
CA LYS A 27 -2.41 9.48 -5.20
C LYS A 27 -2.89 8.20 -5.89
N GLU A 28 -2.59 8.12 -7.20
CA GLU A 28 -2.96 6.95 -8.01
C GLU A 28 -2.04 5.75 -7.73
N CYS A 29 -0.77 6.04 -7.45
CA CYS A 29 0.21 4.99 -7.16
C CYS A 29 -0.14 4.24 -5.90
N VAL A 30 -0.49 4.97 -4.84
CA VAL A 30 -0.85 4.37 -3.55
C VAL A 30 -2.12 3.51 -3.72
N LYS A 31 -3.12 4.03 -4.42
CA LYS A 31 -4.37 3.29 -4.61
C LYS A 31 -4.12 1.96 -5.32
N GLU A 32 -3.26 1.97 -6.35
CA GLU A 32 -2.95 0.74 -7.10
C GLU A 32 -2.05 -0.19 -6.26
N LYS A 33 -1.03 0.40 -5.63
CA LYS A 33 -0.08 -0.34 -4.81
C LYS A 33 -0.79 -1.06 -3.67
N LEU A 34 -1.82 -0.41 -3.12
CA LEU A 34 -2.58 -1.00 -2.02
C LEU A 34 -3.19 -2.34 -2.43
N ASN A 35 -3.91 -2.34 -3.55
CA ASN A 35 -4.59 -3.56 -4.02
C ASN A 35 -3.59 -4.69 -4.29
N LEU A 36 -2.45 -4.36 -4.90
CA LEU A 36 -1.44 -5.38 -5.19
C LEU A 36 -0.93 -5.99 -3.88
N LEU A 37 -0.45 -5.12 -3.00
CA LEU A 37 0.07 -5.56 -1.70
C LEU A 37 -1.02 -6.23 -0.87
N HIS A 38 -2.25 -5.74 -1.02
CA HIS A 38 -3.39 -6.28 -0.27
C HIS A 38 -3.47 -7.80 -0.45
N GLU A 39 -3.27 -8.26 -1.69
CA GLU A 39 -3.32 -9.70 -1.98
C GLU A 39 -2.29 -10.48 -1.15
N PHE A 40 -1.29 -9.78 -0.62
CA PHE A 40 -0.25 -10.40 0.22
C PHE A 40 -0.37 -9.93 1.69
N LEU A 41 -1.11 -8.83 1.92
CA LEU A 41 -1.31 -8.31 3.27
C LEU A 41 -2.55 -8.97 3.88
N GLN A 42 -2.52 -9.18 5.20
CA GLN A 42 -3.65 -9.77 5.90
C GLN A 42 -4.82 -8.79 5.94
N THR A 43 -6.04 -9.32 6.10
CA THR A 43 -7.24 -8.47 6.16
C THR A 43 -7.16 -7.51 7.34
N GLU A 44 -6.61 -7.98 8.47
CA GLU A 44 -6.47 -7.13 9.65
C GLU A 44 -5.74 -5.82 9.29
N ILE A 45 -4.98 -5.84 8.20
CA ILE A 45 -4.27 -4.65 7.72
C ILE A 45 -5.28 -3.67 7.10
N LYS A 46 -6.20 -4.23 6.31
CA LYS A 46 -7.26 -3.42 5.68
C LYS A 46 -8.11 -2.77 6.77
N ASN A 47 -8.27 -3.50 7.88
CA ASN A 47 -9.05 -3.00 9.01
C ASN A 47 -8.43 -1.71 9.53
N GLN A 48 -7.09 -1.68 9.61
CA GLN A 48 -6.39 -0.49 10.10
C GLN A 48 -6.69 0.68 9.15
N LEU A 49 -6.61 0.40 7.85
CA LEU A 49 -6.89 1.41 6.84
C LEU A 49 -8.36 1.84 6.87
N CYS A 50 -9.25 0.91 7.20
CA CYS A 50 -10.68 1.20 7.24
C CYS A 50 -11.00 2.33 8.19
N ASP A 51 -10.37 2.31 9.36
CA ASP A 51 -10.59 3.35 10.37
C ASP A 51 -10.21 4.71 9.82
N LEU A 52 -9.08 4.77 9.10
CA LEU A 52 -8.63 6.04 8.50
C LEU A 52 -9.67 6.56 7.50
N GLU A 53 -10.25 5.62 6.74
CA GLU A 53 -11.25 5.98 5.73
C GLU A 53 -12.41 6.75 6.38
N THR A 54 -12.76 6.36 7.62
CA THR A 54 -13.83 7.03 8.36
C THR A 54 -13.47 8.50 8.58
N LYS A 55 -12.17 8.76 8.82
CA LYS A 55 -11.70 10.13 9.01
C LYS A 55 -11.86 10.92 7.71
N LEU A 56 -11.54 10.27 6.58
CA LEU A 56 -11.67 10.90 5.26
C LEU A 56 -13.12 11.27 5.00
N ARG A 57 -14.02 10.37 5.39
CA ARG A 57 -15.45 10.56 5.20
C ARG A 57 -15.95 11.73 6.03
N LYS A 58 -15.47 11.82 7.29
CA LYS A 58 -15.85 12.93 8.16
C LYS A 58 -14.92 14.15 7.95
N GLU A 59 -13.96 14.03 7.01
CA GLU A 59 -13.01 15.11 6.72
C GLU A 59 -12.24 15.54 7.99
N GLU A 60 -12.08 14.58 8.90
CA GLU A 60 -11.34 14.82 10.16
C GLU A 60 -9.83 14.65 9.94
N LEU A 61 -9.44 13.94 8.88
CA LEU A 61 -8.03 13.71 8.55
C LEU A 61 -7.68 14.48 7.28
N SER A 62 -6.46 15.03 7.25
CA SER A 62 -5.98 15.79 6.11
C SER A 62 -5.77 14.84 4.94
N GLU A 63 -5.90 15.35 3.72
CA GLU A 63 -5.72 14.53 2.53
C GLU A 63 -4.32 13.93 2.55
N GLU A 64 -3.32 14.80 2.79
CA GLU A 64 -1.92 14.36 2.89
C GLU A 64 -1.72 13.47 4.14
N GLY A 65 -2.66 13.56 5.10
CA GLY A 65 -2.59 12.75 6.32
C GLY A 65 -2.75 11.28 5.97
N TYR A 66 -3.83 10.96 5.28
CA TYR A 66 -4.11 9.60 4.84
C TYR A 66 -3.03 9.13 3.87
N LEU A 67 -2.67 10.01 2.94
CA LEU A 67 -1.65 9.69 1.93
C LEU A 67 -0.31 9.39 2.60
N ALA A 68 0.04 10.16 3.64
CA ALA A 68 1.32 9.97 4.34
C ALA A 68 1.24 8.84 5.37
N LYS A 69 0.06 8.65 5.96
CA LYS A 69 -0.15 7.58 6.95
C LYS A 69 -0.15 6.21 6.27
N VAL A 70 -0.81 6.14 5.11
CA VAL A 70 -0.92 4.89 4.36
C VAL A 70 0.47 4.32 4.06
N LYS A 71 1.38 5.14 3.54
CA LYS A 71 2.71 4.67 3.20
C LYS A 71 3.39 4.03 4.40
N SER A 72 3.47 4.77 5.51
CA SER A 72 4.15 4.28 6.72
C SER A 72 3.69 2.85 7.07
N LEU A 73 2.37 2.61 7.09
CA LEU A 73 1.84 1.30 7.43
C LEU A 73 2.38 0.23 6.45
N LEU A 74 2.37 0.55 5.15
CA LEU A 74 2.85 -0.41 4.15
C LEU A 74 4.29 -0.80 4.43
N ASN A 75 5.13 0.21 4.67
CA ASN A 75 6.55 -0.01 4.96
C ASN A 75 6.73 -0.73 6.30
N LYS A 76 5.91 -0.36 7.28
CA LYS A 76 5.97 -0.94 8.62
C LYS A 76 5.65 -2.45 8.59
N ASP A 77 4.62 -2.82 7.81
CA ASP A 77 4.22 -4.23 7.69
C ASP A 77 5.32 -5.06 7.05
N LEU A 78 5.98 -4.48 6.05
CA LEU A 78 7.08 -5.19 5.35
C LEU A 78 8.47 -4.73 5.82
N SER A 79 8.52 -3.95 6.91
CA SER A 79 9.79 -3.45 7.43
C SER A 79 10.72 -4.63 7.73
N LEU A 80 11.93 -4.32 8.22
CA LEU A 80 12.91 -5.35 8.55
C LEU A 80 13.36 -5.23 10.01
N GLU A 81 13.05 -6.25 10.80
CA GLU A 81 13.43 -6.27 12.21
C GLU A 81 14.95 -6.16 12.36
N GLY A 1 22.43 -12.01 -2.28
CA GLY A 1 21.79 -12.05 -3.64
C GLY A 1 22.08 -10.82 -4.47
N HIS A 2 22.20 -11.10 -5.81
CA HIS A 2 22.53 -10.06 -6.79
C HIS A 2 21.40 -9.08 -6.84
N MET A 3 20.19 -9.63 -6.80
CA MET A 3 18.98 -8.84 -6.78
C MET A 3 18.46 -8.62 -5.35
N PRO A 4 17.77 -7.50 -5.06
CA PRO A 4 17.23 -7.21 -3.69
C PRO A 4 16.36 -8.34 -3.17
N ALA A 5 15.64 -8.95 -4.09
CA ALA A 5 14.73 -10.05 -3.79
C ALA A 5 13.64 -9.61 -2.82
N ILE A 6 12.40 -9.63 -3.32
CA ILE A 6 11.23 -9.23 -2.51
C ILE A 6 10.35 -10.45 -2.27
N SER A 7 9.78 -10.50 -1.06
CA SER A 7 8.93 -11.60 -0.66
C SER A 7 7.73 -11.74 -1.60
N LEU A 8 7.10 -10.60 -1.93
CA LEU A 8 5.91 -10.60 -2.80
C LEU A 8 6.08 -11.52 -4.02
N PRO A 9 4.97 -11.94 -4.66
CA PRO A 9 5.04 -12.84 -5.85
C PRO A 9 5.76 -12.19 -7.02
N ASP A 10 6.37 -13.01 -7.85
CA ASP A 10 7.11 -12.53 -9.01
C ASP A 10 6.19 -11.82 -10.00
N ASP A 11 4.98 -12.35 -10.21
CA ASP A 11 4.04 -11.73 -11.14
C ASP A 11 3.60 -10.35 -10.64
N VAL A 12 3.32 -10.26 -9.34
CA VAL A 12 2.89 -8.99 -8.74
C VAL A 12 4.03 -7.97 -8.88
N ARG A 13 5.17 -8.34 -8.36
CA ARG A 13 6.36 -7.51 -8.35
C ARG A 13 6.68 -6.96 -9.75
N ARG A 14 6.64 -7.82 -10.78
CA ARG A 14 6.92 -7.41 -12.14
C ARG A 14 5.97 -6.30 -12.59
N ARG A 15 4.69 -6.42 -12.21
CA ARG A 15 3.69 -5.42 -12.58
C ARG A 15 4.06 -4.04 -12.01
N LEU A 16 4.57 -4.03 -10.76
CA LEU A 16 4.96 -2.76 -10.12
C LEU A 16 6.07 -2.06 -10.92
N LYS A 17 7.03 -2.87 -11.39
CA LYS A 17 8.14 -2.33 -12.17
C LYS A 17 7.61 -1.68 -13.44
N ASP A 18 6.60 -2.29 -14.05
CA ASP A 18 5.98 -1.75 -15.26
C ASP A 18 5.25 -0.45 -14.93
N LEU A 19 4.60 -0.41 -13.76
CA LEU A 19 3.86 0.77 -13.32
C LEU A 19 4.84 1.94 -13.12
N GLU A 20 6.01 1.63 -12.58
CA GLU A 20 7.04 2.64 -12.32
C GLU A 20 7.53 3.24 -13.63
N ARG A 21 7.68 2.41 -14.66
CA ARG A 21 8.13 2.89 -15.98
C ARG A 21 6.99 3.66 -16.67
N ASP A 22 5.80 3.09 -16.59
CA ASP A 22 4.61 3.68 -17.20
C ASP A 22 4.32 5.07 -16.62
N SER A 23 4.96 5.40 -15.49
CA SER A 23 4.79 6.69 -14.83
C SER A 23 3.44 6.76 -14.13
N LEU A 24 3.44 6.22 -12.91
CA LEU A 24 2.25 6.20 -12.08
C LEU A 24 2.22 7.51 -11.28
N THR A 25 1.57 7.49 -10.11
CA THR A 25 1.49 8.66 -9.25
C THR A 25 1.36 8.20 -7.80
N GLU A 26 1.56 9.12 -6.86
CA GLU A 26 1.44 8.77 -5.45
C GLU A 26 0.00 8.35 -5.13
N LYS A 27 -0.95 9.12 -5.64
CA LYS A 27 -2.38 8.84 -5.42
C LYS A 27 -2.76 7.50 -6.05
N GLU A 28 -2.19 7.23 -7.22
CA GLU A 28 -2.45 6.00 -7.96
C GLU A 28 -1.63 4.83 -7.39
N CYS A 29 -0.50 5.15 -6.73
CA CYS A 29 0.36 4.14 -6.14
C CYS A 29 -0.33 3.47 -4.97
N VAL A 30 -0.93 4.27 -4.10
CA VAL A 30 -1.62 3.74 -2.92
C VAL A 30 -2.84 2.89 -3.33
N LYS A 31 -3.63 3.39 -4.28
CA LYS A 31 -4.83 2.67 -4.73
C LYS A 31 -4.47 1.30 -5.30
N GLU A 32 -3.45 1.24 -6.17
CA GLU A 32 -3.02 -0.03 -6.77
C GLU A 32 -2.26 -0.89 -5.77
N LYS A 33 -1.27 -0.28 -5.10
CA LYS A 33 -0.45 -0.99 -4.13
C LYS A 33 -1.32 -1.62 -3.04
N LEU A 34 -2.36 -0.90 -2.60
CA LEU A 34 -3.23 -1.41 -1.57
C LEU A 34 -3.92 -2.70 -1.98
N ASN A 35 -4.52 -2.70 -3.17
CA ASN A 35 -5.26 -3.88 -3.65
C ASN A 35 -4.34 -5.08 -3.84
N LEU A 36 -3.17 -4.86 -4.43
CA LEU A 36 -2.21 -5.95 -4.67
C LEU A 36 -1.79 -6.56 -3.34
N LEU A 37 -1.31 -5.71 -2.44
CA LEU A 37 -0.86 -6.16 -1.12
C LEU A 37 -2.02 -6.73 -0.33
N HIS A 38 -3.22 -6.15 -0.50
CA HIS A 38 -4.41 -6.61 0.22
C HIS A 38 -4.61 -8.11 0.06
N GLU A 39 -4.43 -8.60 -1.17
CA GLU A 39 -4.58 -10.04 -1.44
C GLU A 39 -3.63 -10.89 -0.59
N PHE A 40 -2.59 -10.23 -0.05
CA PHE A 40 -1.61 -10.90 0.82
C PHE A 40 -1.64 -10.34 2.24
N LEU A 41 -2.41 -9.27 2.47
CA LEU A 41 -2.52 -8.67 3.79
C LEU A 41 -3.84 -9.06 4.44
N GLN A 42 -3.78 -9.50 5.70
CA GLN A 42 -4.98 -9.91 6.42
C GLN A 42 -6.06 -8.83 6.32
N THR A 43 -7.32 -9.24 6.46
CA THR A 43 -8.44 -8.29 6.38
C THR A 43 -8.35 -7.24 7.48
N GLU A 44 -7.81 -7.62 8.66
CA GLU A 44 -7.66 -6.66 9.77
C GLU A 44 -6.90 -5.41 9.29
N ILE A 45 -6.12 -5.57 8.22
CA ILE A 45 -5.36 -4.46 7.65
C ILE A 45 -6.35 -3.51 6.96
N LYS A 46 -7.27 -4.09 6.18
CA LYS A 46 -8.29 -3.30 5.49
C LYS A 46 -9.12 -2.57 6.54
N ASN A 47 -9.36 -3.24 7.67
CA ASN A 47 -10.12 -2.65 8.77
C ASN A 47 -9.41 -1.40 9.27
N GLN A 48 -8.09 -1.50 9.46
CA GLN A 48 -7.31 -0.35 9.93
C GLN A 48 -7.50 0.82 8.97
N LEU A 49 -7.45 0.52 7.68
CA LEU A 49 -7.63 1.52 6.65
C LEU A 49 -9.04 2.09 6.69
N CYS A 50 -10.03 1.23 6.98
CA CYS A 50 -11.43 1.67 7.02
C CYS A 50 -11.64 2.81 8.00
N ASP A 51 -11.09 2.69 9.21
CA ASP A 51 -11.25 3.72 10.23
C ASP A 51 -10.71 5.05 9.72
N LEU A 52 -9.52 5.01 9.10
CA LEU A 52 -8.91 6.23 8.58
C LEU A 52 -9.79 6.83 7.48
N GLU A 53 -10.38 5.94 6.65
CA GLU A 53 -11.26 6.38 5.57
C GLU A 53 -12.41 7.21 6.13
N THR A 54 -12.89 6.82 7.30
CA THR A 54 -13.98 7.54 7.97
C THR A 54 -13.54 8.97 8.26
N LYS A 55 -12.25 9.14 8.61
CA LYS A 55 -11.71 10.48 8.89
C LYS A 55 -11.72 11.32 7.61
N LEU A 56 -11.35 10.69 6.49
CA LEU A 56 -11.32 11.37 5.19
C LEU A 56 -12.71 11.86 4.83
N ARG A 57 -13.70 11.04 5.16
CA ARG A 57 -15.09 11.35 4.87
C ARG A 57 -15.59 12.50 5.74
N LYS A 58 -15.20 12.50 7.02
CA LYS A 58 -15.58 13.57 7.94
C LYS A 58 -14.59 14.75 7.84
N GLU A 59 -13.57 14.62 6.97
CA GLU A 59 -12.57 15.66 6.77
C GLU A 59 -11.85 15.99 8.10
N GLU A 60 -11.62 14.95 8.89
CA GLU A 60 -10.94 15.09 10.19
C GLU A 60 -9.43 14.82 10.04
N LEU A 61 -9.07 14.05 9.00
CA LEU A 61 -7.67 13.70 8.74
C LEU A 61 -7.20 14.42 7.49
N SER A 62 -5.91 14.76 7.46
CA SER A 62 -5.31 15.44 6.32
C SER A 62 -5.16 14.46 5.17
N GLU A 63 -5.25 14.96 3.94
CA GLU A 63 -5.09 14.09 2.77
C GLU A 63 -3.70 13.46 2.81
N GLU A 64 -2.69 14.29 3.04
CA GLU A 64 -1.31 13.80 3.15
C GLU A 64 -1.16 12.92 4.39
N GLY A 65 -2.07 13.10 5.36
CA GLY A 65 -2.05 12.32 6.58
C GLY A 65 -2.34 10.87 6.24
N TYR A 66 -3.42 10.65 5.52
CA TYR A 66 -3.82 9.31 5.09
C TYR A 66 -2.78 8.74 4.12
N LEU A 67 -2.35 9.57 3.18
CA LEU A 67 -1.36 9.15 2.17
C LEU A 67 -0.05 8.73 2.84
N ALA A 68 0.37 9.48 3.86
CA ALA A 68 1.63 9.19 4.56
C ALA A 68 1.44 8.12 5.65
N LYS A 69 0.25 8.11 6.26
CA LYS A 69 -0.07 7.14 7.32
C LYS A 69 -0.22 5.75 6.72
N VAL A 70 -0.93 5.67 5.59
CA VAL A 70 -1.18 4.39 4.91
C VAL A 70 0.13 3.61 4.77
N LYS A 71 1.20 4.28 4.35
CA LYS A 71 2.48 3.61 4.16
C LYS A 71 2.90 2.87 5.43
N SER A 72 2.85 3.57 6.58
CA SER A 72 3.26 2.97 7.86
C SER A 72 2.69 1.56 8.04
N LEU A 73 1.36 1.40 7.90
CA LEU A 73 0.73 0.08 8.06
C LEU A 73 1.34 -0.93 7.09
N LEU A 74 1.55 -0.54 5.83
CA LEU A 74 2.09 -1.44 4.83
C LEU A 74 3.47 -1.95 5.23
N ASN A 75 4.35 -1.02 5.64
CA ASN A 75 5.71 -1.37 6.06
C ASN A 75 5.70 -2.16 7.36
N LYS A 76 4.81 -1.74 8.28
CA LYS A 76 4.69 -2.39 9.58
C LYS A 76 4.30 -3.85 9.44
N ASP A 77 3.39 -4.15 8.51
CA ASP A 77 2.94 -5.52 8.30
C ASP A 77 4.11 -6.42 7.89
N LEU A 78 4.94 -5.92 6.98
CA LEU A 78 6.10 -6.70 6.52
C LEU A 78 7.15 -6.85 7.63
N SER A 79 7.28 -5.81 8.47
CA SER A 79 8.26 -5.84 9.55
C SER A 79 7.88 -6.87 10.62
N LEU A 80 6.56 -7.05 10.82
CA LEU A 80 6.08 -8.03 11.80
C LEU A 80 6.50 -9.44 11.40
N GLU A 81 6.37 -9.73 10.10
CA GLU A 81 6.73 -11.03 9.55
C GLU A 81 5.95 -12.13 10.26
N GLY A 1 16.23 -20.43 4.59
CA GLY A 1 15.00 -21.15 4.11
C GLY A 1 14.95 -21.38 2.61
N HIS A 2 13.74 -21.63 2.06
CA HIS A 2 13.57 -21.96 0.64
C HIS A 2 13.78 -20.69 -0.17
N MET A 3 13.26 -19.61 0.42
CA MET A 3 13.31 -18.30 -0.14
C MET A 3 12.63 -18.30 -1.51
N PRO A 4 11.29 -18.38 -1.55
CA PRO A 4 10.57 -18.41 -2.87
C PRO A 4 10.91 -17.22 -3.75
N ALA A 5 11.27 -16.13 -3.11
CA ALA A 5 11.63 -14.90 -3.82
C ALA A 5 12.36 -13.94 -2.88
N ILE A 6 12.87 -12.86 -3.45
CA ILE A 6 13.59 -11.84 -2.69
C ILE A 6 12.62 -11.09 -1.78
N SER A 7 11.45 -10.72 -2.33
CA SER A 7 10.44 -10.00 -1.56
C SER A 7 9.04 -10.27 -2.12
N LEU A 8 8.81 -9.88 -3.38
CA LEU A 8 7.52 -10.06 -4.03
C LEU A 8 7.61 -11.00 -5.23
N PRO A 9 6.49 -11.55 -5.72
CA PRO A 9 6.49 -12.46 -6.91
C PRO A 9 7.03 -11.78 -8.17
N ASP A 10 7.60 -12.57 -9.07
CA ASP A 10 8.16 -12.05 -10.31
C ASP A 10 7.08 -11.39 -11.17
N ASP A 11 5.88 -11.99 -11.23
CA ASP A 11 4.78 -11.41 -12.03
C ASP A 11 4.37 -10.05 -11.48
N VAL A 12 4.30 -9.93 -10.15
CA VAL A 12 3.92 -8.67 -9.51
C VAL A 12 4.97 -7.61 -9.83
N ARG A 13 6.21 -7.90 -9.42
CA ARG A 13 7.32 -6.95 -9.62
C ARG A 13 7.37 -6.43 -11.05
N ARG A 14 7.25 -7.33 -12.04
CA ARG A 14 7.30 -6.90 -13.44
C ARG A 14 6.21 -5.87 -13.72
N ARG A 15 5.00 -6.13 -13.22
CA ARG A 15 3.88 -5.22 -13.44
C ARG A 15 4.15 -3.84 -12.83
N LEU A 16 4.78 -3.82 -11.66
CA LEU A 16 5.12 -2.56 -10.98
C LEU A 16 6.06 -1.71 -11.83
N LYS A 17 7.00 -2.37 -12.51
CA LYS A 17 7.95 -1.68 -13.36
C LYS A 17 7.20 -0.92 -14.47
N ASP A 18 6.14 -1.54 -15.00
CA ASP A 18 5.31 -0.90 -16.04
C ASP A 18 4.67 0.36 -15.46
N LEU A 19 4.19 0.27 -14.22
CA LEU A 19 3.55 1.40 -13.55
C LEU A 19 4.55 2.54 -13.39
N GLU A 20 5.80 2.20 -13.07
CA GLU A 20 6.86 3.20 -12.89
C GLU A 20 7.07 3.99 -14.17
N ARG A 21 7.10 3.30 -15.31
CA ARG A 21 7.28 3.97 -16.61
C ARG A 21 6.03 4.79 -16.96
N ASP A 22 4.88 4.22 -16.63
CA ASP A 22 3.59 4.86 -16.89
C ASP A 22 3.49 6.20 -16.16
N SER A 23 4.06 6.25 -14.95
CA SER A 23 4.03 7.46 -14.14
C SER A 23 2.60 7.86 -13.82
N LEU A 24 2.21 7.59 -12.58
CA LEU A 24 0.90 7.92 -12.07
C LEU A 24 1.08 8.72 -10.80
N THR A 25 0.17 9.64 -10.52
CA THR A 25 0.27 10.47 -9.31
C THR A 25 0.25 9.56 -8.09
N GLU A 26 0.46 10.15 -6.91
CA GLU A 26 0.45 9.38 -5.66
C GLU A 26 -0.94 8.80 -5.40
N LYS A 27 -1.98 9.56 -5.78
CA LYS A 27 -3.36 9.11 -5.57
C LYS A 27 -3.63 7.82 -6.32
N GLU A 28 -3.21 7.80 -7.59
CA GLU A 28 -3.39 6.63 -8.46
C GLU A 28 -2.37 5.53 -8.13
N CYS A 29 -1.17 5.95 -7.74
CA CYS A 29 -0.11 5.00 -7.42
C CYS A 29 -0.44 4.20 -6.16
N VAL A 30 -0.87 4.90 -5.11
CA VAL A 30 -1.23 4.25 -3.85
C VAL A 30 -2.46 3.36 -4.04
N LYS A 31 -3.47 3.85 -4.77
CA LYS A 31 -4.69 3.07 -4.98
C LYS A 31 -4.38 1.71 -5.61
N GLU A 32 -3.54 1.71 -6.65
CA GLU A 32 -3.16 0.45 -7.32
C GLU A 32 -2.21 -0.38 -6.44
N LYS A 33 -1.23 0.28 -5.84
CA LYS A 33 -0.24 -0.37 -4.99
C LYS A 33 -0.92 -1.05 -3.79
N LEU A 34 -1.95 -0.39 -3.26
CA LEU A 34 -2.67 -0.93 -2.10
C LEU A 34 -3.26 -2.30 -2.40
N ASN A 35 -3.94 -2.42 -3.54
CA ASN A 35 -4.59 -3.68 -3.91
C ASN A 35 -3.58 -4.81 -4.10
N LEU A 36 -2.47 -4.50 -4.78
CA LEU A 36 -1.44 -5.51 -5.05
C LEU A 36 -0.88 -6.01 -3.72
N LEU A 37 -0.44 -5.07 -2.89
CA LEU A 37 0.13 -5.40 -1.59
C LEU A 37 -0.92 -6.07 -0.70
N HIS A 38 -2.15 -5.59 -0.78
CA HIS A 38 -3.24 -6.14 0.03
C HIS A 38 -3.35 -7.66 -0.16
N GLU A 39 -3.26 -8.10 -1.42
CA GLU A 39 -3.32 -9.54 -1.73
C GLU A 39 -2.21 -10.33 -1.00
N PHE A 40 -1.19 -9.60 -0.52
CA PHE A 40 -0.07 -10.22 0.21
C PHE A 40 -0.02 -9.74 1.68
N LEU A 41 -0.84 -8.74 2.02
CA LEU A 41 -0.90 -8.22 3.38
C LEU A 41 -2.14 -8.76 4.09
N GLN A 42 -1.97 -9.11 5.37
CA GLN A 42 -3.08 -9.62 6.18
C GLN A 42 -4.25 -8.62 6.15
N THR A 43 -5.49 -9.13 6.31
CA THR A 43 -6.68 -8.28 6.30
C THR A 43 -6.63 -7.22 7.42
N GLU A 44 -6.04 -7.58 8.55
CA GLU A 44 -5.92 -6.64 9.68
C GLU A 44 -5.31 -5.31 9.19
N ILE A 45 -4.55 -5.35 8.08
CA ILE A 45 -3.97 -4.16 7.49
C ILE A 45 -5.09 -3.31 6.88
N LYS A 46 -5.99 -3.98 6.15
CA LYS A 46 -7.15 -3.30 5.55
C LYS A 46 -8.00 -2.69 6.67
N ASN A 47 -8.07 -3.39 7.79
CA ASN A 47 -8.81 -2.93 8.95
C ASN A 47 -8.22 -1.61 9.47
N GLN A 48 -6.88 -1.56 9.51
CA GLN A 48 -6.19 -0.35 9.97
C GLN A 48 -6.53 0.81 9.05
N LEU A 49 -6.47 0.54 7.76
CA LEU A 49 -6.78 1.56 6.75
C LEU A 49 -8.25 1.95 6.81
N CYS A 50 -9.11 0.99 7.13
CA CYS A 50 -10.56 1.25 7.19
C CYS A 50 -10.89 2.35 8.19
N ASP A 51 -10.26 2.31 9.37
CA ASP A 51 -10.51 3.32 10.40
C ASP A 51 -10.12 4.70 9.89
N LEU A 52 -9.01 4.76 9.14
CA LEU A 52 -8.54 6.03 8.59
C LEU A 52 -9.59 6.59 7.63
N GLU A 53 -10.20 5.71 6.83
CA GLU A 53 -11.23 6.13 5.87
C GLU A 53 -12.37 6.84 6.61
N THR A 54 -12.67 6.37 7.81
CA THR A 54 -13.72 6.95 8.63
C THR A 54 -13.44 8.43 8.87
N LYS A 55 -12.16 8.77 9.06
CA LYS A 55 -11.76 10.15 9.26
C LYS A 55 -12.06 10.95 7.98
N LEU A 56 -11.77 10.34 6.82
CA LEU A 56 -12.03 10.99 5.52
C LEU A 56 -13.53 11.21 5.35
N ARG A 57 -14.32 10.30 5.91
CA ARG A 57 -15.78 10.39 5.84
C ARG A 57 -16.32 11.47 6.76
N LYS A 58 -15.69 11.62 7.95
CA LYS A 58 -16.11 12.66 8.90
C LYS A 58 -15.31 13.97 8.69
N GLU A 59 -14.39 13.97 7.69
CA GLU A 59 -13.57 15.16 7.41
C GLU A 59 -12.70 15.56 8.62
N GLU A 60 -12.25 14.55 9.37
CA GLU A 60 -11.39 14.78 10.55
C GLU A 60 -9.91 14.69 10.18
N LEU A 61 -9.61 13.95 9.10
CA LEU A 61 -8.24 13.76 8.64
C LEU A 61 -8.04 14.50 7.31
N SER A 62 -6.84 15.06 7.13
CA SER A 62 -6.50 15.79 5.92
C SER A 62 -6.27 14.81 4.78
N GLU A 63 -6.46 15.27 3.54
CA GLU A 63 -6.25 14.42 2.38
C GLU A 63 -4.79 13.95 2.39
N GLU A 64 -3.86 14.89 2.57
CA GLU A 64 -2.44 14.56 2.64
C GLU A 64 -2.13 13.71 3.87
N GLY A 65 -3.00 13.79 4.89
CA GLY A 65 -2.82 13.03 6.12
C GLY A 65 -2.96 11.54 5.82
N TYR A 66 -4.08 11.19 5.21
CA TYR A 66 -4.36 9.81 4.83
C TYR A 66 -3.31 9.34 3.80
N LEU A 67 -3.05 10.20 2.83
CA LEU A 67 -2.08 9.90 1.78
C LEU A 67 -0.70 9.63 2.37
N ALA A 68 -0.31 10.42 3.37
CA ALA A 68 1.00 10.25 4.02
C ALA A 68 0.99 9.14 5.08
N LYS A 69 -0.17 8.92 5.72
CA LYS A 69 -0.31 7.87 6.74
C LYS A 69 -0.32 6.48 6.09
N VAL A 70 -0.97 6.40 4.92
CA VAL A 70 -1.10 5.13 4.20
C VAL A 70 0.30 4.55 3.90
N LYS A 71 1.21 5.38 3.40
CA LYS A 71 2.56 4.90 3.08
C LYS A 71 3.23 4.30 4.30
N SER A 72 3.26 5.06 5.41
CA SER A 72 3.91 4.61 6.65
C SER A 72 3.52 3.17 7.01
N LEU A 73 2.21 2.88 7.10
CA LEU A 73 1.77 1.54 7.47
C LEU A 73 2.40 0.50 6.53
N LEU A 74 2.42 0.79 5.23
CA LEU A 74 2.98 -0.16 4.26
C LEU A 74 4.43 -0.49 4.60
N ASN A 75 5.23 0.54 4.87
CA ASN A 75 6.63 0.35 5.23
C ASN A 75 6.79 -0.34 6.58
N LYS A 76 5.97 0.08 7.56
CA LYS A 76 6.02 -0.48 8.91
C LYS A 76 5.71 -1.97 8.93
N ASP A 77 4.74 -2.39 8.12
CA ASP A 77 4.36 -3.80 8.06
C ASP A 77 5.53 -4.65 7.57
N LEU A 78 6.25 -4.15 6.57
CA LEU A 78 7.41 -4.87 6.03
C LEU A 78 8.60 -4.86 6.98
N SER A 79 8.76 -3.77 7.74
CA SER A 79 9.87 -3.66 8.68
C SER A 79 9.58 -4.49 9.94
N LEU A 80 10.65 -5.07 10.49
CA LEU A 80 10.55 -5.88 11.69
C LEU A 80 10.09 -5.01 12.87
N GLU A 81 10.67 -3.82 12.98
CA GLU A 81 10.34 -2.89 14.06
C GLU A 81 9.03 -2.18 13.74
N GLY A 1 8.79 -22.22 -7.25
CA GLY A 1 9.17 -21.10 -6.36
C GLY A 1 9.54 -21.61 -4.97
N HIS A 2 9.99 -22.90 -4.84
CA HIS A 2 10.39 -23.39 -3.51
C HIS A 2 11.35 -22.41 -2.80
N MET A 3 12.43 -21.97 -3.48
CA MET A 3 13.41 -21.03 -2.84
C MET A 3 12.69 -19.82 -2.18
N PRO A 4 12.57 -19.76 -0.83
CA PRO A 4 11.87 -18.61 -0.14
C PRO A 4 12.55 -17.28 -0.43
N ALA A 5 11.74 -16.21 -0.46
CA ALA A 5 12.27 -14.88 -0.72
C ALA A 5 11.24 -13.81 -0.38
N ILE A 6 11.69 -12.85 0.43
CA ILE A 6 10.83 -11.74 0.85
C ILE A 6 10.47 -10.85 -0.34
N SER A 7 11.45 -10.59 -1.21
CA SER A 7 11.25 -9.76 -2.40
C SER A 7 9.95 -10.13 -3.12
N LEU A 8 9.25 -9.11 -3.63
CA LEU A 8 7.97 -9.32 -4.31
C LEU A 8 8.08 -10.36 -5.44
N PRO A 9 6.97 -10.96 -5.86
CA PRO A 9 6.98 -11.97 -6.97
C PRO A 9 7.47 -11.35 -8.29
N ASP A 10 8.06 -12.19 -9.15
CA ASP A 10 8.57 -11.72 -10.43
C ASP A 10 7.44 -11.22 -11.33
N ASP A 11 6.29 -11.90 -11.28
CA ASP A 11 5.14 -11.50 -12.10
C ASP A 11 4.63 -10.11 -11.66
N VAL A 12 4.53 -9.92 -10.35
CA VAL A 12 4.07 -8.63 -9.80
C VAL A 12 5.09 -7.54 -10.14
N ARG A 13 6.34 -7.82 -9.77
CA ARG A 13 7.44 -6.89 -9.96
C ARG A 13 7.47 -6.32 -11.39
N ARG A 14 7.27 -7.18 -12.40
CA ARG A 14 7.26 -6.71 -13.81
C ARG A 14 6.15 -5.69 -14.02
N ARG A 15 4.98 -5.95 -13.43
CA ARG A 15 3.81 -5.08 -13.58
C ARG A 15 4.15 -3.65 -13.10
N LEU A 16 4.86 -3.55 -11.97
CA LEU A 16 5.26 -2.26 -11.42
C LEU A 16 6.17 -1.50 -12.39
N LYS A 17 7.10 -2.24 -13.00
CA LYS A 17 8.03 -1.67 -13.95
C LYS A 17 7.27 -1.07 -15.14
N ASP A 18 6.22 -1.76 -15.57
CA ASP A 18 5.38 -1.28 -16.67
C ASP A 18 4.63 -0.02 -16.23
N LEU A 19 4.14 -0.03 -14.98
CA LEU A 19 3.41 1.11 -14.44
C LEU A 19 4.32 2.33 -14.37
N GLU A 20 5.57 2.12 -13.96
CA GLU A 20 6.54 3.19 -13.85
C GLU A 20 6.66 3.97 -15.17
N ARG A 21 6.49 3.29 -16.31
CA ARG A 21 6.57 3.95 -17.62
C ARG A 21 5.39 4.91 -17.77
N ASP A 22 4.20 4.38 -17.50
CA ASP A 22 2.96 5.17 -17.62
C ASP A 22 2.97 6.34 -16.63
N SER A 23 3.86 6.29 -15.63
CA SER A 23 3.97 7.33 -14.62
C SER A 23 2.68 7.44 -13.81
N LEU A 24 2.81 7.27 -12.50
CA LEU A 24 1.71 7.36 -11.57
C LEU A 24 2.06 8.37 -10.49
N THR A 25 1.12 9.20 -10.13
CA THR A 25 1.33 10.19 -9.08
C THR A 25 1.37 9.49 -7.74
N GLU A 26 1.72 10.22 -6.68
CA GLU A 26 1.76 9.63 -5.35
C GLU A 26 0.37 9.17 -4.91
N LYS A 27 -0.64 9.98 -5.25
CA LYS A 27 -2.03 9.68 -4.90
C LYS A 27 -2.49 8.39 -5.58
N GLU A 28 -2.12 8.24 -6.86
CA GLU A 28 -2.48 7.06 -7.65
C GLU A 28 -1.54 5.88 -7.36
N CYS A 29 -0.31 6.21 -6.96
CA CYS A 29 0.70 5.19 -6.65
C CYS A 29 0.29 4.36 -5.43
N VAL A 30 -0.13 5.05 -4.37
CA VAL A 30 -0.55 4.37 -3.14
C VAL A 30 -1.77 3.48 -3.40
N LYS A 31 -2.73 3.99 -4.17
CA LYS A 31 -3.96 3.23 -4.47
C LYS A 31 -3.62 1.88 -5.11
N GLU A 32 -2.70 1.88 -6.07
CA GLU A 32 -2.29 0.63 -6.74
C GLU A 32 -1.39 -0.22 -5.83
N LYS A 33 -0.44 0.44 -5.17
CA LYS A 33 0.50 -0.26 -4.28
C LYS A 33 -0.24 -0.96 -3.15
N LEU A 34 -1.28 -0.31 -2.62
CA LEU A 34 -2.03 -0.88 -1.51
C LEU A 34 -2.63 -2.23 -1.89
N ASN A 35 -3.33 -2.28 -3.02
CA ASN A 35 -3.99 -3.52 -3.45
C ASN A 35 -2.99 -4.65 -3.68
N LEU A 36 -1.86 -4.33 -4.33
CA LEU A 36 -0.83 -5.35 -4.59
C LEU A 36 -0.26 -5.84 -3.27
N LEU A 37 0.21 -4.90 -2.45
CA LEU A 37 0.79 -5.23 -1.15
C LEU A 37 -0.23 -5.93 -0.25
N HIS A 38 -1.51 -5.55 -0.40
CA HIS A 38 -2.58 -6.12 0.41
C HIS A 38 -2.56 -7.65 0.29
N GLU A 39 -2.36 -8.15 -0.93
CA GLU A 39 -2.32 -9.61 -1.16
C GLU A 39 -1.26 -10.28 -0.29
N PHE A 40 -0.29 -9.49 0.20
CA PHE A 40 0.78 -10.02 1.06
C PHE A 40 0.62 -9.50 2.51
N LEU A 41 -0.35 -8.60 2.74
CA LEU A 41 -0.60 -8.06 4.07
C LEU A 41 -1.84 -8.71 4.67
N GLN A 42 -1.88 -8.81 5.99
CA GLN A 42 -3.02 -9.41 6.68
C GLN A 42 -4.22 -8.47 6.60
N THR A 43 -5.42 -9.03 6.70
CA THR A 43 -6.65 -8.24 6.63
C THR A 43 -6.67 -7.20 7.76
N GLU A 44 -6.19 -7.59 8.95
CA GLU A 44 -6.15 -6.66 10.09
C GLU A 44 -5.48 -5.33 9.67
N ILE A 45 -4.65 -5.39 8.63
CA ILE A 45 -3.98 -4.21 8.10
C ILE A 45 -5.00 -3.33 7.39
N LYS A 46 -5.87 -3.99 6.59
CA LYS A 46 -6.93 -3.29 5.89
C LYS A 46 -7.87 -2.66 6.91
N ASN A 47 -8.09 -3.39 8.03
CA ASN A 47 -8.95 -2.91 9.09
C ASN A 47 -8.45 -1.58 9.63
N GLN A 48 -7.13 -1.48 9.85
CA GLN A 48 -6.54 -0.23 10.35
C GLN A 48 -6.80 0.89 9.35
N LEU A 49 -6.63 0.57 8.07
CA LEU A 49 -6.87 1.54 7.00
C LEU A 49 -8.34 1.90 6.90
N CYS A 50 -9.23 0.93 7.17
CA CYS A 50 -10.67 1.16 7.08
C CYS A 50 -11.12 2.29 7.97
N ASP A 51 -10.59 2.33 9.18
CA ASP A 51 -10.94 3.37 10.13
C ASP A 51 -10.59 4.74 9.57
N LEU A 52 -9.41 4.85 8.97
CA LEU A 52 -8.98 6.11 8.38
C LEU A 52 -9.92 6.52 7.25
N GLU A 53 -10.35 5.54 6.45
CA GLU A 53 -11.28 5.82 5.33
C GLU A 53 -12.52 6.52 5.84
N THR A 54 -12.99 6.11 7.02
CA THR A 54 -14.17 6.69 7.63
C THR A 54 -13.94 8.19 7.87
N LYS A 55 -12.70 8.55 8.23
CA LYS A 55 -12.34 9.95 8.45
C LYS A 55 -12.43 10.71 7.12
N LEU A 56 -11.97 10.07 6.05
CA LEU A 56 -12.01 10.69 4.71
C LEU A 56 -13.45 10.95 4.29
N ARG A 57 -14.31 9.99 4.60
CA ARG A 57 -15.73 10.09 4.27
C ARG A 57 -16.39 11.20 5.05
N LYS A 58 -16.06 11.31 6.34
CA LYS A 58 -16.61 12.37 7.19
C LYS A 58 -15.74 13.64 7.14
N GLU A 59 -14.70 13.63 6.28
CA GLU A 59 -13.78 14.77 6.16
C GLU A 59 -13.17 15.16 7.51
N GLU A 60 -13.09 14.20 8.43
CA GLU A 60 -12.50 14.42 9.76
C GLU A 60 -10.97 14.45 9.69
N LEU A 61 -10.41 13.76 8.69
CA LEU A 61 -8.95 13.69 8.50
C LEU A 61 -8.57 14.50 7.25
N SER A 62 -7.41 15.15 7.31
CA SER A 62 -6.91 15.94 6.19
C SER A 62 -6.56 15.02 5.03
N GLU A 63 -6.60 15.56 3.80
CA GLU A 63 -6.26 14.74 2.64
C GLU A 63 -4.84 14.22 2.80
N GLU A 64 -3.91 15.14 3.06
CA GLU A 64 -2.51 14.77 3.27
C GLU A 64 -2.35 13.91 4.53
N GLY A 65 -3.34 13.93 5.41
CA GLY A 65 -3.32 13.14 6.63
C GLY A 65 -3.32 11.66 6.28
N TYR A 66 -4.28 11.27 5.46
CA TYR A 66 -4.41 9.89 5.01
C TYR A 66 -3.19 9.48 4.18
N LEU A 67 -2.78 10.38 3.29
CA LEU A 67 -1.62 10.13 2.42
C LEU A 67 -0.34 9.94 3.24
N ALA A 68 -0.17 10.74 4.29
CA ALA A 68 1.02 10.64 5.15
C ALA A 68 0.90 9.52 6.20
N LYS A 69 -0.33 9.28 6.67
CA LYS A 69 -0.58 8.22 7.66
C LYS A 69 -0.45 6.84 7.02
N VAL A 70 -1.01 6.71 5.82
CA VAL A 70 -1.00 5.43 5.09
C VAL A 70 0.42 4.87 5.00
N LYS A 71 1.39 5.72 4.63
CA LYS A 71 2.77 5.24 4.51
C LYS A 71 3.26 4.66 5.84
N SER A 72 3.07 5.42 6.92
CA SER A 72 3.54 4.99 8.24
C SER A 72 3.17 3.53 8.53
N LEU A 73 1.88 3.19 8.40
CA LEU A 73 1.44 1.82 8.65
C LEU A 73 2.24 0.83 7.79
N LEU A 74 2.41 1.16 6.50
CA LEU A 74 3.14 0.28 5.59
C LEU A 74 4.56 0.05 6.09
N ASN A 75 5.23 1.13 6.46
CA ASN A 75 6.61 1.05 6.97
C ASN A 75 6.66 0.29 8.30
N LYS A 76 5.70 0.56 9.17
CA LYS A 76 5.64 -0.10 10.49
C LYS A 76 5.42 -1.60 10.35
N ASP A 77 4.55 -1.99 9.42
CA ASP A 77 4.25 -3.40 9.19
C ASP A 77 5.50 -4.14 8.71
N LEU A 78 6.30 -3.49 7.87
CA LEU A 78 7.53 -4.10 7.35
C LEU A 78 8.76 -3.74 8.20
N SER A 79 8.56 -2.96 9.28
CA SER A 79 9.68 -2.58 10.14
C SER A 79 10.38 -3.81 10.73
N LEU A 80 9.59 -4.86 11.03
CA LEU A 80 10.16 -6.09 11.57
C LEU A 80 11.08 -6.74 10.54
N GLU A 81 10.63 -6.74 9.29
CA GLU A 81 11.42 -7.34 8.19
C GLU A 81 12.55 -6.39 7.79
N GLY A 1 14.39 -22.59 4.16
CA GLY A 1 14.99 -23.69 3.34
C GLY A 1 15.67 -23.13 2.08
N HIS A 2 15.34 -23.70 0.92
CA HIS A 2 15.99 -23.31 -0.34
C HIS A 2 15.65 -21.86 -0.65
N MET A 3 14.41 -21.52 -0.32
CA MET A 3 13.88 -20.20 -0.54
C MET A 3 13.99 -19.86 -2.04
N PRO A 4 13.39 -20.66 -2.93
CA PRO A 4 13.48 -20.43 -4.40
C PRO A 4 12.68 -19.20 -4.85
N ALA A 5 11.75 -18.78 -4.00
CA ALA A 5 10.90 -17.64 -4.28
C ALA A 5 11.11 -16.55 -3.23
N ILE A 6 11.07 -15.31 -3.68
CA ILE A 6 11.25 -14.16 -2.80
C ILE A 6 9.91 -13.63 -2.30
N SER A 7 9.95 -12.62 -1.44
CA SER A 7 8.76 -12.03 -0.88
C SER A 7 7.84 -11.48 -1.98
N LEU A 8 8.43 -10.84 -3.00
CA LEU A 8 7.64 -10.28 -4.10
C LEU A 8 7.67 -11.18 -5.35
N PRO A 9 6.53 -11.74 -5.79
CA PRO A 9 6.50 -12.61 -7.01
C PRO A 9 7.03 -11.88 -8.24
N ASP A 10 7.64 -12.64 -9.15
CA ASP A 10 8.20 -12.06 -10.37
C ASP A 10 7.13 -11.40 -11.22
N ASP A 11 5.94 -12.00 -11.29
CA ASP A 11 4.84 -11.43 -12.07
C ASP A 11 4.45 -10.06 -11.50
N VAL A 12 4.36 -9.98 -10.16
CA VAL A 12 3.99 -8.73 -9.50
C VAL A 12 5.10 -7.69 -9.74
N ARG A 13 6.33 -8.09 -9.42
CA ARG A 13 7.50 -7.23 -9.55
C ARG A 13 7.53 -6.50 -10.91
N ARG A 14 7.43 -7.25 -12.02
CA ARG A 14 7.46 -6.65 -13.35
C ARG A 14 6.38 -5.58 -13.50
N ARG A 15 5.20 -5.86 -12.93
CA ARG A 15 4.07 -4.92 -13.01
C ARG A 15 4.42 -3.59 -12.34
N LEU A 16 5.17 -3.64 -11.23
CA LEU A 16 5.57 -2.43 -10.50
C LEU A 16 6.43 -1.53 -11.38
N LYS A 17 7.32 -2.12 -12.19
CA LYS A 17 8.18 -1.37 -13.07
C LYS A 17 7.33 -0.57 -14.05
N ASP A 18 6.25 -1.19 -14.55
CA ASP A 18 5.34 -0.51 -15.47
C ASP A 18 4.70 0.69 -14.79
N LEU A 19 4.29 0.49 -13.53
CA LEU A 19 3.67 1.55 -12.75
C LEU A 19 4.65 2.72 -12.57
N GLU A 20 5.91 2.38 -12.30
CA GLU A 20 6.94 3.41 -12.09
C GLU A 20 7.15 4.25 -13.36
N ARG A 21 7.19 3.58 -14.51
CA ARG A 21 7.35 4.24 -15.79
C ARG A 21 6.07 5.03 -16.14
N ASP A 22 4.94 4.41 -15.82
CA ASP A 22 3.63 5.00 -16.10
C ASP A 22 3.48 6.33 -15.35
N SER A 23 4.02 6.40 -14.13
CA SER A 23 3.95 7.61 -13.32
C SER A 23 2.52 8.14 -13.23
N LEU A 24 1.91 7.90 -12.09
CA LEU A 24 0.56 8.33 -11.80
C LEU A 24 0.59 9.10 -10.48
N THR A 25 -0.37 9.99 -10.29
CA THR A 25 -0.44 10.77 -9.05
C THR A 25 -0.41 9.82 -7.85
N GLU A 26 -0.22 10.38 -6.66
CA GLU A 26 -0.17 9.56 -5.45
C GLU A 26 -1.52 8.90 -5.20
N LYS A 27 -2.59 9.63 -5.51
CA LYS A 27 -3.95 9.11 -5.31
C LYS A 27 -4.16 7.83 -6.13
N GLU A 28 -3.74 7.88 -7.39
CA GLU A 28 -3.88 6.75 -8.30
C GLU A 28 -2.84 5.66 -8.01
N CYS A 29 -1.65 6.11 -7.62
CA CYS A 29 -0.54 5.19 -7.33
C CYS A 29 -0.82 4.38 -6.07
N VAL A 30 -1.26 5.04 -5.02
CA VAL A 30 -1.56 4.37 -3.75
C VAL A 30 -2.67 3.33 -3.95
N LYS A 31 -3.71 3.68 -4.71
CA LYS A 31 -4.83 2.76 -4.94
C LYS A 31 -4.33 1.47 -5.59
N GLU A 32 -3.41 1.57 -6.55
CA GLU A 32 -2.87 0.39 -7.23
C GLU A 32 -1.89 -0.37 -6.34
N LYS A 33 -0.98 0.38 -5.70
CA LYS A 33 0.04 -0.21 -4.83
C LYS A 33 -0.62 -0.93 -3.65
N LEU A 34 -1.72 -0.37 -3.15
CA LEU A 34 -2.42 -0.96 -2.02
C LEU A 34 -2.91 -2.37 -2.33
N ASN A 35 -3.53 -2.54 -3.49
CA ASN A 35 -4.08 -3.85 -3.88
C ASN A 35 -2.99 -4.91 -4.01
N LEU A 36 -1.87 -4.54 -4.64
CA LEU A 36 -0.76 -5.50 -4.83
C LEU A 36 -0.24 -5.95 -3.46
N LEU A 37 0.11 -4.97 -2.62
CA LEU A 37 0.63 -5.26 -1.29
C LEU A 37 -0.41 -5.99 -0.44
N HIS A 38 -1.69 -5.61 -0.61
CA HIS A 38 -2.78 -6.21 0.15
C HIS A 38 -2.75 -7.74 0.03
N GLU A 39 -2.52 -8.24 -1.19
CA GLU A 39 -2.45 -9.69 -1.43
C GLU A 39 -1.38 -10.35 -0.55
N PHE A 40 -0.44 -9.55 -0.05
CA PHE A 40 0.63 -10.04 0.84
C PHE A 40 0.51 -9.44 2.26
N LEU A 41 -0.40 -8.47 2.43
CA LEU A 41 -0.61 -7.85 3.74
C LEU A 41 -1.88 -8.39 4.36
N GLN A 42 -1.81 -8.74 5.65
CA GLN A 42 -2.97 -9.28 6.36
C GLN A 42 -4.14 -8.31 6.27
N THR A 43 -5.36 -8.79 6.52
CA THR A 43 -6.54 -7.93 6.45
C THR A 43 -6.49 -6.85 7.52
N GLU A 44 -5.86 -7.13 8.68
CA GLU A 44 -5.77 -6.13 9.75
C GLU A 44 -5.24 -4.79 9.19
N ILE A 45 -4.49 -4.87 8.09
CA ILE A 45 -3.97 -3.68 7.43
C ILE A 45 -5.12 -2.92 6.77
N LYS A 46 -5.97 -3.66 6.07
CA LYS A 46 -7.16 -3.07 5.43
C LYS A 46 -8.09 -2.50 6.50
N ASN A 47 -8.18 -3.24 7.61
CA ASN A 47 -9.02 -2.85 8.74
C ASN A 47 -8.52 -1.53 9.30
N GLN A 48 -7.20 -1.42 9.47
CA GLN A 48 -6.59 -0.19 10.00
C GLN A 48 -6.91 0.96 9.06
N LEU A 49 -6.72 0.73 7.78
CA LEU A 49 -6.97 1.75 6.76
C LEU A 49 -8.45 2.15 6.77
N CYS A 50 -9.34 1.18 6.97
CA CYS A 50 -10.77 1.44 6.97
C CYS A 50 -11.15 2.50 8.00
N ASP A 51 -10.52 2.45 9.17
CA ASP A 51 -10.81 3.43 10.22
C ASP A 51 -10.48 4.84 9.74
N LEU A 52 -9.35 4.98 9.05
CA LEU A 52 -8.94 6.28 8.53
C LEU A 52 -9.97 6.80 7.52
N GLU A 53 -10.50 5.88 6.69
CA GLU A 53 -11.51 6.26 5.70
C GLU A 53 -12.71 6.93 6.38
N THR A 54 -13.08 6.39 7.54
CA THR A 54 -14.20 6.93 8.31
C THR A 54 -13.94 8.40 8.66
N LYS A 55 -12.67 8.72 8.94
CA LYS A 55 -12.28 10.09 9.26
C LYS A 55 -12.49 10.97 8.03
N LEU A 56 -12.13 10.44 6.85
CA LEU A 56 -12.30 11.15 5.58
C LEU A 56 -13.77 11.41 5.31
N ARG A 57 -14.60 10.45 5.74
CA ARG A 57 -16.04 10.54 5.55
C ARG A 57 -16.65 11.59 6.46
N LYS A 58 -16.16 11.66 7.71
CA LYS A 58 -16.67 12.66 8.66
C LYS A 58 -15.93 14.00 8.47
N GLU A 59 -15.02 14.07 7.47
CA GLU A 59 -14.25 15.29 7.19
C GLU A 59 -13.43 15.70 8.42
N GLU A 60 -12.96 14.72 9.19
CA GLU A 60 -12.15 14.97 10.39
C GLU A 60 -10.65 14.88 10.07
N LEU A 61 -10.32 14.15 9.01
CA LEU A 61 -8.93 13.97 8.58
C LEU A 61 -8.70 14.71 7.27
N SER A 62 -7.52 15.30 7.13
CA SER A 62 -7.15 16.03 5.92
C SER A 62 -6.84 15.06 4.80
N GLU A 63 -7.00 15.49 3.54
CA GLU A 63 -6.71 14.61 2.41
C GLU A 63 -5.24 14.20 2.47
N GLU A 64 -4.36 15.19 2.67
CA GLU A 64 -2.93 14.91 2.79
C GLU A 64 -2.65 14.03 4.01
N GLY A 65 -3.55 14.07 4.99
CA GLY A 65 -3.41 13.27 6.21
C GLY A 65 -3.43 11.79 5.86
N TYR A 66 -4.51 11.37 5.20
CA TYR A 66 -4.66 9.98 4.77
C TYR A 66 -3.56 9.61 3.78
N LEU A 67 -3.31 10.51 2.84
CA LEU A 67 -2.28 10.29 1.81
C LEU A 67 -0.91 10.09 2.44
N ALA A 68 -0.59 10.88 3.47
CA ALA A 68 0.71 10.81 4.14
C ALA A 68 0.74 9.70 5.20
N LYS A 69 -0.39 9.46 5.85
CA LYS A 69 -0.51 8.42 6.87
C LYS A 69 -0.39 7.03 6.24
N VAL A 70 -1.06 6.87 5.09
CA VAL A 70 -1.06 5.59 4.38
C VAL A 70 0.37 5.16 4.04
N LYS A 71 1.16 6.07 3.47
CA LYS A 71 2.53 5.74 3.10
C LYS A 71 3.29 5.12 4.27
N SER A 72 3.36 5.84 5.39
CA SER A 72 4.11 5.38 6.55
C SER A 72 3.72 3.94 6.94
N LEU A 73 2.41 3.66 7.05
CA LEU A 73 1.96 2.31 7.42
C LEU A 73 2.54 1.27 6.46
N LEU A 74 2.50 1.55 5.15
CA LEU A 74 3.02 0.59 4.17
C LEU A 74 4.47 0.25 4.46
N ASN A 75 5.29 1.28 4.71
CA ASN A 75 6.71 1.10 5.02
C ASN A 75 6.89 0.35 6.34
N LYS A 76 6.04 0.66 7.33
CA LYS A 76 6.11 0.02 8.64
C LYS A 76 5.90 -1.47 8.55
N ASP A 77 4.97 -1.89 7.70
CA ASP A 77 4.67 -3.32 7.53
C ASP A 77 5.88 -4.06 6.95
N LEU A 78 6.48 -3.48 5.92
CA LEU A 78 7.64 -4.10 5.27
C LEU A 78 8.88 -4.07 6.16
N SER A 79 9.01 -3.01 6.97
CA SER A 79 10.15 -2.88 7.86
C SER A 79 10.03 -3.89 9.00
N LEU A 80 11.16 -4.54 9.31
CA LEU A 80 11.21 -5.53 10.38
C LEU A 80 12.40 -5.26 11.30
N GLU A 81 12.09 -4.98 12.57
CA GLU A 81 13.13 -4.71 13.56
C GLU A 81 13.74 -6.02 14.06
N GLY A 1 6.87 -19.80 1.80
CA GLY A 1 7.83 -18.66 1.94
C GLY A 1 9.16 -19.01 2.68
N HIS A 2 9.65 -20.23 2.44
CA HIS A 2 10.97 -20.63 2.99
C HIS A 2 12.08 -19.64 2.57
N MET A 3 12.18 -19.29 1.27
CA MET A 3 13.22 -18.33 0.83
C MET A 3 12.56 -17.06 0.23
N PRO A 4 12.24 -16.04 1.04
CA PRO A 4 11.58 -14.81 0.52
C PRO A 4 12.42 -14.14 -0.56
N ALA A 5 11.75 -13.55 -1.54
CA ALA A 5 12.44 -12.89 -2.64
C ALA A 5 13.17 -11.64 -2.15
N ILE A 6 13.85 -10.98 -3.07
CA ILE A 6 14.60 -9.76 -2.74
C ILE A 6 13.63 -8.63 -2.39
N SER A 7 12.57 -8.51 -3.17
CA SER A 7 11.56 -7.49 -2.95
C SER A 7 10.30 -7.84 -3.73
N LEU A 8 9.28 -8.33 -3.02
CA LEU A 8 8.01 -8.73 -3.61
C LEU A 8 8.20 -9.87 -4.64
N PRO A 9 7.16 -10.65 -4.94
CA PRO A 9 7.25 -11.76 -5.95
C PRO A 9 7.60 -11.22 -7.34
N ASP A 10 8.25 -12.07 -8.15
CA ASP A 10 8.65 -11.66 -9.50
C ASP A 10 7.44 -11.24 -10.34
N ASP A 11 6.30 -11.91 -10.15
CA ASP A 11 5.08 -11.56 -10.90
C ASP A 11 4.64 -10.15 -10.54
N VAL A 12 4.66 -9.82 -9.24
CA VAL A 12 4.27 -8.49 -8.77
C VAL A 12 5.25 -7.45 -9.33
N ARG A 13 6.54 -7.74 -9.14
CA ARG A 13 7.61 -6.83 -9.57
C ARG A 13 7.42 -6.36 -11.01
N ARG A 14 7.09 -7.30 -11.91
CA ARG A 14 6.90 -6.94 -13.32
C ARG A 14 5.78 -5.91 -13.46
N ARG A 15 4.68 -6.12 -12.72
CA ARG A 15 3.53 -5.21 -12.78
C ARG A 15 3.94 -3.80 -12.37
N LEU A 16 4.74 -3.71 -11.30
CA LEU A 16 5.21 -2.41 -10.80
C LEU A 16 6.05 -1.70 -11.85
N LYS A 17 6.91 -2.47 -12.53
CA LYS A 17 7.77 -1.91 -13.57
C LYS A 17 6.93 -1.34 -14.71
N ASP A 18 5.82 -2.04 -15.03
CA ASP A 18 4.91 -1.58 -16.08
C ASP A 18 4.25 -0.26 -15.64
N LEU A 19 3.86 -0.20 -14.37
CA LEU A 19 3.23 1.00 -13.81
C LEU A 19 4.18 2.18 -13.87
N GLU A 20 5.47 1.91 -13.60
CA GLU A 20 6.50 2.92 -13.61
C GLU A 20 6.56 3.60 -14.99
N ARG A 21 6.38 2.83 -16.06
CA ARG A 21 6.39 3.38 -17.42
C ARG A 21 5.11 4.19 -17.66
N ASP A 22 4.00 3.61 -17.21
CA ASP A 22 2.68 4.24 -17.36
C ASP A 22 2.65 5.60 -16.65
N SER A 23 3.35 5.69 -15.52
CA SER A 23 3.41 6.94 -14.75
C SER A 23 2.04 7.28 -14.18
N LEU A 24 1.92 7.09 -12.86
CA LEU A 24 0.70 7.39 -12.13
C LEU A 24 1.07 8.33 -11.00
N THR A 25 0.14 9.17 -10.58
CA THR A 25 0.39 10.10 -9.48
C THR A 25 0.45 9.32 -8.18
N GLU A 26 0.82 9.99 -7.09
CA GLU A 26 0.89 9.35 -5.79
C GLU A 26 -0.50 8.83 -5.37
N LYS A 27 -1.54 9.59 -5.70
CA LYS A 27 -2.92 9.20 -5.36
C LYS A 27 -3.29 7.89 -6.07
N GLU A 28 -2.88 7.79 -7.34
CA GLU A 28 -3.15 6.60 -8.15
C GLU A 28 -2.17 5.47 -7.83
N CYS A 29 -0.94 5.83 -7.49
CA CYS A 29 0.09 4.85 -7.15
C CYS A 29 -0.26 4.10 -5.88
N VAL A 30 -0.66 4.85 -4.85
CA VAL A 30 -1.02 4.24 -3.56
C VAL A 30 -2.29 3.39 -3.70
N LYS A 31 -3.30 3.93 -4.39
CA LYS A 31 -4.57 3.22 -4.58
C LYS A 31 -4.37 1.87 -5.28
N GLU A 32 -3.53 1.88 -6.32
CA GLU A 32 -3.23 0.66 -7.08
C GLU A 32 -2.25 -0.24 -6.33
N LYS A 33 -1.22 0.36 -5.74
CA LYS A 33 -0.20 -0.37 -4.98
C LYS A 33 -0.84 -1.09 -3.78
N LEU A 34 -1.84 -0.44 -3.17
CA LEU A 34 -2.50 -1.01 -2.00
C LEU A 34 -3.11 -2.36 -2.34
N ASN A 35 -3.86 -2.43 -3.44
CA ASN A 35 -4.54 -3.66 -3.85
C ASN A 35 -3.53 -4.78 -4.13
N LEU A 36 -2.41 -4.45 -4.78
CA LEU A 36 -1.38 -5.45 -5.08
C LEU A 36 -0.85 -6.04 -3.78
N LEU A 37 -0.39 -5.17 -2.89
CA LEU A 37 0.14 -5.59 -1.60
C LEU A 37 -0.94 -6.28 -0.77
N HIS A 38 -2.18 -5.82 -0.89
CA HIS A 38 -3.30 -6.38 -0.14
C HIS A 38 -3.37 -7.90 -0.34
N GLU A 39 -3.18 -8.34 -1.58
CA GLU A 39 -3.21 -9.78 -1.90
C GLU A 39 -2.16 -10.56 -1.09
N PHE A 40 -1.16 -9.84 -0.57
CA PHE A 40 -0.09 -10.45 0.25
C PHE A 40 -0.13 -9.93 1.70
N LEU A 41 -0.99 -8.94 1.98
CA LEU A 41 -1.11 -8.39 3.33
C LEU A 41 -2.35 -8.97 4.01
N GLN A 42 -2.28 -9.13 5.33
CA GLN A 42 -3.40 -9.66 6.10
C GLN A 42 -4.61 -8.73 5.99
N THR A 43 -5.81 -9.28 6.18
CA THR A 43 -7.03 -8.48 6.11
C THR A 43 -7.05 -7.40 7.20
N GLU A 44 -6.46 -7.71 8.36
CA GLU A 44 -6.41 -6.72 9.46
C GLU A 44 -5.80 -5.40 8.97
N ILE A 45 -5.05 -5.45 7.87
CA ILE A 45 -4.44 -4.25 7.29
C ILE A 45 -5.57 -3.39 6.69
N LYS A 46 -6.50 -4.04 5.99
CA LYS A 46 -7.65 -3.33 5.41
C LYS A 46 -8.46 -2.71 6.54
N ASN A 47 -8.56 -3.46 7.64
CA ASN A 47 -9.29 -2.99 8.83
C ASN A 47 -8.61 -1.74 9.40
N GLN A 48 -7.28 -1.78 9.45
CA GLN A 48 -6.51 -0.65 9.96
C GLN A 48 -6.72 0.57 9.06
N LEU A 49 -6.65 0.34 7.75
CA LEU A 49 -6.85 1.41 6.78
C LEU A 49 -8.27 1.97 6.86
N CYS A 50 -9.24 1.06 7.07
CA CYS A 50 -10.64 1.46 7.14
C CYS A 50 -10.85 2.56 8.17
N ASP A 51 -10.29 2.40 9.38
CA ASP A 51 -10.44 3.41 10.42
C ASP A 51 -9.98 4.77 9.90
N LEU A 52 -8.84 4.78 9.20
CA LEU A 52 -8.31 6.02 8.63
C LEU A 52 -9.31 6.59 7.62
N GLU A 53 -9.90 5.70 6.80
CA GLU A 53 -10.87 6.14 5.78
C GLU A 53 -12.03 6.87 6.44
N THR A 54 -12.40 6.41 7.64
CA THR A 54 -13.50 7.02 8.39
C THR A 54 -13.18 8.49 8.65
N LYS A 55 -11.91 8.78 8.94
CA LYS A 55 -11.49 10.16 9.17
C LYS A 55 -11.65 10.98 7.89
N LEU A 56 -11.31 10.36 6.74
CA LEU A 56 -11.45 11.03 5.44
C LEU A 56 -12.91 11.33 5.17
N ARG A 57 -13.77 10.39 5.57
CA ARG A 57 -15.20 10.54 5.37
C ARG A 57 -15.75 11.69 6.20
N LYS A 58 -15.31 11.79 7.46
CA LYS A 58 -15.74 12.88 8.33
C LYS A 58 -14.86 14.15 8.12
N GLU A 59 -13.87 14.05 7.21
CA GLU A 59 -12.97 15.17 6.92
C GLU A 59 -12.19 15.60 8.18
N GLU A 60 -11.91 14.62 9.04
CA GLU A 60 -11.16 14.85 10.28
C GLU A 60 -9.64 14.68 10.05
N LEU A 61 -9.28 13.95 9.01
CA LEU A 61 -7.88 13.71 8.66
C LEU A 61 -7.56 14.45 7.36
N SER A 62 -6.34 14.99 7.28
CA SER A 62 -5.90 15.72 6.10
C SER A 62 -5.62 14.73 4.98
N GLU A 63 -5.74 15.19 3.73
CA GLU A 63 -5.49 14.33 2.59
C GLU A 63 -4.06 13.79 2.68
N GLU A 64 -3.11 14.71 2.92
CA GLU A 64 -1.71 14.34 3.07
C GLU A 64 -1.52 13.45 4.32
N GLY A 65 -2.49 13.50 5.25
CA GLY A 65 -2.43 12.68 6.46
C GLY A 65 -2.57 11.21 6.10
N TYR A 66 -3.65 10.90 5.39
CA TYR A 66 -3.93 9.55 4.93
C TYR A 66 -2.85 9.11 3.94
N LEU A 67 -2.53 10.00 3.00
CA LEU A 67 -1.52 9.72 1.98
C LEU A 67 -0.16 9.44 2.61
N ALA A 68 0.20 10.21 3.64
CA ALA A 68 1.49 10.04 4.31
C ALA A 68 1.43 8.92 5.37
N LYS A 69 0.24 8.69 5.92
CA LYS A 69 0.04 7.64 6.93
C LYS A 69 0.08 6.26 6.28
N VAL A 70 -0.57 6.14 5.12
CA VAL A 70 -0.64 4.88 4.38
C VAL A 70 0.77 4.39 4.06
N LYS A 71 1.64 5.28 3.58
CA LYS A 71 3.02 4.90 3.23
C LYS A 71 3.66 4.09 4.36
N SER A 72 3.78 4.71 5.53
CA SER A 72 4.40 4.04 6.68
C SER A 72 3.89 2.61 6.87
N LEU A 73 2.57 2.41 6.76
CA LEU A 73 2.00 1.06 6.92
C LEU A 73 2.55 0.10 5.87
N LEU A 74 2.67 0.57 4.62
CA LEU A 74 3.16 -0.30 3.54
C LEU A 74 4.54 -0.85 3.85
N ASN A 75 5.45 0.02 4.26
CA ASN A 75 6.83 -0.38 4.58
C ASN A 75 6.92 -1.06 5.96
N LYS A 76 6.24 -0.45 6.94
CA LYS A 76 6.24 -0.94 8.30
C LYS A 76 5.67 -2.36 8.36
N ASP A 77 4.56 -2.58 7.66
CA ASP A 77 3.91 -3.89 7.63
C ASP A 77 4.87 -4.94 7.07
N LEU A 78 5.53 -4.61 5.95
CA LEU A 78 6.48 -5.53 5.32
C LEU A 78 7.73 -5.72 6.17
N SER A 79 8.14 -4.66 6.87
CA SER A 79 9.33 -4.73 7.72
C SER A 79 9.12 -5.76 8.83
N LEU A 80 10.20 -6.45 9.18
CA LEU A 80 10.17 -7.46 10.22
C LEU A 80 11.08 -7.05 11.37
N GLU A 81 10.49 -7.01 12.55
CA GLU A 81 11.21 -6.66 13.77
C GLU A 81 11.52 -7.92 14.57
N GLY A 1 18.73 -19.63 -2.57
CA GLY A 1 19.23 -19.20 -3.90
C GLY A 1 19.96 -17.87 -3.89
N HIS A 2 20.05 -17.22 -5.07
CA HIS A 2 20.82 -15.99 -5.27
C HIS A 2 19.81 -14.91 -5.43
N MET A 3 19.67 -14.08 -4.39
CA MET A 3 18.66 -13.03 -4.39
C MET A 3 17.25 -13.67 -4.55
N PRO A 4 16.82 -14.59 -3.67
CA PRO A 4 15.46 -15.24 -3.76
C PRO A 4 14.35 -14.29 -3.30
N ALA A 5 13.19 -14.40 -3.95
CA ALA A 5 12.05 -13.55 -3.61
C ALA A 5 11.45 -13.96 -2.28
N ILE A 6 11.19 -12.95 -1.45
CA ILE A 6 10.60 -13.15 -0.13
C ILE A 6 9.54 -12.07 0.14
N SER A 7 9.81 -10.86 -0.36
CA SER A 7 8.90 -9.74 -0.17
C SER A 7 7.71 -9.83 -1.13
N LEU A 8 7.92 -9.51 -2.42
CA LEU A 8 6.85 -9.55 -3.41
C LEU A 8 7.08 -10.63 -4.48
N PRO A 9 6.01 -11.17 -5.10
CA PRO A 9 6.16 -12.22 -6.16
C PRO A 9 6.80 -11.66 -7.43
N ASP A 10 7.50 -12.52 -8.17
CA ASP A 10 8.15 -12.10 -9.41
C ASP A 10 7.13 -11.69 -10.47
N ASP A 11 6.00 -12.41 -10.54
CA ASP A 11 4.96 -12.09 -11.51
C ASP A 11 4.35 -10.71 -11.21
N VAL A 12 4.05 -10.46 -9.94
CA VAL A 12 3.47 -9.17 -9.53
C VAL A 12 4.49 -8.06 -9.80
N ARG A 13 5.71 -8.30 -9.33
CA ARG A 13 6.81 -7.35 -9.44
C ARG A 13 6.95 -6.83 -10.89
N ARG A 14 6.81 -7.70 -11.88
CA ARG A 14 6.92 -7.27 -13.29
C ARG A 14 5.84 -6.23 -13.61
N ARG A 15 4.64 -6.46 -13.08
CA ARG A 15 3.51 -5.54 -13.31
C ARG A 15 3.82 -4.14 -12.77
N LEU A 16 4.45 -4.10 -11.59
CA LEU A 16 4.84 -2.81 -10.98
C LEU A 16 5.82 -2.05 -11.87
N LYS A 17 6.70 -2.79 -12.53
CA LYS A 17 7.69 -2.17 -13.42
C LYS A 17 6.98 -1.39 -14.52
N ASP A 18 5.87 -1.94 -15.03
CA ASP A 18 5.08 -1.28 -16.07
C ASP A 18 4.51 0.03 -15.52
N LEU A 19 4.05 -0.01 -14.27
CA LEU A 19 3.49 1.17 -13.62
C LEU A 19 4.55 2.26 -13.53
N GLU A 20 5.79 1.86 -13.22
CA GLU A 20 6.89 2.81 -13.08
C GLU A 20 7.11 3.60 -14.37
N ARG A 21 7.00 2.90 -15.50
CA ARG A 21 7.17 3.53 -16.81
C ARG A 21 5.97 4.45 -17.09
N ASP A 22 4.78 3.94 -16.79
CA ASP A 22 3.54 4.67 -16.99
C ASP A 22 3.52 5.95 -16.15
N SER A 23 4.12 5.88 -14.96
CA SER A 23 4.19 7.02 -14.05
C SER A 23 2.79 7.42 -13.58
N LEU A 24 2.55 7.21 -12.28
CA LEU A 24 1.30 7.56 -11.65
C LEU A 24 1.61 8.41 -10.43
N THR A 25 0.71 9.32 -10.10
CA THR A 25 0.89 10.19 -8.94
C THR A 25 0.84 9.34 -7.67
N GLU A 26 1.13 9.96 -6.53
CA GLU A 26 1.10 9.24 -5.25
C GLU A 26 -0.32 8.77 -4.96
N LYS A 27 -1.30 9.60 -5.28
CA LYS A 27 -2.71 9.27 -5.05
C LYS A 27 -3.08 7.98 -5.80
N GLU A 28 -2.64 7.89 -7.05
CA GLU A 28 -2.91 6.72 -7.89
C GLU A 28 -2.00 5.54 -7.54
N CYS A 29 -0.77 5.85 -7.14
CA CYS A 29 0.21 4.83 -6.78
C CYS A 29 -0.24 4.05 -5.54
N VAL A 30 -0.70 4.77 -4.52
CA VAL A 30 -1.15 4.16 -3.28
C VAL A 30 -2.37 3.28 -3.54
N LYS A 31 -3.31 3.76 -4.38
CA LYS A 31 -4.52 2.99 -4.67
C LYS A 31 -4.16 1.63 -5.27
N GLU A 32 -3.18 1.60 -6.19
CA GLU A 32 -2.76 0.35 -6.82
C GLU A 32 -1.94 -0.51 -5.84
N LYS A 33 -0.99 0.13 -5.17
CA LYS A 33 -0.11 -0.55 -4.23
C LYS A 33 -0.89 -1.21 -3.09
N LEU A 34 -1.95 -0.53 -2.64
CA LEU A 34 -2.77 -1.06 -1.54
C LEU A 34 -3.38 -2.40 -1.91
N ASN A 35 -4.10 -2.45 -3.04
CA ASN A 35 -4.76 -3.69 -3.46
C ASN A 35 -3.76 -4.81 -3.72
N LEU A 36 -2.63 -4.49 -4.36
CA LEU A 36 -1.62 -5.51 -4.64
C LEU A 36 -1.11 -6.12 -3.34
N LEU A 37 -0.61 -5.25 -2.46
CA LEU A 37 -0.07 -5.69 -1.16
C LEU A 37 -1.16 -6.36 -0.32
N HIS A 38 -2.38 -5.83 -0.41
CA HIS A 38 -3.51 -6.36 0.36
C HIS A 38 -3.67 -7.86 0.10
N GLU A 39 -3.52 -8.26 -1.15
CA GLU A 39 -3.63 -9.67 -1.55
C GLU A 39 -2.66 -10.57 -0.73
N PHE A 40 -1.67 -9.94 -0.08
CA PHE A 40 -0.70 -10.66 0.76
C PHE A 40 -0.82 -10.23 2.22
N LEU A 41 -1.29 -8.99 2.45
CA LEU A 41 -1.46 -8.47 3.82
C LEU A 41 -2.75 -9.00 4.43
N GLN A 42 -2.74 -9.19 5.75
CA GLN A 42 -3.92 -9.69 6.45
C GLN A 42 -5.07 -8.69 6.33
N THR A 43 -6.31 -9.19 6.45
CA THR A 43 -7.49 -8.33 6.34
C THR A 43 -7.48 -7.27 7.45
N GLU A 44 -7.03 -7.65 8.65
CA GLU A 44 -6.95 -6.70 9.77
C GLU A 44 -6.23 -5.42 9.35
N ILE A 45 -5.41 -5.51 8.28
CA ILE A 45 -4.70 -4.35 7.75
C ILE A 45 -5.71 -3.43 7.06
N LYS A 46 -6.62 -4.04 6.27
CA LYS A 46 -7.67 -3.28 5.59
C LYS A 46 -8.56 -2.62 6.65
N ASN A 47 -8.75 -3.34 7.77
CA ASN A 47 -9.57 -2.83 8.87
C ASN A 47 -8.96 -1.54 9.40
N GLN A 48 -7.62 -1.53 9.56
CA GLN A 48 -6.94 -0.34 10.05
C GLN A 48 -7.18 0.82 9.10
N LEU A 49 -7.06 0.54 7.80
CA LEU A 49 -7.27 1.56 6.77
C LEU A 49 -8.75 1.96 6.69
N CYS A 50 -9.64 1.01 7.00
CA CYS A 50 -11.08 1.28 6.94
C CYS A 50 -11.50 2.39 7.89
N ASP A 51 -10.94 2.39 9.11
CA ASP A 51 -11.28 3.42 10.09
C ASP A 51 -10.86 4.79 9.58
N LEU A 52 -9.70 4.84 8.90
CA LEU A 52 -9.21 6.10 8.35
C LEU A 52 -10.20 6.63 7.31
N GLU A 53 -10.77 5.74 6.49
CA GLU A 53 -11.75 6.14 5.47
C GLU A 53 -12.87 6.94 6.11
N THR A 54 -13.26 6.55 7.33
CA THR A 54 -14.31 7.24 8.08
C THR A 54 -13.92 8.69 8.31
N LYS A 55 -12.63 8.91 8.62
CA LYS A 55 -12.13 10.26 8.83
C LYS A 55 -12.18 11.04 7.51
N LEU A 56 -11.80 10.37 6.41
CA LEU A 56 -11.82 11.00 5.08
C LEU A 56 -13.25 11.37 4.71
N ARG A 57 -14.17 10.48 5.06
CA ARG A 57 -15.57 10.67 4.79
C ARG A 57 -16.13 11.86 5.58
N LYS A 58 -15.79 11.95 6.87
CA LYS A 58 -16.24 13.07 7.70
C LYS A 58 -15.30 14.29 7.52
N GLU A 59 -14.28 14.16 6.65
CA GLU A 59 -13.31 15.24 6.40
C GLU A 59 -12.61 15.68 7.69
N GLU A 60 -12.44 14.72 8.60
CA GLU A 60 -11.77 14.97 9.88
C GLU A 60 -10.24 14.79 9.74
N LEU A 61 -9.80 14.09 8.69
CA LEU A 61 -8.38 13.86 8.44
C LEU A 61 -7.95 14.62 7.19
N SER A 62 -6.73 15.17 7.22
CA SER A 62 -6.20 15.93 6.09
C SER A 62 -5.93 14.97 4.94
N GLU A 63 -5.96 15.49 3.71
CA GLU A 63 -5.70 14.66 2.53
C GLU A 63 -4.30 14.07 2.65
N GLU A 64 -3.32 14.92 2.96
CA GLU A 64 -1.94 14.49 3.16
C GLU A 64 -1.84 13.60 4.42
N GLY A 65 -2.84 13.71 5.32
CA GLY A 65 -2.86 12.91 6.54
C GLY A 65 -2.96 11.42 6.20
N TYR A 66 -3.98 11.09 5.42
CA TYR A 66 -4.20 9.71 4.98
C TYR A 66 -3.02 9.25 4.12
N LEU A 67 -2.56 10.15 3.23
CA LEU A 67 -1.45 9.83 2.33
C LEU A 67 -0.18 9.52 3.12
N ALA A 68 0.07 10.29 4.18
CA ALA A 68 1.27 10.10 5.01
C ALA A 68 1.07 8.99 6.05
N LYS A 69 -0.16 8.82 6.53
CA LYS A 69 -0.48 7.77 7.51
C LYS A 69 -0.40 6.38 6.86
N VAL A 70 -0.94 6.29 5.65
CA VAL A 70 -0.97 5.03 4.90
C VAL A 70 0.44 4.44 4.79
N LYS A 71 1.41 5.28 4.39
CA LYS A 71 2.78 4.80 4.23
C LYS A 71 3.26 4.07 5.49
N SER A 72 3.19 4.75 6.63
CA SER A 72 3.65 4.19 7.90
C SER A 72 3.11 2.77 8.12
N LEU A 73 1.80 2.57 7.94
CA LEU A 73 1.20 1.25 8.14
C LEU A 73 1.87 0.22 7.21
N LEU A 74 2.06 0.59 5.93
CA LEU A 74 2.68 -0.32 4.96
C LEU A 74 4.07 -0.72 5.40
N ASN A 75 4.86 0.26 5.85
CA ASN A 75 6.22 0.01 6.31
C ASN A 75 6.22 -0.78 7.63
N LYS A 76 5.25 -0.47 8.49
CA LYS A 76 5.11 -1.10 9.79
C LYS A 76 4.90 -2.62 9.63
N ASP A 77 4.07 -3.01 8.65
CA ASP A 77 3.81 -4.43 8.42
C ASP A 77 5.10 -5.18 8.07
N LEU A 78 6.06 -4.46 7.47
CA LEU A 78 7.35 -5.05 7.13
C LEU A 78 8.30 -5.12 8.32
N SER A 79 8.20 -4.15 9.24
CA SER A 79 9.08 -4.11 10.42
C SER A 79 8.76 -5.25 11.38
N LEU A 80 7.49 -5.69 11.40
CA LEU A 80 7.08 -6.80 12.27
C LEU A 80 7.83 -8.06 11.89
N GLU A 81 7.97 -8.30 10.58
CA GLU A 81 8.67 -9.48 10.07
C GLU A 81 8.03 -10.74 10.63
N GLY A 1 19.44 -4.56 3.18
CA GLY A 1 19.49 -5.97 2.65
C GLY A 1 19.50 -6.02 1.13
N HIS A 2 20.60 -6.62 0.61
CA HIS A 2 20.77 -6.86 -0.82
C HIS A 2 20.30 -8.29 -1.18
N MET A 3 19.44 -8.86 -0.32
CA MET A 3 18.88 -10.19 -0.54
C MET A 3 17.48 -10.09 -1.15
N PRO A 4 17.00 -11.12 -1.85
CA PRO A 4 15.63 -11.11 -2.46
C PRO A 4 14.54 -11.09 -1.39
N ALA A 5 13.40 -10.49 -1.72
CA ALA A 5 12.28 -10.40 -0.78
C ALA A 5 11.36 -11.60 -0.93
N ILE A 6 11.01 -12.22 0.20
CA ILE A 6 10.14 -13.40 0.20
C ILE A 6 8.77 -13.00 -0.34
N SER A 7 8.27 -11.85 0.12
CA SER A 7 6.97 -11.35 -0.32
C SER A 7 7.02 -10.89 -1.77
N LEU A 8 5.84 -10.70 -2.36
CA LEU A 8 5.72 -10.29 -3.75
C LEU A 8 6.43 -11.30 -4.68
N PRO A 9 5.74 -12.37 -5.11
CA PRO A 9 6.34 -13.38 -6.02
C PRO A 9 6.82 -12.75 -7.33
N ASP A 10 7.79 -13.39 -7.97
CA ASP A 10 8.35 -12.89 -9.23
C ASP A 10 7.25 -12.49 -10.22
N ASP A 11 6.11 -13.19 -10.20
CA ASP A 11 5.01 -12.85 -11.10
C ASP A 11 4.46 -11.46 -10.78
N VAL A 12 4.21 -11.21 -9.49
CA VAL A 12 3.69 -9.90 -9.06
C VAL A 12 4.74 -8.83 -9.35
N ARG A 13 5.96 -9.10 -8.92
CA ARG A 13 7.07 -8.16 -9.08
C ARG A 13 7.17 -7.62 -10.51
N ARG A 14 7.02 -8.49 -11.51
CA ARG A 14 7.10 -8.06 -12.90
C ARG A 14 6.02 -7.03 -13.21
N ARG A 15 4.81 -7.28 -12.69
CA ARG A 15 3.68 -6.37 -12.91
C ARG A 15 3.98 -4.97 -12.34
N LEU A 16 4.57 -4.94 -11.14
CA LEU A 16 4.91 -3.68 -10.50
C LEU A 16 5.93 -2.90 -11.35
N LYS A 17 6.85 -3.63 -11.98
CA LYS A 17 7.87 -3.00 -12.83
C LYS A 17 7.20 -2.19 -13.93
N ASP A 18 6.14 -2.76 -14.51
CA ASP A 18 5.40 -2.07 -15.57
C ASP A 18 4.78 -0.80 -14.99
N LEU A 19 4.25 -0.90 -13.77
CA LEU A 19 3.65 0.25 -13.10
C LEU A 19 4.69 1.33 -12.85
N GLU A 20 5.89 0.90 -12.46
CA GLU A 20 6.99 1.84 -12.19
C GLU A 20 7.28 2.71 -13.41
N ARG A 21 7.22 2.10 -14.60
CA ARG A 21 7.45 2.83 -15.84
C ARG A 21 6.29 3.77 -16.10
N ASP A 22 5.08 3.24 -15.91
CA ASP A 22 3.85 4.00 -16.13
C ASP A 22 3.79 5.21 -15.22
N SER A 23 4.27 5.05 -13.97
CA SER A 23 4.28 6.12 -12.98
C SER A 23 3.02 6.98 -13.02
N LEU A 24 2.06 6.66 -12.16
CA LEU A 24 0.82 7.41 -12.07
C LEU A 24 0.89 8.29 -10.84
N THR A 25 -0.01 9.26 -10.77
CA THR A 25 -0.06 10.17 -9.63
C THR A 25 0.00 9.37 -8.32
N GLU A 26 0.35 10.05 -7.24
CA GLU A 26 0.45 9.40 -5.95
C GLU A 26 -0.87 8.76 -5.56
N LYS A 27 -1.97 9.50 -5.73
CA LYS A 27 -3.31 9.00 -5.41
C LYS A 27 -3.63 7.78 -6.27
N GLU A 28 -3.33 7.89 -7.57
CA GLU A 28 -3.58 6.81 -8.52
C GLU A 28 -2.72 5.58 -8.23
N CYS A 29 -1.48 5.83 -7.81
CA CYS A 29 -0.54 4.76 -7.52
C CYS A 29 -0.96 3.99 -6.27
N VAL A 30 -1.37 4.70 -5.22
CA VAL A 30 -1.80 4.06 -3.97
C VAL A 30 -2.96 3.11 -4.25
N LYS A 31 -3.92 3.53 -5.07
CA LYS A 31 -5.07 2.69 -5.38
C LYS A 31 -4.62 1.38 -6.04
N GLU A 32 -3.65 1.47 -6.96
CA GLU A 32 -3.14 0.27 -7.64
C GLU A 32 -2.41 -0.63 -6.65
N LYS A 33 -1.62 -0.02 -5.77
CA LYS A 33 -0.85 -0.77 -4.77
C LYS A 33 -1.77 -1.55 -3.83
N LEU A 34 -2.86 -0.92 -3.41
CA LEU A 34 -3.79 -1.56 -2.48
C LEU A 34 -4.37 -2.85 -3.05
N ASN A 35 -4.97 -2.75 -4.24
CA ASN A 35 -5.59 -3.92 -4.87
C ASN A 35 -4.57 -5.02 -5.18
N LEU A 36 -3.37 -4.63 -5.64
CA LEU A 36 -2.34 -5.63 -5.94
C LEU A 36 -1.95 -6.35 -4.66
N LEU A 37 -1.50 -5.59 -3.66
CA LEU A 37 -1.07 -6.17 -2.39
C LEU A 37 -2.22 -6.91 -1.70
N HIS A 38 -3.46 -6.56 -2.04
CA HIS A 38 -4.64 -7.18 -1.44
C HIS A 38 -4.56 -8.71 -1.54
N GLU A 39 -4.14 -9.22 -2.72
CA GLU A 39 -4.01 -10.67 -2.91
C GLU A 39 -3.11 -11.30 -1.85
N PHE A 40 -2.25 -10.48 -1.22
CA PHE A 40 -1.35 -10.97 -0.16
C PHE A 40 -1.68 -10.32 1.19
N LEU A 41 -2.58 -9.32 1.20
CA LEU A 41 -2.98 -8.64 2.43
C LEU A 41 -4.36 -9.14 2.86
N GLN A 42 -4.50 -9.40 4.15
CA GLN A 42 -5.77 -9.87 4.69
C GLN A 42 -6.70 -8.69 4.91
N THR A 43 -7.98 -8.97 5.22
CA THR A 43 -8.94 -7.90 5.46
C THR A 43 -8.55 -7.07 6.68
N GLU A 44 -7.90 -7.69 7.67
CA GLU A 44 -7.46 -6.96 8.86
C GLU A 44 -6.73 -5.67 8.46
N ILE A 45 -6.10 -5.72 7.28
CA ILE A 45 -5.38 -4.57 6.73
C ILE A 45 -6.40 -3.52 6.28
N LYS A 46 -7.43 -4.00 5.59
CA LYS A 46 -8.51 -3.14 5.12
C LYS A 46 -9.18 -2.48 6.33
N ASN A 47 -9.30 -3.27 7.42
CA ASN A 47 -9.89 -2.79 8.65
C ASN A 47 -9.06 -1.65 9.23
N GLN A 48 -7.72 -1.82 9.21
CA GLN A 48 -6.82 -0.80 9.72
C GLN A 48 -6.98 0.48 8.90
N LEU A 49 -6.98 0.32 7.58
CA LEU A 49 -7.14 1.45 6.66
C LEU A 49 -8.52 2.08 6.81
N CYS A 50 -9.53 1.23 7.06
CA CYS A 50 -10.91 1.71 7.19
C CYS A 50 -11.03 2.78 8.25
N ASP A 51 -10.40 2.56 9.40
CA ASP A 51 -10.45 3.51 10.49
C ASP A 51 -9.90 4.86 10.06
N LEU A 52 -8.77 4.84 9.33
CA LEU A 52 -8.16 6.08 8.86
C LEU A 52 -9.12 6.81 7.92
N GLU A 53 -9.81 6.04 7.07
CA GLU A 53 -10.77 6.61 6.12
C GLU A 53 -11.82 7.43 6.87
N THR A 54 -12.21 6.94 8.05
CA THR A 54 -13.19 7.64 8.88
C THR A 54 -12.66 9.03 9.27
N LYS A 55 -11.34 9.13 9.44
CA LYS A 55 -10.71 10.41 9.78
C LYS A 55 -10.87 11.38 8.62
N LEU A 56 -10.73 10.86 7.39
CA LEU A 56 -10.88 11.68 6.19
C LEU A 56 -12.30 12.23 6.11
N ARG A 57 -13.24 11.44 6.61
CA ARG A 57 -14.66 11.81 6.59
C ARG A 57 -15.01 12.72 7.77
N LYS A 58 -14.16 12.73 8.80
CA LYS A 58 -14.37 13.60 9.96
C LYS A 58 -13.49 14.88 9.83
N GLU A 59 -12.80 15.03 8.69
CA GLU A 59 -11.93 16.18 8.46
C GLU A 59 -10.90 16.34 9.59
N GLU A 60 -10.53 15.22 10.21
CA GLU A 60 -9.54 15.24 11.30
C GLU A 60 -8.14 14.90 10.78
N LEU A 61 -8.09 14.13 9.70
CA LEU A 61 -6.82 13.72 9.09
C LEU A 61 -6.65 14.42 7.75
N SER A 62 -5.46 14.98 7.55
CA SER A 62 -5.15 15.67 6.31
C SER A 62 -5.03 14.66 5.17
N GLU A 63 -5.22 15.11 3.94
CA GLU A 63 -5.12 14.21 2.79
C GLU A 63 -3.73 13.58 2.78
N GLU A 64 -2.70 14.42 2.92
CA GLU A 64 -1.32 13.94 2.97
C GLU A 64 -1.12 13.00 4.15
N GLY A 65 -1.95 13.17 5.18
CA GLY A 65 -1.86 12.32 6.38
C GLY A 65 -2.18 10.88 6.01
N TYR A 66 -3.37 10.68 5.45
CA TYR A 66 -3.81 9.36 5.02
C TYR A 66 -2.88 8.84 3.92
N LEU A 67 -2.55 9.72 2.99
CA LEU A 67 -1.69 9.37 1.85
C LEU A 67 -0.32 8.90 2.35
N ALA A 68 0.22 9.58 3.36
CA ALA A 68 1.54 9.23 3.90
C ALA A 68 1.45 8.08 4.92
N LYS A 69 0.32 8.00 5.64
CA LYS A 69 0.10 6.92 6.62
C LYS A 69 -0.10 5.58 5.91
N VAL A 70 -0.86 5.62 4.81
CA VAL A 70 -1.17 4.41 4.04
C VAL A 70 0.11 3.65 3.69
N LYS A 71 1.11 4.36 3.16
CA LYS A 71 2.36 3.70 2.77
C LYS A 71 3.00 3.00 3.96
N SER A 72 3.13 3.74 5.08
CA SER A 72 3.76 3.18 6.29
C SER A 72 3.22 1.77 6.61
N LEU A 73 1.90 1.62 6.77
CA LEU A 73 1.32 0.33 7.11
C LEU A 73 1.74 -0.73 6.09
N LEU A 74 1.69 -0.38 4.80
CA LEU A 74 2.06 -1.34 3.75
C LEU A 74 3.49 -1.84 3.95
N ASN A 75 4.40 -0.90 4.19
CA ASN A 75 5.81 -1.24 4.41
C ASN A 75 5.99 -2.06 5.70
N LYS A 76 5.27 -1.65 6.74
CA LYS A 76 5.34 -2.33 8.05
C LYS A 76 4.85 -3.77 7.95
N ASP A 77 3.82 -3.98 7.13
CA ASP A 77 3.24 -5.31 6.95
C ASP A 77 4.28 -6.28 6.39
N LEU A 78 5.03 -5.84 5.39
CA LEU A 78 6.05 -6.70 4.77
C LEU A 78 7.20 -6.97 5.73
N SER A 79 7.53 -5.97 6.56
CA SER A 79 8.63 -6.12 7.52
C SER A 79 8.18 -7.01 8.68
N LEU A 80 9.05 -7.94 9.07
CA LEU A 80 8.77 -8.84 10.18
C LEU A 80 9.96 -8.93 11.12
N GLU A 81 9.76 -8.51 12.36
CA GLU A 81 10.81 -8.55 13.37
C GLU A 81 10.49 -9.60 14.43
N GLY A 1 20.22 -4.08 -0.10
CA GLY A 1 19.26 -4.55 0.91
C GLY A 1 18.81 -3.29 1.56
N HIS A 2 18.13 -2.42 0.75
CA HIS A 2 17.68 -1.14 1.33
C HIS A 2 16.17 -1.14 1.49
N MET A 3 15.67 -0.53 2.58
CA MET A 3 14.22 -0.47 2.86
C MET A 3 13.61 -1.87 3.00
N PRO A 4 12.40 -2.02 3.57
CA PRO A 4 11.75 -3.37 3.71
C PRO A 4 11.56 -4.02 2.35
N ALA A 5 11.74 -5.34 2.30
CA ALA A 5 11.60 -6.08 1.05
C ALA A 5 10.27 -6.83 1.01
N ILE A 6 9.73 -6.96 -0.20
CA ILE A 6 8.47 -7.64 -0.41
C ILE A 6 8.65 -8.81 -1.38
N SER A 7 7.86 -9.86 -1.14
CA SER A 7 7.91 -11.06 -1.98
C SER A 7 6.59 -11.21 -2.72
N LEU A 8 6.63 -11.10 -4.06
CA LEU A 8 5.42 -11.20 -4.86
C LEU A 8 5.55 -12.30 -5.94
N PRO A 9 4.43 -12.79 -6.49
CA PRO A 9 4.45 -13.83 -7.56
C PRO A 9 5.13 -13.32 -8.82
N ASP A 10 5.70 -14.25 -9.59
CA ASP A 10 6.40 -13.90 -10.83
C ASP A 10 5.46 -13.22 -11.82
N ASP A 11 4.20 -13.69 -11.91
CA ASP A 11 3.23 -13.10 -12.84
C ASP A 11 2.90 -11.66 -12.41
N VAL A 12 2.73 -11.45 -11.10
CA VAL A 12 2.41 -10.12 -10.58
C VAL A 12 3.58 -9.18 -10.86
N ARG A 13 4.76 -9.62 -10.43
CA ARG A 13 5.99 -8.81 -10.56
C ARG A 13 6.15 -8.25 -11.97
N ARG A 14 5.92 -9.07 -12.98
CA ARG A 14 6.04 -8.64 -14.37
C ARG A 14 5.13 -7.44 -14.65
N ARG A 15 3.91 -7.49 -14.10
CA ARG A 15 2.94 -6.41 -14.29
C ARG A 15 3.47 -5.11 -13.69
N LEU A 16 4.10 -5.21 -12.50
CA LEU A 16 4.65 -4.02 -11.83
C LEU A 16 5.70 -3.35 -12.72
N LYS A 17 6.50 -4.17 -13.41
CA LYS A 17 7.54 -3.63 -14.29
C LYS A 17 6.89 -2.78 -15.37
N ASP A 18 5.74 -3.24 -15.90
CA ASP A 18 5.02 -2.50 -16.92
C ASP A 18 4.50 -1.18 -16.32
N LEU A 19 4.03 -1.24 -15.07
CA LEU A 19 3.52 -0.06 -14.38
C LEU A 19 4.63 0.98 -14.21
N GLU A 20 5.82 0.50 -13.85
CA GLU A 20 6.96 1.38 -13.63
C GLU A 20 7.23 2.22 -14.88
N ARG A 21 7.10 1.58 -16.05
CA ARG A 21 7.31 2.28 -17.32
C ARG A 21 6.21 3.32 -17.55
N ASP A 22 4.99 2.91 -17.21
CA ASP A 22 3.81 3.78 -17.34
C ASP A 22 3.92 5.00 -16.44
N SER A 23 4.49 4.80 -15.26
CA SER A 23 4.68 5.88 -14.26
C SER A 23 3.32 6.32 -13.69
N LEU A 24 3.11 5.99 -12.42
CA LEU A 24 1.91 6.35 -11.70
C LEU A 24 2.30 7.14 -10.46
N THR A 25 1.57 8.20 -10.18
CA THR A 25 1.87 9.03 -9.01
C THR A 25 1.76 8.17 -7.75
N GLU A 26 2.10 8.76 -6.61
CA GLU A 26 2.03 8.04 -5.34
C GLU A 26 0.59 7.66 -5.03
N LYS A 27 -0.34 8.57 -5.36
CA LYS A 27 -1.77 8.33 -5.10
C LYS A 27 -2.24 7.09 -5.85
N GLU A 28 -1.88 7.00 -7.12
CA GLU A 28 -2.26 5.86 -7.96
C GLU A 28 -1.43 4.62 -7.64
N CYS A 29 -0.18 4.84 -7.27
CA CYS A 29 0.74 3.75 -6.94
C CYS A 29 0.25 2.99 -5.72
N VAL A 30 -0.08 3.73 -4.65
CA VAL A 30 -0.55 3.11 -3.42
C VAL A 30 -1.83 2.30 -3.68
N LYS A 31 -2.76 2.87 -4.44
CA LYS A 31 -4.02 2.18 -4.73
C LYS A 31 -3.76 0.86 -5.47
N GLU A 32 -2.86 0.87 -6.45
CA GLU A 32 -2.54 -0.35 -7.20
C GLU A 32 -1.83 -1.36 -6.32
N LYS A 33 -0.83 -0.89 -5.56
CA LYS A 33 -0.05 -1.76 -4.68
C LYS A 33 -0.92 -2.38 -3.60
N LEU A 34 -1.85 -1.59 -3.07
CA LEU A 34 -2.74 -2.08 -1.99
C LEU A 34 -3.53 -3.31 -2.42
N ASN A 35 -4.20 -3.23 -3.58
CA ASN A 35 -5.01 -4.35 -4.06
C ASN A 35 -4.17 -5.59 -4.33
N LEU A 36 -2.99 -5.40 -4.96
CA LEU A 36 -2.11 -6.53 -5.26
C LEU A 36 -1.74 -7.23 -3.97
N LEU A 37 -1.23 -6.45 -3.00
CA LEU A 37 -0.83 -7.00 -1.71
C LEU A 37 -2.02 -7.63 -0.98
N HIS A 38 -3.19 -6.98 -1.11
CA HIS A 38 -4.40 -7.48 -0.44
C HIS A 38 -4.66 -8.94 -0.79
N GLU A 39 -4.49 -9.28 -2.06
CA GLU A 39 -4.70 -10.67 -2.53
C GLU A 39 -3.83 -11.65 -1.73
N PHE A 40 -2.78 -11.14 -1.08
CA PHE A 40 -1.89 -11.97 -0.26
C PHE A 40 -1.96 -11.55 1.23
N LEU A 41 -2.61 -10.42 1.52
CA LEU A 41 -2.75 -9.95 2.89
C LEU A 41 -4.17 -10.21 3.40
N GLN A 42 -4.28 -10.47 4.70
CA GLN A 42 -5.58 -10.74 5.32
C GLN A 42 -6.45 -9.49 5.24
N THR A 43 -7.77 -9.68 5.30
CA THR A 43 -8.71 -8.56 5.23
C THR A 43 -8.55 -7.64 6.45
N GLU A 44 -8.01 -8.17 7.56
CA GLU A 44 -7.79 -7.37 8.76
C GLU A 44 -6.95 -6.13 8.42
N ILE A 45 -6.19 -6.21 7.33
CA ILE A 45 -5.37 -5.08 6.88
C ILE A 45 -6.28 -4.00 6.31
N LYS A 46 -7.26 -4.43 5.49
CA LYS A 46 -8.22 -3.50 4.92
C LYS A 46 -9.01 -2.84 6.05
N ASN A 47 -9.27 -3.62 7.10
CA ASN A 47 -9.99 -3.13 8.27
C ASN A 47 -9.20 -2.00 8.92
N GLN A 48 -7.88 -2.19 9.03
CA GLN A 48 -7.01 -1.17 9.62
C GLN A 48 -7.05 0.09 8.77
N LEU A 49 -6.98 -0.09 7.46
CA LEU A 49 -7.03 1.03 6.51
C LEU A 49 -8.36 1.76 6.59
N CYS A 50 -9.44 1.00 6.77
CA CYS A 50 -10.79 1.57 6.82
C CYS A 50 -10.87 2.66 7.89
N ASP A 51 -10.37 2.36 9.10
CA ASP A 51 -10.42 3.34 10.19
C ASP A 51 -9.78 4.65 9.75
N LEU A 52 -8.67 4.56 9.02
CA LEU A 52 -7.98 5.75 8.55
C LEU A 52 -8.90 6.54 7.61
N GLU A 53 -9.65 5.81 6.76
CA GLU A 53 -10.56 6.46 5.81
C GLU A 53 -11.57 7.33 6.56
N THR A 54 -11.97 6.87 7.75
CA THR A 54 -12.92 7.61 8.57
C THR A 54 -12.38 9.01 8.87
N LYS A 55 -11.07 9.09 9.10
CA LYS A 55 -10.41 10.37 9.35
C LYS A 55 -10.52 11.26 8.12
N LEU A 56 -10.32 10.65 6.94
CA LEU A 56 -10.41 11.38 5.67
C LEU A 56 -11.83 11.88 5.45
N ARG A 57 -12.79 11.12 5.95
CA ARG A 57 -14.20 11.48 5.83
C ARG A 57 -14.57 12.62 6.75
N LYS A 58 -13.98 12.65 7.95
CA LYS A 58 -14.24 13.73 8.91
C LYS A 58 -13.19 14.86 8.75
N GLU A 59 -12.27 14.71 7.79
CA GLU A 59 -11.22 15.69 7.55
C GLU A 59 -10.35 15.90 8.80
N GLU A 60 -10.13 14.82 9.55
CA GLU A 60 -9.30 14.87 10.76
C GLU A 60 -7.84 14.56 10.44
N LEU A 61 -7.61 13.81 9.36
CA LEU A 61 -6.26 13.44 8.93
C LEU A 61 -5.91 14.16 7.64
N SER A 62 -4.69 14.69 7.61
CA SER A 62 -4.22 15.42 6.44
C SER A 62 -4.16 14.49 5.25
N GLU A 63 -4.25 15.06 4.05
CA GLU A 63 -4.19 14.23 2.84
C GLU A 63 -2.85 13.52 2.79
N GLU A 64 -1.77 14.27 3.03
CA GLU A 64 -0.43 13.67 3.07
C GLU A 64 -0.27 12.77 4.29
N GLY A 65 -1.11 12.99 5.31
CA GLY A 65 -1.08 12.19 6.51
C GLY A 65 -1.42 10.75 6.19
N TYR A 66 -2.57 10.58 5.53
CA TYR A 66 -3.02 9.25 5.12
C TYR A 66 -2.05 8.63 4.12
N LEU A 67 -1.62 9.45 3.16
CA LEU A 67 -0.68 9.01 2.13
C LEU A 67 0.63 8.54 2.74
N ALA A 68 1.12 9.26 3.76
CA ALA A 68 2.37 8.92 4.41
C ALA A 68 2.20 7.84 5.48
N LYS A 69 1.03 7.85 6.14
CA LYS A 69 0.72 6.86 7.18
C LYS A 69 0.51 5.48 6.56
N VAL A 70 -0.19 5.45 5.43
CA VAL A 70 -0.49 4.21 4.73
C VAL A 70 0.79 3.39 4.50
N LYS A 71 1.84 4.04 4.02
CA LYS A 71 3.09 3.34 3.75
C LYS A 71 3.62 2.66 5.01
N SER A 72 3.71 3.42 6.10
CA SER A 72 4.24 2.88 7.36
C SER A 72 3.57 1.55 7.75
N LEU A 73 2.23 1.52 7.84
CA LEU A 73 1.51 0.31 8.22
C LEU A 73 1.97 -0.87 7.35
N LEU A 74 2.07 -0.63 6.03
CA LEU A 74 2.47 -1.69 5.11
C LEU A 74 3.85 -2.24 5.49
N ASN A 75 4.77 -1.34 5.79
CA ASN A 75 6.12 -1.74 6.18
C ASN A 75 6.11 -2.50 7.50
N LYS A 76 5.30 -2.01 8.46
CA LYS A 76 5.19 -2.63 9.78
C LYS A 76 4.59 -4.03 9.68
N ASP A 77 3.62 -4.21 8.79
CA ASP A 77 2.98 -5.50 8.61
C ASP A 77 3.98 -6.54 8.13
N LEU A 78 4.84 -6.14 7.19
CA LEU A 78 5.86 -7.06 6.66
C LEU A 78 7.20 -6.89 7.35
N SER A 79 7.25 -6.09 8.43
CA SER A 79 8.52 -5.87 9.14
C SER A 79 9.06 -7.19 9.68
N LEU A 80 8.18 -8.00 10.27
CA LEU A 80 8.60 -9.31 10.80
C LEU A 80 9.09 -10.21 9.67
N GLU A 81 8.37 -10.18 8.55
CA GLU A 81 8.70 -11.00 7.39
C GLU A 81 9.44 -10.14 6.35
N GLY A 1 12.93 -23.09 -1.93
CA GLY A 1 12.36 -21.74 -2.18
C GLY A 1 12.32 -21.37 -3.69
N HIS A 2 11.21 -21.76 -4.32
CA HIS A 2 11.01 -21.43 -5.73
C HIS A 2 11.04 -19.92 -5.87
N MET A 3 10.27 -19.22 -5.03
CA MET A 3 10.24 -17.74 -5.05
C MET A 3 10.54 -17.17 -3.64
N PRO A 4 11.81 -16.88 -3.29
CA PRO A 4 12.15 -16.33 -1.94
C PRO A 4 11.41 -15.02 -1.65
N ALA A 5 11.05 -14.83 -0.38
CA ALA A 5 10.34 -13.62 0.04
C ALA A 5 11.31 -12.61 0.63
N ILE A 6 12.28 -12.21 -0.20
CA ILE A 6 13.29 -11.23 0.20
C ILE A 6 12.75 -9.82 0.00
N SER A 7 12.09 -9.61 -1.14
CA SER A 7 11.50 -8.31 -1.47
C SER A 7 10.44 -8.48 -2.55
N LEU A 8 9.26 -8.98 -2.12
CA LEU A 8 8.13 -9.22 -3.01
C LEU A 8 8.49 -10.20 -4.13
N PRO A 9 7.51 -10.90 -4.73
CA PRO A 9 7.78 -11.85 -5.84
C PRO A 9 8.01 -11.13 -7.16
N ASP A 10 8.65 -11.82 -8.11
CA ASP A 10 8.95 -11.23 -9.42
C ASP A 10 7.67 -10.87 -10.19
N ASP A 11 6.59 -11.61 -9.94
CA ASP A 11 5.32 -11.33 -10.62
C ASP A 11 4.82 -9.93 -10.26
N VAL A 12 4.78 -9.62 -8.96
CA VAL A 12 4.34 -8.31 -8.50
C VAL A 12 5.34 -7.24 -8.95
N ARG A 13 6.62 -7.51 -8.66
CA ARG A 13 7.69 -6.57 -8.98
C ARG A 13 7.65 -6.11 -10.44
N ARG A 14 7.44 -7.03 -11.37
CA ARG A 14 7.39 -6.68 -12.80
C ARG A 14 6.25 -5.67 -13.05
N ARG A 15 5.10 -5.94 -12.43
CA ARG A 15 3.92 -5.07 -12.60
C ARG A 15 4.24 -3.64 -12.17
N LEU A 16 4.98 -3.50 -11.07
CA LEU A 16 5.37 -2.18 -10.56
C LEU A 16 6.25 -1.45 -11.58
N LYS A 17 7.11 -2.20 -12.27
CA LYS A 17 8.00 -1.62 -13.28
C LYS A 17 7.18 -0.93 -14.36
N ASP A 18 6.05 -1.55 -14.74
CA ASP A 18 5.17 -0.98 -15.75
C ASP A 18 4.59 0.34 -15.24
N LEU A 19 4.23 0.36 -13.95
CA LEU A 19 3.67 1.56 -13.33
C LEU A 19 4.70 2.69 -13.35
N GLU A 20 5.98 2.34 -13.13
CA GLU A 20 7.07 3.31 -13.11
C GLU A 20 7.17 4.02 -14.46
N ARG A 21 7.03 3.26 -15.54
CA ARG A 21 7.08 3.84 -16.90
C ARG A 21 5.82 4.65 -17.17
N ASP A 22 4.68 4.07 -16.79
CA ASP A 22 3.38 4.70 -17.00
C ASP A 22 3.31 6.03 -16.25
N SER A 23 3.95 6.08 -15.08
CA SER A 23 3.96 7.30 -14.26
C SER A 23 2.55 7.66 -13.81
N LEU A 24 2.31 7.45 -12.52
CA LEU A 24 1.04 7.75 -11.88
C LEU A 24 1.31 8.63 -10.68
N THR A 25 0.34 9.45 -10.32
CA THR A 25 0.48 10.34 -9.16
C THR A 25 0.52 9.51 -7.90
N GLU A 26 0.87 10.14 -6.78
CA GLU A 26 0.94 9.46 -5.50
C GLU A 26 -0.45 8.96 -5.09
N LYS A 27 -1.48 9.76 -5.39
CA LYS A 27 -2.86 9.40 -5.05
C LYS A 27 -3.27 8.12 -5.79
N GLU A 28 -2.89 8.06 -7.07
CA GLU A 28 -3.21 6.90 -7.92
C GLU A 28 -2.26 5.73 -7.64
N CYS A 29 -1.02 6.05 -7.29
CA CYS A 29 0.00 5.05 -7.01
C CYS A 29 -0.36 4.24 -5.76
N VAL A 30 -0.77 4.94 -4.70
CA VAL A 30 -1.15 4.28 -3.45
C VAL A 30 -2.36 3.37 -3.68
N LYS A 31 -3.35 3.85 -4.44
CA LYS A 31 -4.55 3.05 -4.70
C LYS A 31 -4.19 1.71 -5.34
N GLU A 32 -3.25 1.72 -6.30
CA GLU A 32 -2.82 0.49 -6.96
C GLU A 32 -1.93 -0.36 -6.05
N LYS A 33 -0.96 0.30 -5.40
CA LYS A 33 -0.01 -0.35 -4.52
C LYS A 33 -0.72 -1.05 -3.35
N LEU A 34 -1.78 -0.41 -2.85
CA LEU A 34 -2.53 -0.97 -1.71
C LEU A 34 -3.09 -2.35 -2.04
N ASN A 35 -3.87 -2.44 -3.13
CA ASN A 35 -4.50 -3.70 -3.51
C ASN A 35 -3.46 -4.79 -3.81
N LEU A 36 -2.36 -4.43 -4.47
CA LEU A 36 -1.32 -5.41 -4.78
C LEU A 36 -0.76 -6.00 -3.48
N LEU A 37 -0.30 -5.11 -2.59
CA LEU A 37 0.26 -5.54 -1.31
C LEU A 37 -0.78 -6.29 -0.49
N HIS A 38 -2.04 -5.84 -0.56
CA HIS A 38 -3.12 -6.48 0.19
C HIS A 38 -3.16 -7.98 -0.10
N GLU A 39 -2.98 -8.35 -1.37
CA GLU A 39 -2.99 -9.77 -1.76
C GLU A 39 -1.99 -10.59 -0.94
N PHE A 40 -1.01 -9.91 -0.33
CA PHE A 40 0.00 -10.57 0.50
C PHE A 40 -0.14 -10.16 1.98
N LEU A 41 -0.83 -9.04 2.23
CA LEU A 41 -1.05 -8.56 3.60
C LEU A 41 -2.35 -9.15 4.14
N GLN A 42 -2.48 -9.19 5.47
CA GLN A 42 -3.68 -9.72 6.12
C GLN A 42 -4.82 -8.70 6.00
N THR A 43 -6.06 -9.17 6.11
CA THR A 43 -7.23 -8.29 6.01
C THR A 43 -7.23 -7.27 7.15
N GLU A 44 -6.74 -7.67 8.33
CA GLU A 44 -6.68 -6.76 9.48
C GLU A 44 -5.98 -5.45 9.09
N ILE A 45 -5.16 -5.50 8.04
CA ILE A 45 -4.48 -4.32 7.53
C ILE A 45 -5.49 -3.40 6.86
N LYS A 46 -6.38 -4.01 6.05
CA LYS A 46 -7.44 -3.27 5.37
C LYS A 46 -8.35 -2.63 6.43
N ASN A 47 -8.54 -3.37 7.54
CA ASN A 47 -9.37 -2.89 8.64
C ASN A 47 -8.78 -1.60 9.20
N GLN A 48 -7.45 -1.57 9.35
CA GLN A 48 -6.78 -0.38 9.86
C GLN A 48 -7.01 0.80 8.93
N LEU A 49 -6.90 0.53 7.62
CA LEU A 49 -7.11 1.55 6.60
C LEU A 49 -8.55 2.05 6.62
N CYS A 50 -9.50 1.14 6.84
CA CYS A 50 -10.91 1.49 6.84
C CYS A 50 -11.21 2.61 7.82
N ASP A 51 -10.70 2.50 9.05
CA ASP A 51 -10.93 3.53 10.06
C ASP A 51 -10.40 4.88 9.58
N LEU A 52 -9.20 4.86 8.98
CA LEU A 52 -8.59 6.09 8.46
C LEU A 52 -9.47 6.67 7.35
N GLU A 53 -9.99 5.79 6.48
CA GLU A 53 -10.85 6.20 5.38
C GLU A 53 -12.11 6.90 5.92
N THR A 54 -12.60 6.42 7.07
CA THR A 54 -13.78 7.00 7.70
C THR A 54 -13.52 8.48 8.02
N LYS A 55 -12.28 8.79 8.41
CA LYS A 55 -11.89 10.17 8.70
C LYS A 55 -11.99 11.02 7.43
N LEU A 56 -11.57 10.44 6.30
CA LEU A 56 -11.64 11.14 5.01
C LEU A 56 -13.08 11.45 4.66
N ARG A 57 -13.96 10.50 4.98
CA ARG A 57 -15.38 10.63 4.70
C ARG A 57 -16.06 11.61 5.65
N LYS A 58 -15.44 11.86 6.81
CA LYS A 58 -15.98 12.83 7.78
C LYS A 58 -15.16 14.15 7.72
N GLU A 59 -14.18 14.23 6.81
CA GLU A 59 -13.33 15.42 6.66
C GLU A 59 -12.55 15.72 7.96
N GLU A 60 -12.29 14.66 8.73
CA GLU A 60 -11.56 14.75 9.99
C GLU A 60 -10.05 14.63 9.75
N LEU A 61 -9.67 13.88 8.71
CA LEU A 61 -8.27 13.67 8.37
C LEU A 61 -7.96 14.39 7.06
N SER A 62 -6.77 15.00 6.99
CA SER A 62 -6.35 15.71 5.78
C SER A 62 -5.94 14.70 4.71
N GLU A 63 -5.96 15.13 3.44
CA GLU A 63 -5.56 14.23 2.36
C GLU A 63 -4.13 13.76 2.62
N GLU A 64 -3.23 14.71 2.83
CA GLU A 64 -1.84 14.37 3.13
C GLU A 64 -1.74 13.51 4.38
N GLY A 65 -2.77 13.60 5.24
CA GLY A 65 -2.81 12.80 6.47
C GLY A 65 -2.91 11.33 6.13
N TYR A 66 -3.96 10.98 5.40
CA TYR A 66 -4.19 9.60 4.97
C TYR A 66 -3.07 9.15 4.03
N LEU A 67 -2.70 10.04 3.11
CA LEU A 67 -1.64 9.75 2.14
C LEU A 67 -0.32 9.48 2.86
N ALA A 68 -0.02 10.27 3.89
CA ALA A 68 1.24 10.12 4.65
C ALA A 68 1.14 9.02 5.72
N LYS A 69 -0.08 8.80 6.24
CA LYS A 69 -0.32 7.75 7.26
C LYS A 69 -0.29 6.37 6.62
N VAL A 70 -0.93 6.26 5.44
CA VAL A 70 -1.04 4.98 4.72
C VAL A 70 0.35 4.35 4.55
N LYS A 71 1.32 5.12 4.09
CA LYS A 71 2.67 4.60 3.86
C LYS A 71 3.22 3.96 5.14
N SER A 72 3.14 4.68 6.26
CA SER A 72 3.67 4.18 7.53
C SER A 72 3.21 2.73 7.80
N LEU A 73 1.90 2.46 7.68
CA LEU A 73 1.39 1.11 7.92
C LEU A 73 2.05 0.10 6.98
N LEU A 74 2.17 0.46 5.69
CA LEU A 74 2.76 -0.46 4.70
C LEU A 74 4.20 -0.80 5.07
N ASN A 75 4.99 0.22 5.40
CA ASN A 75 6.39 0.02 5.79
C ASN A 75 6.50 -0.67 7.16
N LYS A 76 5.58 -0.32 8.06
CA LYS A 76 5.57 -0.87 9.41
C LYS A 76 5.36 -2.39 9.37
N ASP A 77 4.41 -2.85 8.55
CA ASP A 77 4.12 -4.28 8.43
C ASP A 77 5.32 -5.03 7.85
N LEU A 78 5.92 -4.47 6.79
CA LEU A 78 7.08 -5.10 6.14
C LEU A 78 8.32 -5.08 7.06
N SER A 79 8.45 -4.01 7.85
CA SER A 79 9.59 -3.90 8.75
C SER A 79 9.59 -5.03 9.77
N LEU A 80 10.62 -5.87 9.72
CA LEU A 80 10.76 -7.00 10.63
C LEU A 80 12.19 -7.10 11.15
N GLU A 81 12.33 -7.02 12.47
CA GLU A 81 13.63 -7.12 13.12
C GLU A 81 13.88 -8.55 13.60
N GLY A 1 25.62 -6.58 -3.80
CA GLY A 1 24.50 -7.10 -2.97
C GLY A 1 24.92 -8.29 -2.08
N HIS A 2 24.76 -8.04 -0.77
CA HIS A 2 25.09 -9.04 0.24
C HIS A 2 23.82 -9.76 0.63
N MET A 3 23.77 -11.05 0.33
CA MET A 3 22.60 -11.87 0.62
C MET A 3 21.34 -11.26 -0.06
N PRO A 4 21.14 -11.47 -1.37
CA PRO A 4 19.94 -10.90 -2.08
C PRO A 4 18.64 -11.41 -1.48
N ALA A 5 17.63 -10.54 -1.47
CA ALA A 5 16.33 -10.90 -0.91
C ALA A 5 15.22 -10.57 -1.88
N ILE A 6 14.15 -11.37 -1.83
CA ILE A 6 13.01 -11.17 -2.70
C ILE A 6 11.77 -10.90 -1.88
N SER A 7 10.84 -10.18 -2.51
CA SER A 7 9.59 -9.82 -1.89
C SER A 7 8.47 -9.92 -2.91
N LEU A 8 7.27 -10.29 -2.45
CA LEU A 8 6.11 -10.43 -3.31
C LEU A 8 6.35 -11.49 -4.41
N PRO A 9 5.29 -12.07 -4.99
CA PRO A 9 5.43 -13.08 -6.08
C PRO A 9 5.91 -12.44 -7.39
N ASP A 10 6.54 -13.24 -8.24
CA ASP A 10 7.05 -12.75 -9.52
C ASP A 10 5.91 -12.29 -10.43
N ASP A 11 4.73 -12.92 -10.32
CA ASP A 11 3.59 -12.53 -11.15
C ASP A 11 3.14 -11.12 -10.80
N VAL A 12 3.06 -10.82 -9.49
CA VAL A 12 2.65 -9.49 -9.03
C VAL A 12 3.71 -8.47 -9.47
N ARG A 13 4.96 -8.79 -9.14
CA ARG A 13 6.09 -7.90 -9.43
C ARG A 13 6.10 -7.43 -10.88
N ARG A 14 5.76 -8.32 -11.83
CA ARG A 14 5.74 -7.97 -13.24
C ARG A 14 4.73 -6.83 -13.49
N ARG A 15 3.56 -6.94 -12.87
CA ARG A 15 2.51 -5.93 -13.02
C ARG A 15 3.01 -4.57 -12.56
N LEU A 16 3.73 -4.54 -11.43
CA LEU A 16 4.28 -3.29 -10.89
C LEU A 16 5.29 -2.69 -11.87
N LYS A 17 6.09 -3.55 -12.49
CA LYS A 17 7.10 -3.09 -13.46
C LYS A 17 6.41 -2.36 -14.61
N ASP A 18 5.26 -2.89 -15.04
CA ASP A 18 4.49 -2.26 -16.10
C ASP A 18 4.01 -0.88 -15.66
N LEU A 19 3.52 -0.81 -14.42
CA LEU A 19 3.05 0.45 -13.85
C LEU A 19 4.20 1.44 -13.72
N GLU A 20 5.38 0.93 -13.38
CA GLU A 20 6.57 1.75 -13.21
C GLU A 20 6.88 2.52 -14.50
N ARG A 21 6.70 1.87 -15.66
CA ARG A 21 6.93 2.52 -16.95
C ARG A 21 5.82 3.55 -17.21
N ASP A 22 4.59 3.12 -16.92
CA ASP A 22 3.40 3.97 -17.12
C ASP A 22 3.50 5.24 -16.27
N SER A 23 4.10 5.11 -15.08
CA SER A 23 4.26 6.23 -14.17
C SER A 23 2.90 6.77 -13.71
N LEU A 24 2.64 6.59 -12.42
CA LEU A 24 1.41 7.05 -11.79
C LEU A 24 1.80 7.93 -10.62
N THR A 25 0.95 8.89 -10.30
CA THR A 25 1.21 9.78 -9.17
C THR A 25 1.17 8.99 -7.87
N GLU A 26 1.61 9.60 -6.78
CA GLU A 26 1.61 8.92 -5.48
C GLU A 26 0.17 8.63 -5.03
N LYS A 27 -0.73 9.56 -5.36
CA LYS A 27 -2.14 9.45 -4.97
C LYS A 27 -2.76 8.20 -5.63
N GLU A 28 -2.42 8.00 -6.91
CA GLU A 28 -2.91 6.86 -7.68
C GLU A 28 -2.10 5.60 -7.38
N CYS A 29 -0.82 5.78 -7.10
CA CYS A 29 0.07 4.66 -6.81
C CYS A 29 -0.39 3.90 -5.57
N VAL A 30 -0.68 4.63 -4.50
CA VAL A 30 -1.13 4.02 -3.25
C VAL A 30 -2.49 3.32 -3.44
N LYS A 31 -3.41 3.99 -4.14
CA LYS A 31 -4.75 3.43 -4.38
C LYS A 31 -4.67 2.11 -5.15
N GLU A 32 -3.79 2.08 -6.16
CA GLU A 32 -3.61 0.87 -6.97
C GLU A 32 -2.86 -0.22 -6.21
N LYS A 33 -1.81 0.19 -5.46
CA LYS A 33 -1.00 -0.75 -4.69
C LYS A 33 -1.85 -1.49 -3.67
N LEU A 34 -2.72 -0.75 -2.98
CA LEU A 34 -3.57 -1.35 -1.94
C LEU A 34 -4.31 -2.57 -2.49
N ASN A 35 -4.94 -2.41 -3.66
CA ASN A 35 -5.71 -3.49 -4.28
C ASN A 35 -4.81 -4.71 -4.59
N LEU A 36 -3.57 -4.45 -4.98
CA LEU A 36 -2.64 -5.55 -5.28
C LEU A 36 -2.23 -6.26 -4.00
N LEU A 37 -1.67 -5.49 -3.06
CA LEU A 37 -1.23 -6.05 -1.78
C LEU A 37 -2.38 -6.72 -1.04
N HIS A 38 -3.62 -6.31 -1.33
CA HIS A 38 -4.80 -6.88 -0.68
C HIS A 38 -4.78 -8.41 -0.76
N GLU A 39 -4.34 -8.94 -1.91
CA GLU A 39 -4.29 -10.39 -2.11
C GLU A 39 -3.38 -11.07 -1.07
N PHE A 40 -2.42 -10.31 -0.54
CA PHE A 40 -1.50 -10.82 0.49
C PHE A 40 -1.71 -10.12 1.84
N LEU A 41 -2.61 -9.12 1.89
CA LEU A 41 -2.89 -8.40 3.13
C LEU A 41 -4.17 -8.93 3.76
N GLN A 42 -4.19 -8.98 5.09
CA GLN A 42 -5.37 -9.46 5.80
C GLN A 42 -6.47 -8.40 5.77
N THR A 43 -7.71 -8.82 5.94
CA THR A 43 -8.85 -7.89 5.92
C THR A 43 -8.75 -6.90 7.09
N GLU A 44 -8.20 -7.34 8.22
CA GLU A 44 -8.04 -6.45 9.38
C GLU A 44 -7.22 -5.21 8.99
N ILE A 45 -6.45 -5.33 7.90
CA ILE A 45 -5.66 -4.20 7.40
C ILE A 45 -6.60 -3.16 6.82
N LYS A 46 -7.59 -3.62 6.04
CA LYS A 46 -8.59 -2.72 5.48
C LYS A 46 -9.38 -2.08 6.62
N ASN A 47 -9.64 -2.87 7.66
CA ASN A 47 -10.39 -2.38 8.83
C ASN A 47 -9.69 -1.18 9.44
N GLN A 48 -8.35 -1.26 9.55
CA GLN A 48 -7.57 -0.15 10.11
C GLN A 48 -7.71 1.08 9.20
N LEU A 49 -7.65 0.82 7.89
CA LEU A 49 -7.78 1.89 6.90
C LEU A 49 -9.19 2.45 6.87
N CYS A 50 -10.19 1.61 7.17
CA CYS A 50 -11.60 2.03 7.16
C CYS A 50 -11.84 3.18 8.11
N ASP A 51 -11.33 3.07 9.33
CA ASP A 51 -11.52 4.10 10.32
C ASP A 51 -10.94 5.43 9.83
N LEU A 52 -9.78 5.35 9.18
CA LEU A 52 -9.14 6.56 8.64
C LEU A 52 -10.04 7.19 7.58
N GLU A 53 -10.67 6.36 6.74
CA GLU A 53 -11.56 6.86 5.70
C GLU A 53 -12.65 7.73 6.31
N THR A 54 -13.13 7.31 7.48
CA THR A 54 -14.17 8.05 8.19
C THR A 54 -13.69 9.47 8.48
N LYS A 55 -12.40 9.60 8.84
CA LYS A 55 -11.81 10.90 9.11
C LYS A 55 -11.79 11.73 7.82
N LEU A 56 -11.44 11.07 6.70
CA LEU A 56 -11.40 11.75 5.40
C LEU A 56 -12.77 12.26 5.03
N ARG A 57 -13.78 11.45 5.33
CA ARG A 57 -15.17 11.80 5.02
C ARG A 57 -15.61 13.03 5.81
N LYS A 58 -15.23 13.08 7.10
CA LYS A 58 -15.57 14.22 7.95
C LYS A 58 -14.53 15.35 7.81
N GLU A 59 -13.54 15.16 6.91
CA GLU A 59 -12.47 16.13 6.70
C GLU A 59 -11.67 16.40 7.98
N GLU A 60 -11.62 15.40 8.85
CA GLU A 60 -10.86 15.51 10.12
C GLU A 60 -9.39 15.12 9.93
N LEU A 61 -9.13 14.29 8.90
CA LEU A 61 -7.77 13.84 8.60
C LEU A 61 -7.30 14.48 7.30
N SER A 62 -6.03 14.89 7.28
CA SER A 62 -5.44 15.51 6.10
C SER A 62 -5.15 14.45 5.05
N GLU A 63 -5.13 14.85 3.78
CA GLU A 63 -4.86 13.92 2.70
C GLU A 63 -3.51 13.24 2.96
N GLU A 64 -2.48 14.07 3.21
CA GLU A 64 -1.16 13.56 3.51
C GLU A 64 -1.20 12.66 4.76
N GLY A 65 -2.21 12.86 5.61
CA GLY A 65 -2.37 12.06 6.82
C GLY A 65 -2.64 10.62 6.44
N TYR A 66 -3.72 10.41 5.71
CA TYR A 66 -4.12 9.09 5.23
C TYR A 66 -3.02 8.50 4.34
N LEU A 67 -2.52 9.35 3.44
CA LEU A 67 -1.47 8.93 2.51
C LEU A 67 -0.22 8.47 3.25
N ALA A 68 0.13 9.18 4.33
CA ALA A 68 1.31 8.84 5.12
C ALA A 68 1.04 7.69 6.11
N LYS A 69 -0.22 7.59 6.55
CA LYS A 69 -0.63 6.50 7.47
C LYS A 69 -0.68 5.16 6.73
N VAL A 70 -1.21 5.21 5.51
CA VAL A 70 -1.37 4.00 4.69
C VAL A 70 -0.04 3.29 4.51
N LYS A 71 1.02 4.03 4.20
CA LYS A 71 2.34 3.43 4.00
C LYS A 71 2.77 2.62 5.22
N SER A 72 2.77 3.27 6.39
CA SER A 72 3.20 2.60 7.63
C SER A 72 2.56 1.22 7.78
N LEU A 73 1.24 1.11 7.58
CA LEU A 73 0.54 -0.16 7.70
C LEU A 73 1.19 -1.22 6.79
N LEU A 74 1.44 -0.84 5.52
CA LEU A 74 2.04 -1.78 4.56
C LEU A 74 3.42 -2.24 5.02
N ASN A 75 4.24 -1.28 5.47
CA ASN A 75 5.59 -1.58 5.95
C ASN A 75 5.56 -2.43 7.22
N LYS A 76 4.59 -2.13 8.09
CA LYS A 76 4.44 -2.81 9.37
C LYS A 76 4.17 -4.31 9.14
N ASP A 77 3.33 -4.61 8.15
CA ASP A 77 2.99 -6.00 7.84
C ASP A 77 4.23 -6.77 7.39
N LEU A 78 5.09 -6.11 6.60
CA LEU A 78 6.30 -6.74 6.10
C LEU A 78 7.51 -6.49 7.02
N SER A 79 7.31 -5.74 8.12
CA SER A 79 8.39 -5.45 9.05
C SER A 79 8.98 -6.73 9.64
N LEU A 80 8.11 -7.67 9.99
CA LEU A 80 8.55 -8.96 10.54
C LEU A 80 8.01 -10.10 9.68
N GLU A 81 8.92 -10.90 9.13
CA GLU A 81 8.57 -12.03 8.28
C GLU A 81 7.71 -11.56 7.10
N GLY A 1 11.97 -16.91 4.61
CA GLY A 1 12.38 -18.08 3.71
C GLY A 1 13.34 -19.06 4.38
N HIS A 2 13.80 -20.04 3.57
CA HIS A 2 14.72 -21.08 4.06
C HIS A 2 16.08 -20.46 4.37
N MET A 3 16.42 -19.53 3.47
CA MET A 3 17.63 -18.78 3.54
C MET A 3 17.64 -17.72 2.41
N PRO A 4 17.43 -18.08 1.14
CA PRO A 4 17.44 -17.08 0.01
C PRO A 4 16.39 -15.99 0.19
N ALA A 5 16.72 -14.78 -0.26
CA ALA A 5 15.82 -13.64 -0.14
C ALA A 5 14.56 -13.87 -0.96
N ILE A 6 13.53 -13.10 -0.62
CA ILE A 6 12.24 -13.18 -1.30
C ILE A 6 11.95 -11.90 -2.08
N SER A 7 11.30 -12.05 -3.22
CA SER A 7 10.95 -10.91 -4.07
C SER A 7 9.54 -11.11 -4.63
N LEU A 8 8.80 -10.03 -4.82
CA LEU A 8 7.43 -10.11 -5.33
C LEU A 8 7.30 -11.06 -6.53
N PRO A 9 6.09 -11.55 -6.84
CA PRO A 9 5.87 -12.45 -8.01
C PRO A 9 6.18 -11.75 -9.33
N ASP A 10 6.59 -12.54 -10.32
CA ASP A 10 6.93 -11.99 -11.64
C ASP A 10 5.70 -11.39 -12.32
N ASP A 11 4.52 -12.00 -12.12
CA ASP A 11 3.28 -11.48 -12.73
C ASP A 11 2.95 -10.10 -12.16
N VAL A 12 3.20 -9.92 -10.86
CA VAL A 12 2.93 -8.63 -10.21
C VAL A 12 3.92 -7.59 -10.73
N ARG A 13 5.21 -7.89 -10.56
CA ARG A 13 6.29 -6.97 -10.97
C ARG A 13 6.09 -6.47 -12.40
N ARG A 14 5.72 -7.36 -13.31
CA ARG A 14 5.51 -6.96 -14.72
C ARG A 14 4.45 -5.87 -14.79
N ARG A 15 3.38 -6.06 -14.03
CA ARG A 15 2.27 -5.09 -14.02
C ARG A 15 2.76 -3.71 -13.55
N LEU A 16 3.64 -3.70 -12.55
CA LEU A 16 4.19 -2.45 -12.02
C LEU A 16 4.98 -1.70 -13.09
N LYS A 17 5.74 -2.45 -13.90
CA LYS A 17 6.54 -1.85 -14.97
C LYS A 17 5.63 -1.16 -15.98
N ASP A 18 4.48 -1.78 -16.25
CA ASP A 18 3.51 -1.21 -17.18
C ASP A 18 2.94 0.08 -16.61
N LEU A 19 2.63 0.06 -15.32
CA LEU A 19 2.10 1.24 -14.63
C LEU A 19 3.13 2.36 -14.64
N GLU A 20 4.40 1.99 -14.44
CA GLU A 20 5.50 2.93 -14.42
C GLU A 20 5.56 3.73 -15.73
N ARG A 21 5.34 3.05 -16.86
CA ARG A 21 5.35 3.71 -18.17
C ARG A 21 4.12 4.61 -18.29
N ASP A 22 3.00 4.07 -17.83
CA ASP A 22 1.72 4.79 -17.88
C ASP A 22 1.79 6.07 -17.04
N SER A 23 2.54 6.02 -15.94
CA SER A 23 2.71 7.16 -15.02
C SER A 23 1.46 7.34 -14.16
N LEU A 24 1.66 7.27 -12.85
CA LEU A 24 0.61 7.45 -11.86
C LEU A 24 1.06 8.50 -10.86
N THR A 25 0.13 9.34 -10.42
CA THR A 25 0.46 10.37 -9.44
C THR A 25 0.65 9.73 -8.07
N GLU A 26 1.08 10.51 -7.08
CA GLU A 26 1.28 9.97 -5.73
C GLU A 26 -0.05 9.50 -5.14
N LYS A 27 -1.11 10.29 -5.35
CA LYS A 27 -2.44 9.95 -4.83
C LYS A 27 -2.95 8.65 -5.45
N GLU A 28 -2.74 8.52 -6.76
CA GLU A 28 -3.16 7.33 -7.50
C GLU A 28 -2.20 6.15 -7.29
N CYS A 29 -0.94 6.49 -7.02
CA CYS A 29 0.09 5.48 -6.80
C CYS A 29 -0.18 4.70 -5.52
N VAL A 30 -0.47 5.41 -4.43
CA VAL A 30 -0.73 4.76 -3.15
C VAL A 30 -1.98 3.86 -3.25
N LYS A 31 -3.05 4.38 -3.87
CA LYS A 31 -4.30 3.62 -4.02
C LYS A 31 -4.08 2.33 -4.80
N GLU A 32 -3.29 2.42 -5.88
CA GLU A 32 -3.00 1.26 -6.72
C GLU A 32 -2.04 0.30 -6.01
N LYS A 33 -1.00 0.84 -5.38
CA LYS A 33 -0.01 0.03 -4.66
C LYS A 33 -0.65 -0.75 -3.52
N LEU A 34 -1.53 -0.08 -2.78
CA LEU A 34 -2.19 -0.71 -1.63
C LEU A 34 -2.84 -2.02 -2.03
N ASN A 35 -3.60 -1.99 -3.13
CA ASN A 35 -4.32 -3.18 -3.60
C ASN A 35 -3.33 -4.32 -3.95
N LEU A 36 -2.24 -3.96 -4.65
CA LEU A 36 -1.24 -4.98 -5.03
C LEU A 36 -0.63 -5.60 -3.78
N LEU A 37 -0.08 -4.74 -2.92
CA LEU A 37 0.56 -5.20 -1.69
C LEU A 37 -0.43 -5.92 -0.79
N HIS A 38 -1.68 -5.47 -0.82
CA HIS A 38 -2.74 -6.07 0.01
C HIS A 38 -2.81 -7.57 -0.24
N GLU A 39 -2.63 -7.99 -1.50
CA GLU A 39 -2.66 -9.41 -1.86
C GLU A 39 -1.67 -10.23 -1.02
N PHE A 40 -0.70 -9.55 -0.40
CA PHE A 40 0.30 -10.21 0.45
C PHE A 40 0.18 -9.77 1.91
N LEU A 41 -0.42 -8.59 2.15
CA LEU A 41 -0.61 -8.10 3.52
C LEU A 41 -1.81 -8.78 4.16
N GLN A 42 -1.80 -8.87 5.48
CA GLN A 42 -2.90 -9.49 6.22
C GLN A 42 -4.14 -8.59 6.17
N THR A 43 -5.31 -9.20 6.34
CA THR A 43 -6.56 -8.45 6.31
C THR A 43 -6.59 -7.42 7.43
N GLU A 44 -6.08 -7.79 8.62
CA GLU A 44 -6.03 -6.86 9.75
C GLU A 44 -5.36 -5.54 9.35
N ILE A 45 -4.57 -5.58 8.28
CA ILE A 45 -3.90 -4.38 7.77
C ILE A 45 -4.94 -3.48 7.09
N LYS A 46 -5.82 -4.12 6.30
CA LYS A 46 -6.90 -3.40 5.63
C LYS A 46 -7.81 -2.74 6.67
N ASN A 47 -7.95 -3.42 7.82
CA ASN A 47 -8.78 -2.93 8.91
C ASN A 47 -8.25 -1.58 9.37
N GLN A 48 -6.92 -1.49 9.51
CA GLN A 48 -6.31 -0.23 9.94
C GLN A 48 -6.63 0.87 8.95
N LEU A 49 -6.50 0.54 7.66
CA LEU A 49 -6.78 1.49 6.59
C LEU A 49 -8.25 1.90 6.58
N CYS A 50 -9.14 0.94 6.85
CA CYS A 50 -10.58 1.21 6.84
C CYS A 50 -10.95 2.36 7.77
N ASP A 51 -10.39 2.36 8.97
CA ASP A 51 -10.68 3.42 9.93
C ASP A 51 -10.27 4.76 9.36
N LEU A 52 -9.08 4.81 8.76
CA LEU A 52 -8.59 6.05 8.16
C LEU A 52 -9.51 6.48 7.00
N GLU A 53 -9.96 5.51 6.21
CA GLU A 53 -10.86 5.81 5.08
C GLU A 53 -12.13 6.50 5.58
N THR A 54 -12.61 6.04 6.74
CA THR A 54 -13.82 6.62 7.33
C THR A 54 -13.60 8.11 7.62
N LYS A 55 -12.35 8.45 8.01
CA LYS A 55 -12.00 9.85 8.27
C LYS A 55 -12.07 10.66 6.98
N LEU A 56 -11.61 10.03 5.87
CA LEU A 56 -11.63 10.70 4.57
C LEU A 56 -13.06 11.02 4.16
N ARG A 57 -13.95 10.07 4.45
CA ARG A 57 -15.36 10.24 4.10
C ARG A 57 -15.97 11.39 4.90
N LYS A 58 -15.64 11.46 6.19
CA LYS A 58 -16.15 12.54 7.05
C LYS A 58 -15.25 13.80 6.93
N GLU A 59 -14.25 13.76 6.02
CA GLU A 59 -13.33 14.88 5.83
C GLU A 59 -12.68 15.32 7.15
N GLU A 60 -12.58 14.37 8.08
CA GLU A 60 -11.96 14.62 9.39
C GLU A 60 -10.42 14.52 9.31
N LEU A 61 -9.93 13.80 8.29
CA LEU A 61 -8.49 13.62 8.10
C LEU A 61 -8.04 14.38 6.85
N SER A 62 -6.90 15.06 6.96
CA SER A 62 -6.35 15.83 5.84
C SER A 62 -5.99 14.88 4.72
N GLU A 63 -6.02 15.40 3.48
CA GLU A 63 -5.68 14.57 2.33
C GLU A 63 -4.26 14.02 2.52
N GLU A 64 -3.32 14.91 2.86
CA GLU A 64 -1.94 14.50 3.12
C GLU A 64 -1.85 13.61 4.36
N GLY A 65 -2.89 13.68 5.21
CA GLY A 65 -2.92 12.88 6.43
C GLY A 65 -2.95 11.40 6.09
N TYR A 66 -3.94 11.02 5.28
CA TYR A 66 -4.11 9.64 4.84
C TYR A 66 -2.90 9.24 3.98
N LEU A 67 -2.48 10.15 3.11
CA LEU A 67 -1.34 9.88 2.23
C LEU A 67 -0.07 9.62 3.03
N ALA A 68 0.13 10.39 4.10
CA ALA A 68 1.32 10.23 4.95
C ALA A 68 1.16 9.11 5.98
N LYS A 69 -0.08 8.90 6.45
CA LYS A 69 -0.38 7.85 7.42
C LYS A 69 -0.27 6.47 6.77
N VAL A 70 -0.83 6.36 5.56
CA VAL A 70 -0.82 5.09 4.82
C VAL A 70 0.59 4.50 4.77
N LYS A 71 1.58 5.34 4.46
CA LYS A 71 2.95 4.85 4.38
C LYS A 71 3.38 4.22 5.69
N SER A 72 3.17 4.94 6.81
CA SER A 72 3.56 4.46 8.13
C SER A 72 3.20 2.99 8.34
N LEU A 73 1.92 2.62 8.15
CA LEU A 73 1.51 1.23 8.34
C LEU A 73 2.34 0.29 7.47
N LEU A 74 2.56 0.67 6.21
CA LEU A 74 3.33 -0.17 5.29
C LEU A 74 4.75 -0.37 5.80
N ASN A 75 5.38 0.72 6.25
CA ASN A 75 6.75 0.66 6.76
C ASN A 75 6.81 -0.16 8.06
N LYS A 76 5.82 0.01 8.93
CA LYS A 76 5.76 -0.70 10.20
C LYS A 76 5.73 -2.20 9.99
N ASP A 77 4.98 -2.64 8.98
CA ASP A 77 4.86 -4.06 8.68
C ASP A 77 6.24 -4.68 8.45
N LEU A 78 7.07 -4.00 7.67
CA LEU A 78 8.41 -4.50 7.36
C LEU A 78 9.31 -4.45 8.60
N SER A 79 9.11 -3.43 9.45
CA SER A 79 9.93 -3.27 10.65
C SER A 79 9.63 -4.39 11.66
N LEU A 80 8.38 -4.85 11.69
CA LEU A 80 8.00 -5.93 12.61
C LEU A 80 8.76 -7.20 12.26
N GLU A 81 8.86 -7.47 10.95
CA GLU A 81 9.57 -8.66 10.47
C GLU A 81 11.06 -8.57 10.81
N GLY A 1 12.90 -20.99 4.57
CA GLY A 1 14.27 -21.56 4.46
C GLY A 1 15.33 -20.47 4.58
N HIS A 2 16.25 -20.36 3.61
CA HIS A 2 17.34 -19.38 3.67
C HIS A 2 16.98 -18.18 2.80
N MET A 3 15.68 -17.90 2.76
CA MET A 3 15.14 -16.81 1.96
C MET A 3 15.51 -17.03 0.48
N PRO A 4 14.78 -17.88 -0.28
CA PRO A 4 15.11 -18.14 -1.71
C PRO A 4 14.93 -16.90 -2.60
N ALA A 5 14.08 -15.99 -2.12
CA ALA A 5 13.80 -14.74 -2.84
C ALA A 5 12.88 -13.84 -2.01
N ILE A 6 13.50 -12.93 -1.25
CA ILE A 6 12.76 -11.98 -0.41
C ILE A 6 12.00 -10.99 -1.29
N SER A 7 12.66 -10.53 -2.35
CA SER A 7 12.06 -9.56 -3.28
C SER A 7 10.67 -10.01 -3.70
N LEU A 8 9.80 -9.03 -3.98
CA LEU A 8 8.42 -9.30 -4.37
C LEU A 8 8.34 -10.34 -5.51
N PRO A 9 7.19 -10.95 -5.74
CA PRO A 9 7.01 -11.95 -6.84
C PRO A 9 7.25 -11.34 -8.22
N ASP A 10 7.71 -12.16 -9.16
CA ASP A 10 8.00 -11.71 -10.52
C ASP A 10 6.75 -11.17 -11.21
N ASP A 11 5.59 -11.79 -10.97
CA ASP A 11 4.35 -11.32 -11.58
C ASP A 11 3.99 -9.94 -11.07
N VAL A 12 4.16 -9.73 -9.76
CA VAL A 12 3.86 -8.43 -9.15
C VAL A 12 4.81 -7.38 -9.72
N ARG A 13 6.11 -7.59 -9.51
CA ARG A 13 7.14 -6.66 -9.96
C ARG A 13 6.97 -6.25 -11.42
N ARG A 14 6.72 -7.23 -12.29
CA ARG A 14 6.55 -6.96 -13.71
C ARG A 14 5.40 -5.96 -13.94
N ARG A 15 4.30 -6.18 -13.23
CA ARG A 15 3.13 -5.32 -13.35
C ARG A 15 3.48 -3.88 -12.92
N LEU A 16 4.25 -3.75 -11.84
CA LEU A 16 4.67 -2.43 -11.34
C LEU A 16 5.50 -1.70 -12.39
N LYS A 17 6.37 -2.45 -13.09
CA LYS A 17 7.22 -1.86 -14.12
C LYS A 17 6.35 -1.21 -15.19
N ASP A 18 5.26 -1.88 -15.56
CA ASP A 18 4.32 -1.34 -16.55
C ASP A 18 3.73 -0.03 -16.04
N LEU A 19 3.35 -0.03 -14.75
CA LEU A 19 2.79 1.15 -14.11
C LEU A 19 3.81 2.28 -14.07
N GLU A 20 5.08 1.92 -13.84
CA GLU A 20 6.15 2.89 -13.77
C GLU A 20 6.26 3.70 -15.06
N ARG A 21 6.16 3.01 -16.21
CA ARG A 21 6.20 3.69 -17.52
C ARG A 21 4.92 4.50 -17.72
N ASP A 22 3.81 3.89 -17.33
CA ASP A 22 2.49 4.52 -17.48
C ASP A 22 2.41 5.81 -16.67
N SER A 23 3.08 5.83 -15.52
CA SER A 23 3.11 6.99 -14.63
C SER A 23 1.70 7.29 -14.10
N LEU A 24 1.54 7.05 -12.80
CA LEU A 24 0.28 7.31 -12.10
C LEU A 24 0.57 8.24 -10.95
N THR A 25 -0.34 9.14 -10.66
CA THR A 25 -0.15 10.09 -9.56
C THR A 25 -0.05 9.33 -8.26
N GLU A 26 0.28 10.03 -7.18
CA GLU A 26 0.41 9.41 -5.87
C GLU A 26 -0.95 8.85 -5.42
N LYS A 27 -2.03 9.58 -5.71
CA LYS A 27 -3.38 9.14 -5.34
C LYS A 27 -3.72 7.80 -6.02
N GLU A 28 -3.41 7.73 -7.32
CA GLU A 28 -3.68 6.52 -8.11
C GLU A 28 -2.67 5.41 -7.77
N CYS A 29 -1.44 5.81 -7.44
CA CYS A 29 -0.38 4.87 -7.11
C CYS A 29 -0.71 4.10 -5.84
N VAL A 30 -1.14 4.82 -4.80
CA VAL A 30 -1.47 4.20 -3.53
C VAL A 30 -2.60 3.18 -3.71
N LYS A 31 -3.62 3.56 -4.49
CA LYS A 31 -4.76 2.67 -4.73
C LYS A 31 -4.29 1.35 -5.38
N GLU A 32 -3.37 1.45 -6.34
CA GLU A 32 -2.84 0.26 -7.00
C GLU A 32 -1.96 -0.56 -6.04
N LYS A 33 -1.13 0.15 -5.27
CA LYS A 33 -0.24 -0.51 -4.31
C LYS A 33 -1.02 -1.27 -3.25
N LEU A 34 -2.11 -0.67 -2.77
CA LEU A 34 -2.91 -1.31 -1.72
C LEU A 34 -3.44 -2.67 -2.17
N ASN A 35 -4.15 -2.68 -3.31
CA ASN A 35 -4.74 -3.92 -3.83
C ASN A 35 -3.67 -4.96 -4.16
N LEU A 36 -2.56 -4.52 -4.76
CA LEU A 36 -1.48 -5.44 -5.11
C LEU A 36 -0.85 -6.01 -3.83
N LEU A 37 -0.36 -5.11 -2.98
CA LEU A 37 0.29 -5.50 -1.73
C LEU A 37 -0.62 -6.39 -0.87
N HIS A 38 -1.93 -6.44 -1.21
CA HIS A 38 -2.89 -7.25 -0.47
C HIS A 38 -2.40 -8.70 -0.33
N GLU A 39 -1.81 -9.21 -1.41
CA GLU A 39 -1.29 -10.57 -1.42
C GLU A 39 -0.28 -10.78 -0.29
N PHE A 40 0.41 -9.70 0.11
CA PHE A 40 1.39 -9.74 1.20
C PHE A 40 0.86 -9.03 2.46
N LEU A 41 -0.29 -8.35 2.34
CA LEU A 41 -0.89 -7.64 3.47
C LEU A 41 -2.09 -8.43 3.99
N GLN A 42 -2.34 -8.31 5.28
CA GLN A 42 -3.45 -9.00 5.91
C GLN A 42 -4.72 -8.15 5.82
N THR A 43 -5.90 -8.77 6.00
CA THR A 43 -7.17 -8.06 5.92
C THR A 43 -7.25 -6.99 7.01
N GLU A 44 -6.72 -7.28 8.20
CA GLU A 44 -6.72 -6.30 9.30
C GLU A 44 -6.07 -4.98 8.85
N ILE A 45 -5.29 -5.04 7.77
CA ILE A 45 -4.64 -3.84 7.22
C ILE A 45 -5.71 -2.95 6.59
N LYS A 46 -6.60 -3.57 5.81
CA LYS A 46 -7.70 -2.84 5.18
C LYS A 46 -8.59 -2.27 6.28
N ASN A 47 -8.80 -3.07 7.33
CA ASN A 47 -9.60 -2.66 8.48
C ASN A 47 -8.97 -1.47 9.17
N GLN A 48 -7.64 -1.52 9.32
CA GLN A 48 -6.91 -0.44 9.95
C GLN A 48 -7.07 0.84 9.13
N LEU A 49 -6.96 0.69 7.80
CA LEU A 49 -7.12 1.83 6.89
C LEU A 49 -8.53 2.39 6.98
N CYS A 50 -9.53 1.51 7.09
CA CYS A 50 -10.94 1.92 7.16
C CYS A 50 -11.14 3.00 8.22
N ASP A 51 -10.62 2.77 9.43
CA ASP A 51 -10.78 3.75 10.51
C ASP A 51 -10.28 5.11 10.06
N LEU A 52 -9.12 5.12 9.39
CA LEU A 52 -8.54 6.37 8.90
C LEU A 52 -9.49 7.01 7.87
N GLU A 53 -10.07 6.16 7.01
CA GLU A 53 -10.99 6.62 5.98
C GLU A 53 -12.21 7.30 6.62
N THR A 54 -12.58 6.85 7.82
CA THR A 54 -13.71 7.42 8.55
C THR A 54 -13.44 8.90 8.83
N LYS A 55 -12.18 9.21 9.13
CA LYS A 55 -11.78 10.60 9.37
C LYS A 55 -11.93 11.42 8.09
N LEU A 56 -11.55 10.81 6.96
CA LEU A 56 -11.67 11.47 5.65
C LEU A 56 -13.11 11.77 5.34
N ARG A 57 -13.97 10.83 5.71
CA ARG A 57 -15.39 10.94 5.47
C ARG A 57 -15.98 12.08 6.32
N LYS A 58 -15.56 12.19 7.58
CA LYS A 58 -16.05 13.26 8.46
C LYS A 58 -15.23 14.56 8.24
N GLU A 59 -14.33 14.56 7.25
CA GLU A 59 -13.49 15.72 6.95
C GLU A 59 -12.65 16.14 8.18
N GLU A 60 -12.31 15.16 9.02
CA GLU A 60 -11.50 15.41 10.22
C GLU A 60 -10.01 15.22 9.94
N LEU A 61 -9.69 14.40 8.94
CA LEU A 61 -8.31 14.12 8.55
C LEU A 61 -8.04 14.75 7.18
N SER A 62 -6.84 15.33 7.04
CA SER A 62 -6.44 15.96 5.80
C SER A 62 -6.08 14.88 4.77
N GLU A 63 -6.24 15.21 3.48
CA GLU A 63 -5.92 14.23 2.43
C GLU A 63 -4.47 13.79 2.60
N GLU A 64 -3.56 14.77 2.73
CA GLU A 64 -2.15 14.46 2.93
C GLU A 64 -1.94 13.63 4.20
N GLY A 65 -2.90 13.75 5.14
CA GLY A 65 -2.83 12.99 6.39
C GLY A 65 -2.95 11.50 6.10
N TYR A 66 -4.06 11.13 5.47
CA TYR A 66 -4.31 9.74 5.10
C TYR A 66 -3.25 9.26 4.11
N LEU A 67 -2.94 10.13 3.14
CA LEU A 67 -1.96 9.80 2.11
C LEU A 67 -0.58 9.55 2.74
N ALA A 68 -0.24 10.35 3.76
CA ALA A 68 1.06 10.22 4.44
C ALA A 68 1.03 9.11 5.51
N LYS A 69 -0.15 8.88 6.11
CA LYS A 69 -0.32 7.82 7.11
C LYS A 69 -0.27 6.44 6.46
N VAL A 70 -0.92 6.33 5.31
CA VAL A 70 -1.01 5.06 4.58
C VAL A 70 0.39 4.50 4.32
N LYS A 71 1.30 5.34 3.81
CA LYS A 71 2.66 4.89 3.52
C LYS A 71 3.27 4.18 4.73
N SER A 72 3.31 4.88 5.86
CA SER A 72 3.91 4.33 7.08
C SER A 72 3.45 2.89 7.35
N LEU A 73 2.14 2.65 7.29
CA LEU A 73 1.61 1.31 7.54
C LEU A 73 2.22 0.29 6.57
N LEU A 74 2.27 0.64 5.28
CA LEU A 74 2.80 -0.29 4.27
C LEU A 74 4.25 -0.65 4.61
N ASN A 75 5.05 0.35 4.94
CA ASN A 75 6.46 0.15 5.29
C ASN A 75 6.59 -0.59 6.62
N LYS A 76 5.69 -0.29 7.56
CA LYS A 76 5.69 -0.89 8.88
C LYS A 76 5.51 -2.41 8.79
N ASP A 77 4.62 -2.85 7.90
CA ASP A 77 4.36 -4.28 7.73
C ASP A 77 5.65 -5.01 7.37
N LEU A 78 6.40 -4.46 6.41
CA LEU A 78 7.65 -5.08 5.98
C LEU A 78 8.74 -4.95 7.05
N SER A 79 8.70 -3.84 7.80
CA SER A 79 9.70 -3.59 8.85
C SER A 79 9.70 -4.72 9.87
N LEU A 80 8.54 -5.31 10.14
CA LEU A 80 8.44 -6.42 11.08
C LEU A 80 9.25 -7.61 10.59
N GLU A 81 9.15 -7.87 9.28
CA GLU A 81 9.86 -8.99 8.66
C GLU A 81 10.64 -8.50 7.43
N GLY A 1 23.18 -13.63 -6.65
CA GLY A 1 21.88 -13.24 -6.03
C GLY A 1 21.34 -14.26 -5.03
N HIS A 2 21.39 -13.81 -3.74
CA HIS A 2 20.91 -14.66 -2.64
C HIS A 2 19.43 -14.88 -2.87
N MET A 3 18.72 -13.78 -3.21
CA MET A 3 17.28 -13.85 -3.49
C MET A 3 16.55 -14.49 -2.30
N PRO A 4 16.27 -13.73 -1.23
CA PRO A 4 15.57 -14.28 -0.03
C PRO A 4 14.12 -14.62 -0.31
N ALA A 5 13.61 -15.67 0.36
CA ALA A 5 12.22 -16.07 0.17
C ALA A 5 11.27 -14.96 0.63
N ILE A 6 11.69 -14.26 1.68
CA ILE A 6 10.93 -13.16 2.24
C ILE A 6 11.04 -11.90 1.37
N SER A 7 10.39 -11.97 0.22
CA SER A 7 10.37 -10.87 -0.73
C SER A 7 9.14 -10.98 -1.62
N LEU A 8 8.59 -9.83 -2.03
CA LEU A 8 7.38 -9.80 -2.86
C LEU A 8 7.46 -10.79 -4.03
N PRO A 9 6.32 -11.31 -4.51
CA PRO A 9 6.31 -12.26 -5.67
C PRO A 9 6.80 -11.59 -6.95
N ASP A 10 7.40 -12.39 -7.84
CA ASP A 10 7.92 -11.87 -9.10
C ASP A 10 6.79 -11.34 -9.99
N ASP A 11 5.62 -11.98 -9.94
CA ASP A 11 4.49 -11.52 -10.75
C ASP A 11 4.02 -10.14 -10.30
N VAL A 12 3.99 -9.92 -8.98
CA VAL A 12 3.57 -8.63 -8.43
C VAL A 12 4.59 -7.55 -8.83
N ARG A 13 5.86 -7.82 -8.52
CA ARG A 13 6.94 -6.89 -8.80
C ARG A 13 6.92 -6.40 -10.25
N ARG A 14 6.68 -7.32 -11.19
CA ARG A 14 6.63 -6.94 -12.61
C ARG A 14 5.56 -5.88 -12.87
N ARG A 15 4.41 -6.07 -12.23
CA ARG A 15 3.27 -5.13 -12.38
C ARG A 15 3.68 -3.73 -11.92
N LEU A 16 4.41 -3.65 -10.82
CA LEU A 16 4.88 -2.35 -10.29
C LEU A 16 5.77 -1.65 -11.30
N LYS A 17 6.61 -2.43 -11.99
CA LYS A 17 7.51 -1.88 -13.00
C LYS A 17 6.72 -1.19 -14.10
N ASP A 18 5.57 -1.79 -14.47
CA ASP A 18 4.71 -1.21 -15.49
C ASP A 18 4.17 0.13 -15.01
N LEU A 19 3.81 0.20 -13.72
CA LEU A 19 3.30 1.42 -13.12
C LEU A 19 4.35 2.52 -13.19
N GLU A 20 5.62 2.14 -12.96
CA GLU A 20 6.72 3.10 -12.99
C GLU A 20 6.83 3.77 -14.36
N ARG A 21 6.63 2.97 -15.42
CA ARG A 21 6.69 3.49 -16.79
C ARG A 21 5.46 4.37 -17.07
N ASP A 22 4.30 3.85 -16.65
CA ASP A 22 3.03 4.53 -16.85
C ASP A 22 3.02 5.88 -16.13
N SER A 23 3.69 5.93 -14.97
CA SER A 23 3.76 7.15 -14.16
C SER A 23 2.38 7.56 -13.66
N LEU A 24 2.15 7.31 -12.37
CA LEU A 24 0.91 7.65 -11.71
C LEU A 24 1.26 8.50 -10.49
N THR A 25 0.39 9.44 -10.16
CA THR A 25 0.61 10.30 -9.00
C THR A 25 0.64 9.45 -7.75
N GLU A 26 1.03 10.05 -6.63
CA GLU A 26 1.10 9.35 -5.35
C GLU A 26 -0.31 8.91 -4.92
N LYS A 27 -1.31 9.76 -5.17
CA LYS A 27 -2.69 9.46 -4.80
C LYS A 27 -3.16 8.20 -5.54
N GLU A 28 -2.85 8.13 -6.83
CA GLU A 28 -3.23 7.00 -7.68
C GLU A 28 -2.33 5.78 -7.41
N CYS A 29 -1.06 6.05 -7.11
CA CYS A 29 -0.09 5.00 -6.86
C CYS A 29 -0.46 4.21 -5.60
N VAL A 30 -0.78 4.92 -4.52
CA VAL A 30 -1.15 4.27 -3.27
C VAL A 30 -2.41 3.41 -3.46
N LYS A 31 -3.40 3.95 -4.18
CA LYS A 31 -4.65 3.21 -4.42
C LYS A 31 -4.37 1.88 -5.14
N GLU A 32 -3.49 1.92 -6.15
CA GLU A 32 -3.15 0.71 -6.90
C GLU A 32 -2.32 -0.25 -6.06
N LYS A 33 -1.32 0.30 -5.36
CA LYS A 33 -0.43 -0.51 -4.51
C LYS A 33 -1.21 -1.20 -3.39
N LEU A 34 -2.19 -0.48 -2.83
CA LEU A 34 -2.98 -1.03 -1.72
C LEU A 34 -3.66 -2.34 -2.12
N ASN A 35 -4.40 -2.31 -3.23
CA ASN A 35 -5.13 -3.50 -3.68
C ASN A 35 -4.17 -4.65 -4.03
N LEU A 36 -3.06 -4.34 -4.68
CA LEU A 36 -2.10 -5.38 -5.05
C LEU A 36 -1.57 -6.06 -3.79
N LEU A 37 -1.02 -5.27 -2.88
CA LEU A 37 -0.48 -5.78 -1.62
C LEU A 37 -1.57 -6.46 -0.79
N HIS A 38 -2.77 -5.89 -0.82
CA HIS A 38 -3.91 -6.42 -0.06
C HIS A 38 -4.13 -7.89 -0.40
N GLU A 39 -4.02 -8.23 -1.69
CA GLU A 39 -4.19 -9.63 -2.13
C GLU A 39 -3.24 -10.58 -1.39
N PHE A 40 -2.20 -10.01 -0.75
CA PHE A 40 -1.23 -10.80 0.01
C PHE A 40 -1.32 -10.48 1.51
N LEU A 41 -1.80 -9.27 1.84
CA LEU A 41 -1.95 -8.85 3.23
C LEU A 41 -3.25 -9.40 3.79
N GLN A 42 -3.30 -9.59 5.10
CA GLN A 42 -4.49 -10.09 5.77
C GLN A 42 -5.60 -9.04 5.73
N THR A 43 -6.86 -9.48 5.72
CA THR A 43 -8.00 -8.55 5.66
C THR A 43 -8.01 -7.59 6.85
N GLU A 44 -7.53 -8.07 8.01
CA GLU A 44 -7.45 -7.23 9.21
C GLU A 44 -6.68 -5.94 8.91
N ILE A 45 -5.89 -5.95 7.83
CA ILE A 45 -5.14 -4.76 7.43
C ILE A 45 -6.09 -3.74 6.81
N LYS A 46 -7.01 -4.24 5.96
CA LYS A 46 -8.01 -3.38 5.33
C LYS A 46 -8.87 -2.74 6.42
N ASN A 47 -9.09 -3.49 7.50
CA ASN A 47 -9.87 -3.00 8.63
C ASN A 47 -9.22 -1.76 9.22
N GLN A 48 -7.88 -1.79 9.35
CA GLN A 48 -7.15 -0.63 9.89
C GLN A 48 -7.35 0.56 8.97
N LEU A 49 -7.28 0.32 7.66
CA LEU A 49 -7.46 1.37 6.66
C LEU A 49 -8.85 1.96 6.72
N CYS A 50 -9.85 1.09 6.97
CA CYS A 50 -11.24 1.53 7.02
C CYS A 50 -11.44 2.65 8.03
N ASP A 51 -10.83 2.52 9.22
CA ASP A 51 -10.96 3.55 10.25
C ASP A 51 -10.44 4.88 9.74
N LEU A 52 -9.28 4.84 9.08
CA LEU A 52 -8.68 6.06 8.54
C LEU A 52 -9.60 6.66 7.46
N GLU A 53 -10.20 5.78 6.65
CA GLU A 53 -11.11 6.21 5.59
C GLU A 53 -12.27 7.01 6.19
N THR A 54 -12.70 6.61 7.39
CA THR A 54 -13.78 7.31 8.09
C THR A 54 -13.40 8.77 8.34
N LYS A 55 -12.11 9.00 8.58
CA LYS A 55 -11.61 10.36 8.79
C LYS A 55 -11.72 11.16 7.49
N LEU A 56 -11.36 10.52 6.38
CA LEU A 56 -11.43 11.16 5.05
C LEU A 56 -12.86 11.54 4.74
N ARG A 57 -13.78 10.65 5.09
CA ARG A 57 -15.19 10.86 4.84
C ARG A 57 -15.73 11.98 5.71
N LYS A 58 -15.27 12.04 6.97
CA LYS A 58 -15.71 13.11 7.88
C LYS A 58 -14.78 14.34 7.75
N GLU A 59 -13.84 14.32 6.78
CA GLU A 59 -12.90 15.42 6.56
C GLU A 59 -12.13 15.77 7.85
N GLU A 60 -11.98 14.78 8.72
CA GLU A 60 -11.26 14.96 9.99
C GLU A 60 -9.74 14.81 9.78
N LEU A 61 -9.34 14.05 8.75
CA LEU A 61 -7.93 13.83 8.44
C LEU A 61 -7.58 14.53 7.13
N SER A 62 -6.36 15.07 7.06
CA SER A 62 -5.90 15.76 5.87
C SER A 62 -5.63 14.73 4.78
N GLU A 63 -5.74 15.15 3.52
CA GLU A 63 -5.47 14.23 2.41
C GLU A 63 -4.05 13.69 2.55
N GLU A 64 -3.08 14.60 2.71
CA GLU A 64 -1.68 14.20 2.90
C GLU A 64 -1.52 13.33 4.15
N GLY A 65 -2.47 13.48 5.09
CA GLY A 65 -2.44 12.70 6.33
C GLY A 65 -2.62 11.22 6.01
N TYR A 66 -3.72 10.91 5.34
CA TYR A 66 -4.04 9.55 4.92
C TYR A 66 -2.96 9.04 3.95
N LEU A 67 -2.59 9.91 3.02
CA LEU A 67 -1.58 9.56 2.00
C LEU A 67 -0.24 9.23 2.67
N ALA A 68 0.13 9.99 3.69
CA ALA A 68 1.40 9.79 4.40
C ALA A 68 1.30 8.68 5.46
N LYS A 69 0.11 8.53 6.06
CA LYS A 69 -0.12 7.49 7.07
C LYS A 69 -0.13 6.11 6.42
N VAL A 70 -0.83 6.02 5.28
CA VAL A 70 -0.96 4.77 4.55
C VAL A 70 0.42 4.22 4.16
N LYS A 71 1.26 5.08 3.57
CA LYS A 71 2.59 4.66 3.13
C LYS A 71 3.33 3.90 4.23
N SER A 72 3.57 4.56 5.36
CA SER A 72 4.29 3.95 6.47
C SER A 72 3.72 2.57 6.85
N LEU A 73 2.39 2.45 6.92
CA LEU A 73 1.77 1.18 7.28
C LEU A 73 2.21 0.08 6.31
N LEU A 74 2.19 0.37 5.00
CA LEU A 74 2.56 -0.64 3.99
C LEU A 74 3.87 -1.33 4.37
N ASN A 75 4.90 -0.53 4.67
CA ASN A 75 6.21 -1.07 5.05
C ASN A 75 6.13 -1.83 6.38
N LYS A 76 5.37 -1.29 7.33
CA LYS A 76 5.23 -1.90 8.65
C LYS A 76 4.62 -3.30 8.53
N ASP A 77 3.61 -3.43 7.68
CA ASP A 77 2.93 -4.72 7.47
C ASP A 77 3.90 -5.74 6.90
N LEU A 78 4.80 -5.28 6.02
CA LEU A 78 5.78 -6.19 5.40
C LEU A 78 7.02 -6.37 6.29
N SER A 79 7.13 -5.59 7.38
CA SER A 79 8.26 -5.70 8.28
C SER A 79 8.04 -6.83 9.28
N LEU A 80 9.01 -7.76 9.33
CA LEU A 80 8.94 -8.90 10.22
C LEU A 80 8.99 -8.42 11.68
N GLU A 81 9.88 -7.45 11.95
CA GLU A 81 10.03 -6.89 13.29
C GLU A 81 9.55 -5.44 13.32
N GLY A 1 13.64 -23.30 -5.74
CA GLY A 1 13.61 -21.87 -5.31
C GLY A 1 14.31 -20.94 -6.33
N HIS A 2 14.78 -19.81 -5.81
CA HIS A 2 15.49 -18.81 -6.62
C HIS A 2 16.91 -18.65 -6.09
N MET A 3 17.86 -18.58 -7.01
CA MET A 3 19.27 -18.41 -6.64
C MET A 3 19.47 -17.00 -6.06
N PRO A 4 19.15 -15.94 -6.80
CA PRO A 4 19.33 -14.53 -6.30
C PRO A 4 18.34 -14.16 -5.22
N ALA A 5 17.28 -14.96 -5.10
CA ALA A 5 16.23 -14.75 -4.11
C ALA A 5 15.45 -13.47 -4.40
N ILE A 6 14.40 -13.62 -5.21
CA ILE A 6 13.56 -12.49 -5.58
C ILE A 6 12.26 -12.53 -4.79
N SER A 7 11.94 -11.40 -4.17
CA SER A 7 10.73 -11.26 -3.38
C SER A 7 9.53 -10.99 -4.28
N LEU A 8 8.34 -11.17 -3.74
CA LEU A 8 7.09 -10.94 -4.48
C LEU A 8 6.99 -11.86 -5.71
N PRO A 9 5.79 -12.19 -6.19
CA PRO A 9 5.61 -13.05 -7.40
C PRO A 9 6.14 -12.36 -8.67
N ASP A 10 6.63 -13.16 -9.61
CA ASP A 10 7.16 -12.62 -10.87
C ASP A 10 6.07 -11.91 -11.67
N ASP A 11 4.85 -12.46 -11.66
CA ASP A 11 3.74 -11.85 -12.41
C ASP A 11 3.45 -10.46 -11.86
N VAL A 12 3.53 -10.31 -10.53
CA VAL A 12 3.28 -9.01 -9.90
C VAL A 12 4.39 -8.03 -10.29
N ARG A 13 5.63 -8.41 -9.96
CA ARG A 13 6.81 -7.57 -10.23
C ARG A 13 6.75 -6.90 -11.61
N ARG A 14 6.44 -7.68 -12.65
CA ARG A 14 6.38 -7.14 -14.02
C ARG A 14 5.33 -6.04 -14.11
N ARG A 15 4.18 -6.27 -13.48
CA ARG A 15 3.09 -5.32 -13.49
C ARG A 15 3.53 -3.98 -12.88
N LEU A 16 4.27 -4.03 -11.77
CA LEU A 16 4.77 -2.82 -11.12
C LEU A 16 5.70 -2.05 -12.05
N LYS A 17 6.53 -2.78 -12.80
CA LYS A 17 7.46 -2.15 -13.74
C LYS A 17 6.69 -1.37 -14.79
N ASP A 18 5.57 -1.94 -15.25
CA ASP A 18 4.73 -1.28 -16.24
C ASP A 18 4.19 0.03 -15.66
N LEU A 19 3.76 -0.04 -14.39
CA LEU A 19 3.22 1.13 -13.70
C LEU A 19 4.29 2.21 -13.58
N GLU A 20 5.52 1.78 -13.30
CA GLU A 20 6.64 2.69 -13.14
C GLU A 20 6.85 3.51 -14.43
N ARG A 21 6.76 2.85 -15.59
CA ARG A 21 6.91 3.54 -16.87
C ARG A 21 5.69 4.45 -17.11
N ASP A 22 4.52 3.90 -16.80
CA ASP A 22 3.27 4.64 -16.97
C ASP A 22 3.22 5.87 -16.04
N SER A 23 4.09 5.88 -15.02
CA SER A 23 4.16 6.98 -14.06
C SER A 23 2.85 7.11 -13.28
N LEU A 24 2.98 7.02 -11.97
CA LEU A 24 1.85 7.15 -11.06
C LEU A 24 2.18 8.22 -10.02
N THR A 25 1.21 9.06 -9.72
CA THR A 25 1.41 10.11 -8.72
C THR A 25 1.44 9.49 -7.33
N GLU A 26 1.75 10.29 -6.31
CA GLU A 26 1.80 9.78 -4.94
C GLU A 26 0.44 9.23 -4.52
N LYS A 27 -0.62 9.97 -4.84
CA LYS A 27 -1.98 9.57 -4.51
C LYS A 27 -2.34 8.27 -5.21
N GLU A 28 -1.94 8.15 -6.48
CA GLU A 28 -2.19 6.95 -7.28
C GLU A 28 -1.30 5.79 -6.82
N CYS A 29 -0.11 6.14 -6.35
CA CYS A 29 0.86 5.15 -5.90
C CYS A 29 0.36 4.42 -4.66
N VAL A 30 -0.15 5.19 -3.68
CA VAL A 30 -0.66 4.60 -2.44
C VAL A 30 -1.90 3.73 -2.73
N LYS A 31 -2.81 4.24 -3.55
CA LYS A 31 -4.04 3.50 -3.88
C LYS A 31 -3.72 2.19 -4.60
N GLU A 32 -2.81 2.24 -5.58
CA GLU A 32 -2.44 1.04 -6.32
C GLU A 32 -1.60 0.10 -5.46
N LYS A 33 -0.60 0.65 -4.78
CA LYS A 33 0.29 -0.14 -3.92
C LYS A 33 -0.48 -0.82 -2.80
N LEU A 34 -1.44 -0.09 -2.20
CA LEU A 34 -2.21 -0.63 -1.09
C LEU A 34 -2.90 -1.94 -1.48
N ASN A 35 -3.65 -1.93 -2.58
CA ASN A 35 -4.36 -3.12 -3.04
C ASN A 35 -3.40 -4.26 -3.41
N LEU A 36 -2.30 -3.93 -4.09
CA LEU A 36 -1.33 -4.96 -4.48
C LEU A 36 -0.77 -5.63 -3.22
N LEU A 37 -0.22 -4.82 -2.32
CA LEU A 37 0.36 -5.33 -1.08
C LEU A 37 -0.72 -6.01 -0.22
N HIS A 38 -1.95 -5.49 -0.29
CA HIS A 38 -3.06 -6.04 0.49
C HIS A 38 -3.19 -7.54 0.22
N GLU A 39 -3.03 -7.94 -1.04
CA GLU A 39 -3.13 -9.35 -1.43
C GLU A 39 -2.13 -10.22 -0.63
N PHE A 40 -1.13 -9.57 -0.03
CA PHE A 40 -0.11 -10.25 0.77
C PHE A 40 -0.25 -9.90 2.26
N LEU A 41 -1.05 -8.86 2.57
CA LEU A 41 -1.26 -8.44 3.95
C LEU A 41 -2.55 -9.04 4.49
N GLN A 42 -2.69 -9.05 5.81
CA GLN A 42 -3.89 -9.58 6.45
C GLN A 42 -5.07 -8.63 6.24
N THR A 43 -6.28 -9.17 6.26
CA THR A 43 -7.49 -8.37 6.06
C THR A 43 -7.64 -7.33 7.19
N GLU A 44 -7.23 -7.70 8.42
CA GLU A 44 -7.31 -6.77 9.55
C GLU A 44 -6.60 -5.45 9.22
N ILE A 45 -5.71 -5.49 8.22
CA ILE A 45 -4.99 -4.29 7.77
C ILE A 45 -5.98 -3.38 7.03
N LYS A 46 -6.79 -4.00 6.17
CA LYS A 46 -7.82 -3.25 5.43
C LYS A 46 -8.80 -2.63 6.42
N ASN A 47 -9.08 -3.39 7.50
CA ASN A 47 -9.99 -2.92 8.54
C ASN A 47 -9.44 -1.66 9.20
N GLN A 48 -8.13 -1.66 9.47
CA GLN A 48 -7.48 -0.50 10.08
C GLN A 48 -7.59 0.71 9.16
N LEU A 49 -7.26 0.47 7.89
CA LEU A 49 -7.33 1.53 6.87
C LEU A 49 -8.76 2.00 6.65
N CYS A 50 -9.71 1.06 6.76
CA CYS A 50 -11.12 1.38 6.54
C CYS A 50 -11.59 2.49 7.47
N ASP A 51 -11.20 2.41 8.74
CA ASP A 51 -11.60 3.43 9.72
C ASP A 51 -11.13 4.81 9.27
N LEU A 52 -9.89 4.87 8.76
CA LEU A 52 -9.32 6.12 8.28
C LEU A 52 -10.15 6.66 7.10
N GLU A 53 -10.57 5.74 6.22
CA GLU A 53 -11.37 6.13 5.05
C GLU A 53 -12.63 6.86 5.51
N THR A 54 -13.18 6.43 6.63
CA THR A 54 -14.38 7.03 7.20
C THR A 54 -14.13 8.52 7.48
N LYS A 55 -12.91 8.83 7.96
CA LYS A 55 -12.54 10.21 8.25
C LYS A 55 -12.52 11.02 6.94
N LEU A 56 -12.01 10.39 5.87
CA LEU A 56 -11.94 11.04 4.56
C LEU A 56 -13.34 11.32 4.05
N ARG A 57 -14.24 10.37 4.32
CA ARG A 57 -15.62 10.46 3.91
C ARG A 57 -16.32 11.62 4.64
N LYS A 58 -16.06 11.76 5.95
CA LYS A 58 -16.66 12.86 6.73
C LYS A 58 -15.79 14.13 6.63
N GLU A 59 -14.74 14.09 5.78
CA GLU A 59 -13.84 15.22 5.61
C GLU A 59 -13.22 15.67 6.95
N GLU A 60 -13.11 14.72 7.88
CA GLU A 60 -12.53 15.00 9.20
C GLU A 60 -11.00 14.89 9.17
N LEU A 61 -10.49 14.09 8.23
CA LEU A 61 -9.04 13.89 8.07
C LEU A 61 -8.58 14.55 6.78
N SER A 62 -7.40 15.16 6.84
CA SER A 62 -6.82 15.83 5.68
C SER A 62 -6.31 14.80 4.71
N GLU A 63 -6.25 15.14 3.43
CA GLU A 63 -5.74 14.21 2.43
C GLU A 63 -4.33 13.78 2.81
N GLU A 64 -3.45 14.75 3.07
CA GLU A 64 -2.08 14.46 3.48
C GLU A 64 -2.08 13.65 4.77
N GLY A 65 -3.16 13.77 5.55
CA GLY A 65 -3.29 13.04 6.81
C GLY A 65 -3.33 11.54 6.53
N TYR A 66 -4.29 11.15 5.71
CA TYR A 66 -4.46 9.74 5.31
C TYR A 66 -3.22 9.27 4.53
N LEU A 67 -2.75 10.14 3.64
CA LEU A 67 -1.58 9.82 2.82
C LEU A 67 -0.34 9.60 3.68
N ALA A 68 -0.19 10.40 4.72
CA ALA A 68 0.97 10.29 5.62
C ALA A 68 0.74 9.22 6.70
N LYS A 69 -0.52 9.03 7.09
CA LYS A 69 -0.86 8.00 8.08
C LYS A 69 -0.69 6.60 7.49
N VAL A 70 -1.17 6.44 6.25
CA VAL A 70 -1.11 5.16 5.55
C VAL A 70 0.31 4.59 5.58
N LYS A 71 1.29 5.40 5.22
CA LYS A 71 2.68 4.95 5.19
C LYS A 71 3.07 4.35 6.55
N SER A 72 2.85 5.11 7.62
CA SER A 72 3.22 4.66 8.97
C SER A 72 2.77 3.21 9.24
N LEU A 73 1.48 2.91 9.03
CA LEU A 73 0.96 1.57 9.27
C LEU A 73 1.75 0.53 8.45
N LEU A 74 2.03 0.85 7.18
CA LEU A 74 2.76 -0.07 6.31
C LEU A 74 4.12 -0.41 6.91
N ASN A 75 4.81 0.63 7.38
CA ASN A 75 6.14 0.44 7.99
C ASN A 75 6.03 -0.36 9.29
N LYS A 76 4.97 -0.13 10.06
CA LYS A 76 4.75 -0.83 11.32
C LYS A 76 4.56 -2.33 11.11
N ASP A 77 3.84 -2.69 10.05
CA ASP A 77 3.57 -4.10 9.75
C ASP A 77 4.88 -4.83 9.45
N LEU A 78 5.80 -4.16 8.76
CA LEU A 78 7.09 -4.78 8.41
C LEU A 78 8.15 -4.54 9.50
N SER A 79 7.79 -3.81 10.57
CA SER A 79 8.72 -3.53 11.67
C SER A 79 8.34 -4.35 12.90
N LEU A 80 9.35 -4.95 13.52
CA LEU A 80 9.17 -5.78 14.70
C LEU A 80 9.97 -5.19 15.86
N GLU A 81 9.27 -4.99 16.96
CA GLU A 81 9.88 -4.44 18.18
C GLU A 81 10.56 -3.10 17.87
#